data_4XYP
# 
_entry.id   4XYP 
# 
_audit_conform.dict_name       mmcif_pdbx.dic 
_audit_conform.dict_version    5.387 
_audit_conform.dict_location   http://mmcif.pdb.org/dictionaries/ascii/mmcif_pdbx.dic 
# 
loop_
_database_2.database_id 
_database_2.database_code 
_database_2.pdbx_database_accession 
_database_2.pdbx_DOI 
PDB   4XYP         pdb_00004xyp 10.2210/pdb4xyp/pdb 
WWPDB D_1000206522 ?            ?                   
# 
loop_
_pdbx_audit_revision_history.ordinal 
_pdbx_audit_revision_history.data_content_type 
_pdbx_audit_revision_history.major_revision 
_pdbx_audit_revision_history.minor_revision 
_pdbx_audit_revision_history.revision_date 
1 'Structure model' 1 0 2015-06-24 
2 'Structure model' 1 1 2015-07-01 
3 'Structure model' 1 2 2015-08-05 
4 'Structure model' 1 3 2017-09-06 
5 'Structure model' 1 4 2020-01-08 
6 'Structure model' 1 5 2024-02-28 
# 
_pdbx_audit_revision_details.ordinal             1 
_pdbx_audit_revision_details.revision_ordinal    1 
_pdbx_audit_revision_details.data_content_type   'Structure model' 
_pdbx_audit_revision_details.provider            repository 
_pdbx_audit_revision_details.type                'Initial release' 
_pdbx_audit_revision_details.description         ? 
_pdbx_audit_revision_details.details             ? 
# 
loop_
_pdbx_audit_revision_group.ordinal 
_pdbx_audit_revision_group.revision_ordinal 
_pdbx_audit_revision_group.data_content_type 
_pdbx_audit_revision_group.group 
1 2 'Structure model' 'Database references'        
2 3 'Structure model' 'Database references'        
3 3 'Structure model' Other                        
4 4 'Structure model' 'Author supporting evidence' 
5 4 'Structure model' 'Derived calculations'       
6 5 'Structure model' 'Author supporting evidence' 
7 6 'Structure model' 'Data collection'            
8 6 'Structure model' 'Database references'        
# 
loop_
_pdbx_audit_revision_category.ordinal 
_pdbx_audit_revision_category.revision_ordinal 
_pdbx_audit_revision_category.data_content_type 
_pdbx_audit_revision_category.category 
1 4 'Structure model' pdbx_audit_support    
2 4 'Structure model' pdbx_struct_oper_list 
3 5 'Structure model' pdbx_audit_support    
4 6 'Structure model' chem_comp_atom        
5 6 'Structure model' chem_comp_bond        
6 6 'Structure model' database_2            
# 
loop_
_pdbx_audit_revision_item.ordinal 
_pdbx_audit_revision_item.revision_ordinal 
_pdbx_audit_revision_item.data_content_type 
_pdbx_audit_revision_item.item 
1 4 'Structure model' '_pdbx_audit_support.funding_organization'  
2 4 'Structure model' '_pdbx_struct_oper_list.symmetry_operation' 
3 5 'Structure model' '_pdbx_audit_support.funding_organization'  
4 6 'Structure model' '_database_2.pdbx_DOI'                      
5 6 'Structure model' '_database_2.pdbx_database_accession'       
# 
_pdbx_database_status.status_code                     REL 
_pdbx_database_status.status_code_sf                  REL 
_pdbx_database_status.status_code_mr                  ? 
_pdbx_database_status.entry_id                        4XYP 
_pdbx_database_status.recvd_initial_deposition_date   2015-02-02 
_pdbx_database_status.SG_entry                        N 
_pdbx_database_status.deposit_site                    RCSB 
_pdbx_database_status.process_site                    RCSB 
_pdbx_database_status.status_code_cs                  ? 
_pdbx_database_status.methods_development_category    ? 
_pdbx_database_status.pdb_format_compatible           Y 
_pdbx_database_status.status_code_nmr_data            ? 
# 
loop_
_audit_author.name 
_audit_author.pdbx_ordinal 
'Cook, J.D.' 1 
'Lee, J.E.'  2 
# 
_citation.abstract                  ? 
_citation.abstract_id_CAS           ? 
_citation.book_id_ISBN              ? 
_citation.book_publisher            ? 
_citation.book_publisher_city       ? 
_citation.book_title                ? 
_citation.coordinate_linkage        ? 
_citation.country                   US 
_citation.database_id_Medline       ? 
_citation.details                   ? 
_citation.id                        primary 
_citation.journal_abbrev            J.Biol.Chem. 
_citation.journal_id_ASTM           JBCHA3 
_citation.journal_id_CSD            0071 
_citation.journal_id_ISSN           1083-351X 
_citation.journal_full              ? 
_citation.journal_issue             ? 
_citation.journal_volume            290 
_citation.language                  ? 
_citation.page_first                18495 
_citation.page_last                 18504 
_citation.title                     
;Electrostatic Architecture of the Infectious Salmon Anemia Virus (ISAV) Core Fusion Protein Illustrates a Carboxyl-Carboxylate pH Sensor.
;
_citation.year                      2015 
_citation.database_id_CSD           ? 
_citation.pdbx_database_id_DOI      10.1074/jbc.M115.644781 
_citation.pdbx_database_id_PubMed   26082488 
_citation.unpublished_flag          ? 
# 
loop_
_citation_author.citation_id 
_citation_author.name 
_citation_author.ordinal 
_citation_author.identifier_ORCID 
primary 'Cook, J.D.'       1 ? 
primary 'Soto-Montoya, H.' 2 ? 
primary 'Korpela, M.K.'    3 ? 
primary 'Lee, J.E.'        4 ? 
# 
loop_
_entity.id 
_entity.type 
_entity.src_method 
_entity.pdbx_description 
_entity.formula_weight 
_entity.pdbx_number_of_molecules 
_entity.pdbx_ec 
_entity.pdbx_mutation 
_entity.pdbx_fragment 
_entity.details 
1 polymer     man 'Fusion protein'                           7912.075 1 ? ? 'UNP residues 156-225' ? 
2 non-polymer syn '3,7-BIS(DIMETHYLAMINO)PHENOTHIAZIN-5-IUM' 284.399  1 ? ? ?                      ? 
3 non-polymer syn 'CHLORIDE ION'                             35.453   2 ? ? ?                      ? 
4 water       nat water                                      18.015   6 ? ? ?                      ? 
# 
_entity_poly.entity_id                      1 
_entity_poly.type                           'polypeptide(L)' 
_entity_poly.nstd_linkage                   no 
_entity_poly.nstd_monomer                   no 
_entity_poly.pdbx_seq_one_letter_code       VKEKLNGIIDQINKVNLLLEGEIEAVRRIAYMNQASSLQNQVEIGLIGEYLNISSWLETKTLTKTEEGLM 
_entity_poly.pdbx_seq_one_letter_code_can   VKEKLNGIIDQINKVNLLLEGEIEAVRRIAYMNQASSLQNQVEIGLIGEYLNISSWLETKTLTKTEEGLM 
_entity_poly.pdbx_strand_id                 A 
_entity_poly.pdbx_target_identifier         ? 
# 
loop_
_pdbx_entity_nonpoly.entity_id 
_pdbx_entity_nonpoly.name 
_pdbx_entity_nonpoly.comp_id 
2 '3,7-BIS(DIMETHYLAMINO)PHENOTHIAZIN-5-IUM' MBT 
3 'CHLORIDE ION'                             CL  
4 water                                      HOH 
# 
loop_
_entity_poly_seq.entity_id 
_entity_poly_seq.num 
_entity_poly_seq.mon_id 
_entity_poly_seq.hetero 
1 1  VAL n 
1 2  LYS n 
1 3  GLU n 
1 4  LYS n 
1 5  LEU n 
1 6  ASN n 
1 7  GLY n 
1 8  ILE n 
1 9  ILE n 
1 10 ASP n 
1 11 GLN n 
1 12 ILE n 
1 13 ASN n 
1 14 LYS n 
1 15 VAL n 
1 16 ASN n 
1 17 LEU n 
1 18 LEU n 
1 19 LEU n 
1 20 GLU n 
1 21 GLY n 
1 22 GLU n 
1 23 ILE n 
1 24 GLU n 
1 25 ALA n 
1 26 VAL n 
1 27 ARG n 
1 28 ARG n 
1 29 ILE n 
1 30 ALA n 
1 31 TYR n 
1 32 MET n 
1 33 ASN n 
1 34 GLN n 
1 35 ALA n 
1 36 SER n 
1 37 SER n 
1 38 LEU n 
1 39 GLN n 
1 40 ASN n 
1 41 GLN n 
1 42 VAL n 
1 43 GLU n 
1 44 ILE n 
1 45 GLY n 
1 46 LEU n 
1 47 ILE n 
1 48 GLY n 
1 49 GLU n 
1 50 TYR n 
1 51 LEU n 
1 52 ASN n 
1 53 ILE n 
1 54 SER n 
1 55 SER n 
1 56 TRP n 
1 57 LEU n 
1 58 GLU n 
1 59 THR n 
1 60 LYS n 
1 61 THR n 
1 62 LEU n 
1 63 THR n 
1 64 LYS n 
1 65 THR n 
1 66 GLU n 
1 67 GLU n 
1 68 GLY n 
1 69 LEU n 
1 70 MET n 
# 
_entity_src_gen.entity_id                          1 
_entity_src_gen.pdbx_src_id                        1 
_entity_src_gen.pdbx_alt_source_flag               sample 
_entity_src_gen.pdbx_seq_type                      'Biological sequence' 
_entity_src_gen.pdbx_beg_seq_num                   1 
_entity_src_gen.pdbx_end_seq_num                   70 
_entity_src_gen.gene_src_common_name               ? 
_entity_src_gen.gene_src_genus                     ? 
_entity_src_gen.pdbx_gene_src_gene                 ? 
_entity_src_gen.gene_src_species                   ? 
_entity_src_gen.gene_src_strain                    ? 
_entity_src_gen.gene_src_tissue                    ? 
_entity_src_gen.gene_src_tissue_fraction           ? 
_entity_src_gen.gene_src_details                   ? 
_entity_src_gen.pdbx_gene_src_fragment             ? 
_entity_src_gen.pdbx_gene_src_scientific_name      'Infectious salmon anemia virus' 
_entity_src_gen.pdbx_gene_src_ncbi_taxonomy_id     55987 
_entity_src_gen.pdbx_gene_src_variant              ? 
_entity_src_gen.pdbx_gene_src_cell_line            ? 
_entity_src_gen.pdbx_gene_src_atcc                 ? 
_entity_src_gen.pdbx_gene_src_organ                ? 
_entity_src_gen.pdbx_gene_src_organelle            ? 
_entity_src_gen.pdbx_gene_src_cell                 ? 
_entity_src_gen.pdbx_gene_src_cellular_location    ? 
_entity_src_gen.host_org_common_name               ? 
_entity_src_gen.pdbx_host_org_scientific_name      'Escherichia coli' 
_entity_src_gen.pdbx_host_org_ncbi_taxonomy_id     469008 
_entity_src_gen.host_org_genus                     ? 
_entity_src_gen.pdbx_host_org_gene                 ? 
_entity_src_gen.pdbx_host_org_organ                ? 
_entity_src_gen.host_org_species                   ? 
_entity_src_gen.pdbx_host_org_tissue               ? 
_entity_src_gen.pdbx_host_org_tissue_fraction      ? 
_entity_src_gen.pdbx_host_org_strain               'BL21(DE3)' 
_entity_src_gen.pdbx_host_org_variant              ? 
_entity_src_gen.pdbx_host_org_cell_line            ? 
_entity_src_gen.pdbx_host_org_atcc                 ? 
_entity_src_gen.pdbx_host_org_culture_collection   ? 
_entity_src_gen.pdbx_host_org_cell                 ? 
_entity_src_gen.pdbx_host_org_organelle            ? 
_entity_src_gen.pdbx_host_org_cellular_location    ? 
_entity_src_gen.pdbx_host_org_vector_type          plasmid 
_entity_src_gen.pdbx_host_org_vector               ? 
_entity_src_gen.host_org_details                   ? 
_entity_src_gen.expression_system_id               ? 
_entity_src_gen.plasmid_name                       pET46 
_entity_src_gen.plasmid_details                    ? 
_entity_src_gen.pdbx_description                   ? 
# 
loop_
_chem_comp.id 
_chem_comp.type 
_chem_comp.mon_nstd_flag 
_chem_comp.name 
_chem_comp.pdbx_synonyms 
_chem_comp.formula 
_chem_comp.formula_weight 
ALA 'L-peptide linking' y ALANINE                                    ?                'C3 H7 N O2'     89.093  
ARG 'L-peptide linking' y ARGININE                                   ?                'C6 H15 N4 O2 1' 175.209 
ASN 'L-peptide linking' y ASPARAGINE                                 ?                'C4 H8 N2 O3'    132.118 
ASP 'L-peptide linking' y 'ASPARTIC ACID'                            ?                'C4 H7 N O4'     133.103 
CL  non-polymer         . 'CHLORIDE ION'                             ?                'Cl -1'          35.453  
GLN 'L-peptide linking' y GLUTAMINE                                  ?                'C5 H10 N2 O3'   146.144 
GLU 'L-peptide linking' y 'GLUTAMIC ACID'                            ?                'C5 H9 N O4'     147.129 
GLY 'peptide linking'   y GLYCINE                                    ?                'C2 H5 N O2'     75.067  
HOH non-polymer         . WATER                                      ?                'H2 O'           18.015  
ILE 'L-peptide linking' y ISOLEUCINE                                 ?                'C6 H13 N O2'    131.173 
LEU 'L-peptide linking' y LEUCINE                                    ?                'C6 H13 N O2'    131.173 
LYS 'L-peptide linking' y LYSINE                                     ?                'C6 H15 N2 O2 1' 147.195 
MBT non-polymer         . '3,7-BIS(DIMETHYLAMINO)PHENOTHIAZIN-5-IUM' 'METHYLENE BLUE' 'C16 H18 N3 S 1' 284.399 
MET 'L-peptide linking' y METHIONINE                                 ?                'C5 H11 N O2 S'  149.211 
SER 'L-peptide linking' y SERINE                                     ?                'C3 H7 N O3'     105.093 
THR 'L-peptide linking' y THREONINE                                  ?                'C4 H9 N O3'     119.119 
TRP 'L-peptide linking' y TRYPTOPHAN                                 ?                'C11 H12 N2 O2'  204.225 
TYR 'L-peptide linking' y TYROSINE                                   ?                'C9 H11 N O3'    181.189 
VAL 'L-peptide linking' y VALINE                                     ?                'C5 H11 N O2'    117.146 
# 
loop_
_pdbx_poly_seq_scheme.asym_id 
_pdbx_poly_seq_scheme.entity_id 
_pdbx_poly_seq_scheme.seq_id 
_pdbx_poly_seq_scheme.mon_id 
_pdbx_poly_seq_scheme.ndb_seq_num 
_pdbx_poly_seq_scheme.pdb_seq_num 
_pdbx_poly_seq_scheme.auth_seq_num 
_pdbx_poly_seq_scheme.pdb_mon_id 
_pdbx_poly_seq_scheme.auth_mon_id 
_pdbx_poly_seq_scheme.pdb_strand_id 
_pdbx_poly_seq_scheme.pdb_ins_code 
_pdbx_poly_seq_scheme.hetero 
A 1 1  VAL 1  308 308 VAL VAL A . n 
A 1 2  LYS 2  309 309 LYS LYS A . n 
A 1 3  GLU 3  310 310 GLU GLU A . n 
A 1 4  LYS 4  311 311 LYS LYS A . n 
A 1 5  LEU 5  312 312 LEU LEU A . n 
A 1 6  ASN 6  313 313 ASN ASN A . n 
A 1 7  GLY 7  314 314 GLY GLY A . n 
A 1 8  ILE 8  315 315 ILE ILE A . n 
A 1 9  ILE 9  316 316 ILE ILE A . n 
A 1 10 ASP 10 317 317 ASP ASP A . n 
A 1 11 GLN 11 318 318 GLN GLN A . n 
A 1 12 ILE 12 319 319 ILE ILE A . n 
A 1 13 ASN 13 320 320 ASN ASN A . n 
A 1 14 LYS 14 321 321 LYS LYS A . n 
A 1 15 VAL 15 322 322 VAL VAL A . n 
A 1 16 ASN 16 323 323 ASN ASN A . n 
A 1 17 LEU 17 324 324 LEU LEU A . n 
A 1 18 LEU 18 325 325 LEU LEU A . n 
A 1 19 LEU 19 326 326 LEU LEU A . n 
A 1 20 GLU 20 327 327 GLU GLU A . n 
A 1 21 GLY 21 328 328 GLY GLY A . n 
A 1 22 GLU 22 329 329 GLU GLU A . n 
A 1 23 ILE 23 330 330 ILE ILE A . n 
A 1 24 GLU 24 331 331 GLU GLU A . n 
A 1 25 ALA 25 332 332 ALA ALA A . n 
A 1 26 VAL 26 333 333 VAL VAL A . n 
A 1 27 ARG 27 334 334 ARG ARG A . n 
A 1 28 ARG 28 335 335 ARG ARG A . n 
A 1 29 ILE 29 336 336 ILE ILE A . n 
A 1 30 ALA 30 337 337 ALA ALA A . n 
A 1 31 TYR 31 338 338 TYR TYR A . n 
A 1 32 MET 32 339 339 MET MET A . n 
A 1 33 ASN 33 340 340 ASN ASN A . n 
A 1 34 GLN 34 341 341 GLN GLN A . n 
A 1 35 ALA 35 342 342 ALA ALA A . n 
A 1 36 SER 36 343 343 SER SER A . n 
A 1 37 SER 37 344 344 SER SER A . n 
A 1 38 LEU 38 345 345 LEU LEU A . n 
A 1 39 GLN 39 346 346 GLN GLN A . n 
A 1 40 ASN 40 347 347 ASN ASN A . n 
A 1 41 GLN 41 348 348 GLN GLN A . n 
A 1 42 VAL 42 349 349 VAL VAL A . n 
A 1 43 GLU 43 350 350 GLU GLU A . n 
A 1 44 ILE 44 351 351 ILE ILE A . n 
A 1 45 GLY 45 352 352 GLY GLY A . n 
A 1 46 LEU 46 353 353 LEU LEU A . n 
A 1 47 ILE 47 354 354 ILE ILE A . n 
A 1 48 GLY 48 355 355 GLY GLY A . n 
A 1 49 GLU 49 356 356 GLU GLU A . n 
A 1 50 TYR 50 357 357 TYR TYR A . n 
A 1 51 LEU 51 358 358 LEU LEU A . n 
A 1 52 ASN 52 359 359 ASN ASN A . n 
A 1 53 ILE 53 360 360 ILE ILE A . n 
A 1 54 SER 54 361 361 SER SER A . n 
A 1 55 SER 55 362 362 SER SER A . n 
A 1 56 TRP 56 363 363 TRP TRP A . n 
A 1 57 LEU 57 364 364 LEU LEU A . n 
A 1 58 GLU 58 365 365 GLU GLU A . n 
A 1 59 THR 59 366 366 THR THR A . n 
A 1 60 LYS 60 367 367 LYS LYS A . n 
A 1 61 THR 61 368 368 THR THR A . n 
A 1 62 LEU 62 369 369 LEU LEU A . n 
A 1 63 THR 63 370 370 THR THR A . n 
A 1 64 LYS 64 371 371 LYS LYS A . n 
A 1 65 THR 65 372 372 THR THR A . n 
A 1 66 GLU 66 373 373 GLU GLU A . n 
A 1 67 GLU 67 374 374 GLU GLU A . n 
A 1 68 GLY 68 375 375 GLY GLY A . n 
A 1 69 LEU 69 376 376 LEU LEU A . n 
A 1 70 MET 70 377 377 MET MET A . n 
# 
loop_
_pdbx_nonpoly_scheme.asym_id 
_pdbx_nonpoly_scheme.entity_id 
_pdbx_nonpoly_scheme.mon_id 
_pdbx_nonpoly_scheme.ndb_seq_num 
_pdbx_nonpoly_scheme.pdb_seq_num 
_pdbx_nonpoly_scheme.auth_seq_num 
_pdbx_nonpoly_scheme.pdb_mon_id 
_pdbx_nonpoly_scheme.auth_mon_id 
_pdbx_nonpoly_scheme.pdb_strand_id 
_pdbx_nonpoly_scheme.pdb_ins_code 
B 2 MBT 1 401 1 MBT MBT A . 
C 3 CL  1 402 2 CL  CL  A . 
D 3 CL  1 403 3 CL  CL  A . 
E 4 HOH 1 501 1 HOH HOH A . 
E 4 HOH 2 502 3 HOH HOH A . 
E 4 HOH 3 503 5 HOH HOH A . 
E 4 HOH 4 504 6 HOH HOH A . 
E 4 HOH 5 505 4 HOH HOH A . 
E 4 HOH 6 506 2 HOH HOH A . 
# 
loop_
_pdbx_unobs_or_zero_occ_atoms.id 
_pdbx_unobs_or_zero_occ_atoms.PDB_model_num 
_pdbx_unobs_or_zero_occ_atoms.polymer_flag 
_pdbx_unobs_or_zero_occ_atoms.occupancy_flag 
_pdbx_unobs_or_zero_occ_atoms.auth_asym_id 
_pdbx_unobs_or_zero_occ_atoms.auth_comp_id 
_pdbx_unobs_or_zero_occ_atoms.auth_seq_id 
_pdbx_unobs_or_zero_occ_atoms.PDB_ins_code 
_pdbx_unobs_or_zero_occ_atoms.auth_atom_id 
_pdbx_unobs_or_zero_occ_atoms.label_alt_id 
_pdbx_unobs_or_zero_occ_atoms.label_asym_id 
_pdbx_unobs_or_zero_occ_atoms.label_comp_id 
_pdbx_unobs_or_zero_occ_atoms.label_seq_id 
_pdbx_unobs_or_zero_occ_atoms.label_atom_id 
1  1 Y 1 A VAL 308 ? CG1 ? A VAL 1  CG1 
2  1 Y 1 A VAL 308 ? CG2 ? A VAL 1  CG2 
3  1 Y 1 A LYS 309 ? CG  ? A LYS 2  CG  
4  1 Y 1 A LYS 309 ? CD  ? A LYS 2  CD  
5  1 Y 1 A LYS 309 ? CE  ? A LYS 2  CE  
6  1 Y 1 A LYS 309 ? NZ  ? A LYS 2  NZ  
7  1 Y 1 A GLU 310 ? CG  ? A GLU 3  CG  
8  1 Y 1 A GLU 310 ? CD  ? A GLU 3  CD  
9  1 Y 1 A GLU 310 ? OE1 ? A GLU 3  OE1 
10 1 Y 1 A GLU 310 ? OE2 ? A GLU 3  OE2 
11 1 Y 1 A LYS 311 ? CG  ? A LYS 4  CG  
12 1 Y 1 A LYS 311 ? CD  ? A LYS 4  CD  
13 1 Y 1 A LYS 311 ? CE  ? A LYS 4  CE  
14 1 Y 1 A LYS 311 ? NZ  ? A LYS 4  NZ  
15 1 Y 1 A GLU 331 ? CG  ? A GLU 24 CG  
16 1 Y 1 A GLU 331 ? CD  ? A GLU 24 CD  
17 1 Y 1 A GLU 331 ? OE1 ? A GLU 24 OE1 
18 1 Y 1 A GLU 331 ? OE2 ? A GLU 24 OE2 
19 1 Y 1 A ARG 335 ? CG  ? A ARG 28 CG  
20 1 Y 1 A ARG 335 ? CD  ? A ARG 28 CD  
21 1 Y 1 A ARG 335 ? NE  ? A ARG 28 NE  
22 1 Y 1 A ARG 335 ? CZ  ? A ARG 28 CZ  
23 1 Y 1 A ARG 335 ? NH1 ? A ARG 28 NH1 
24 1 Y 1 A ARG 335 ? NH2 ? A ARG 28 NH2 
# 
loop_
_software.citation_id 
_software.classification 
_software.compiler_name 
_software.compiler_version 
_software.contact_author 
_software.contact_author_email 
_software.date 
_software.description 
_software.dependencies 
_software.hardware 
_software.language 
_software.location 
_software.mods 
_software.name 
_software.os 
_software.os_version 
_software.type 
_software.version 
_software.pdbx_ordinal 
? phasing           ? ? ? ? ? ? ? ? ? ? ? PHASER      ? ? ? 2.5.3                       1 
? refinement        ? ? ? ? ? ? ? ? ? ? ? PHENIX      ? ? ? '(phenix.refine: 1.9_1692)' 2 
? 'data extraction' ? ? ? ? ? ? ? ? ? ? ? PDB_EXTRACT ? ? ? 3.15                        3 
? 'data scaling'    ? ? ? ? ? ? ? ? ? ? ? Aimless     ? ? ? 0.1.27                      4 
? 'model building'  ? ? ? ? ? ? ? ? ? ? ? Coot        ? ? ? .                           5 
# 
_cell.angle_alpha                  90.000 
_cell.angle_alpha_esd              ? 
_cell.angle_beta                   90.000 
_cell.angle_beta_esd               ? 
_cell.angle_gamma                  120.000 
_cell.angle_gamma_esd              ? 
_cell.entry_id                     4XYP 
_cell.details                      ? 
_cell.formula_units_Z              ? 
_cell.length_a                     42.874 
_cell.length_a_esd                 ? 
_cell.length_b                     42.874 
_cell.length_b_esd                 ? 
_cell.length_c                     232.245 
_cell.length_c_esd                 ? 
_cell.volume                       ? 
_cell.volume_esd                   ? 
_cell.Z_PDB                        18 
_cell.reciprocal_angle_alpha       ? 
_cell.reciprocal_angle_beta        ? 
_cell.reciprocal_angle_gamma       ? 
_cell.reciprocal_angle_alpha_esd   ? 
_cell.reciprocal_angle_beta_esd    ? 
_cell.reciprocal_angle_gamma_esd   ? 
_cell.reciprocal_length_a          ? 
_cell.reciprocal_length_b          ? 
_cell.reciprocal_length_c          ? 
_cell.reciprocal_length_a_esd      ? 
_cell.reciprocal_length_b_esd      ? 
_cell.reciprocal_length_c_esd      ? 
_cell.pdbx_unique_axis             ? 
# 
_symmetry.entry_id                         4XYP 
_symmetry.cell_setting                     ? 
_symmetry.Int_Tables_number                155 
_symmetry.space_group_name_Hall            ? 
_symmetry.space_group_name_H-M             'H 3 2' 
_symmetry.pdbx_full_space_group_name_H-M   ? 
# 
_exptl.absorpt_coefficient_mu     ? 
_exptl.absorpt_correction_T_max   ? 
_exptl.absorpt_correction_T_min   ? 
_exptl.absorpt_correction_type    ? 
_exptl.absorpt_process_details    ? 
_exptl.entry_id                   4XYP 
_exptl.crystals_number            1 
_exptl.details                    ? 
_exptl.method                     'X-RAY DIFFRACTION' 
_exptl.method_details             ? 
# 
_exptl_crystal.colour                      ? 
_exptl_crystal.density_diffrn              ? 
_exptl_crystal.density_Matthews            2.60 
_exptl_crystal.density_method              ? 
_exptl_crystal.density_percent_sol         52.62 
_exptl_crystal.description                 ? 
_exptl_crystal.F_000                       ? 
_exptl_crystal.id                          1 
_exptl_crystal.preparation                 ? 
_exptl_crystal.size_max                    ? 
_exptl_crystal.size_mid                    ? 
_exptl_crystal.size_min                    ? 
_exptl_crystal.size_rad                    ? 
_exptl_crystal.colour_lustre               ? 
_exptl_crystal.colour_modifier             ? 
_exptl_crystal.colour_primary              ? 
_exptl_crystal.density_meas                ? 
_exptl_crystal.density_meas_esd            ? 
_exptl_crystal.density_meas_gt             ? 
_exptl_crystal.density_meas_lt             ? 
_exptl_crystal.density_meas_temp           ? 
_exptl_crystal.density_meas_temp_esd       ? 
_exptl_crystal.density_meas_temp_gt        ? 
_exptl_crystal.density_meas_temp_lt        ? 
_exptl_crystal.pdbx_crystal_image_url      ? 
_exptl_crystal.pdbx_crystal_image_format   ? 
_exptl_crystal.pdbx_mosaicity              ? 
_exptl_crystal.pdbx_mosaicity_esd          ? 
# 
_exptl_crystal_grow.apparatus       ? 
_exptl_crystal_grow.atmosphere      ? 
_exptl_crystal_grow.crystal_id      1 
_exptl_crystal_grow.details         ? 
_exptl_crystal_grow.method          'VAPOR DIFFUSION, SITTING DROP' 
_exptl_crystal_grow.method_ref      ? 
_exptl_crystal_grow.pH              4.5 
_exptl_crystal_grow.pressure        ? 
_exptl_crystal_grow.pressure_esd    ? 
_exptl_crystal_grow.seeding         ? 
_exptl_crystal_grow.seeding_ref     ? 
_exptl_crystal_grow.temp            293 
_exptl_crystal_grow.temp_details    ? 
_exptl_crystal_grow.temp_esd        ? 
_exptl_crystal_grow.time            ? 
_exptl_crystal_grow.pdbx_details    
;1:1 volume ratio of 30mg/mL protein solution and 0.2 M lithium sulfate, 0.1 M sodium acetate, pH 4.5, 2 mg/mL tetramethylthionine chloride and 50% (v/v) PEG 400
;
_exptl_crystal_grow.pdbx_pH_range   ? 
# 
_diffrn.ambient_environment    ? 
_diffrn.ambient_temp           100 
_diffrn.ambient_temp_details   ? 
_diffrn.ambient_temp_esd       ? 
_diffrn.crystal_id             1 
_diffrn.crystal_support        ? 
_diffrn.crystal_treatment      ? 
_diffrn.details                ? 
_diffrn.id                     1 
_diffrn.ambient_pressure       ? 
_diffrn.ambient_pressure_esd   ? 
_diffrn.ambient_pressure_gt    ? 
_diffrn.ambient_pressure_lt    ? 
_diffrn.ambient_temp_gt        ? 
_diffrn.ambient_temp_lt        ? 
# 
_diffrn_detector.details                      '9 CCDs, 9 tiled fiber-optic tapers' 
_diffrn_detector.detector                     CCD 
_diffrn_detector.diffrn_id                    1 
_diffrn_detector.type                         'RAYONIX MX-300' 
_diffrn_detector.area_resol_mean              ? 
_diffrn_detector.dtime                        ? 
_diffrn_detector.pdbx_frames_total            ? 
_diffrn_detector.pdbx_collection_time_total   ? 
_diffrn_detector.pdbx_collection_date         2013-12-14 
# 
_diffrn_radiation.collimation                      ? 
_diffrn_radiation.diffrn_id                        1 
_diffrn_radiation.filter_edge                      ? 
_diffrn_radiation.inhomogeneity                    ? 
_diffrn_radiation.monochromator                    'DOUBLE CRYSTAL MONOCHROMATOR' 
_diffrn_radiation.polarisn_norm                    ? 
_diffrn_radiation.polarisn_ratio                   ? 
_diffrn_radiation.probe                            ? 
_diffrn_radiation.type                             ? 
_diffrn_radiation.xray_symbol                      ? 
_diffrn_radiation.wavelength_id                    1 
_diffrn_radiation.pdbx_monochromatic_or_laue_m_l   M 
_diffrn_radiation.pdbx_wavelength_list             ? 
_diffrn_radiation.pdbx_wavelength                  ? 
_diffrn_radiation.pdbx_diffrn_protocol             'SINGLE WAVELENGTH' 
_diffrn_radiation.pdbx_analyzer                    ? 
_diffrn_radiation.pdbx_scattering_type             x-ray 
# 
_diffrn_radiation_wavelength.id           1 
_diffrn_radiation_wavelength.wavelength   0.979490 
_diffrn_radiation_wavelength.wt           1.0 
# 
_diffrn_source.current                     ? 
_diffrn_source.details                     ? 
_diffrn_source.diffrn_id                   1 
_diffrn_source.power                       ? 
_diffrn_source.size                        ? 
_diffrn_source.source                      SYNCHROTRON 
_diffrn_source.target                      ? 
_diffrn_source.type                        'CLSI BEAMLINE 08ID-1' 
_diffrn_source.voltage                     ? 
_diffrn_source.take-off_angle              ? 
_diffrn_source.pdbx_wavelength_list        0.979490 
_diffrn_source.pdbx_wavelength             ? 
_diffrn_source.pdbx_synchrotron_beamline   08ID-1 
_diffrn_source.pdbx_synchrotron_site       CLSI 
# 
_reflns.B_iso_Wilson_estimate            33.750 
_reflns.entry_id                         4XYP 
_reflns.data_reduction_details           ? 
_reflns.data_reduction_method            ? 
_reflns.d_resolution_high                2.100 
_reflns.d_resolution_low                 38.710 
_reflns.details                          ? 
_reflns.limit_h_max                      ? 
_reflns.limit_h_min                      ? 
_reflns.limit_k_max                      ? 
_reflns.limit_k_min                      ? 
_reflns.limit_l_max                      ? 
_reflns.limit_l_min                      ? 
_reflns.number_all                       ? 
_reflns.number_obs                       5037 
_reflns.observed_criterion               ? 
_reflns.observed_criterion_F_max         ? 
_reflns.observed_criterion_F_min         ? 
_reflns.observed_criterion_I_max         ? 
_reflns.observed_criterion_I_min         ? 
_reflns.observed_criterion_sigma_F       ? 
_reflns.observed_criterion_sigma_I       ? 
_reflns.percent_possible_obs             97.600 
_reflns.R_free_details                   ? 
_reflns.Rmerge_F_all                     ? 
_reflns.Rmerge_F_obs                     ? 
_reflns.Friedel_coverage                 ? 
_reflns.number_gt                        ? 
_reflns.threshold_expression             ? 
_reflns.pdbx_redundancy                  4.700 
_reflns.pdbx_Rmerge_I_obs                0.066 
_reflns.pdbx_Rmerge_I_all                ? 
_reflns.pdbx_Rsym_value                  ? 
_reflns.pdbx_netI_over_av_sigmaI         ? 
_reflns.pdbx_netI_over_sigmaI            13.700 
_reflns.pdbx_res_netI_over_av_sigmaI_2   ? 
_reflns.pdbx_res_netI_over_sigmaI_2      ? 
_reflns.pdbx_chi_squared                 ? 
_reflns.pdbx_scaling_rejects             ? 
_reflns.pdbx_d_res_high_opt              ? 
_reflns.pdbx_d_res_low_opt               ? 
_reflns.pdbx_d_res_opt_method            ? 
_reflns.phase_calculation_details        ? 
_reflns.pdbx_Rrim_I_all                  ? 
_reflns.pdbx_Rpim_I_all                  0.032 
_reflns.pdbx_d_opt                       ? 
_reflns.pdbx_number_measured_all         23796 
_reflns.pdbx_diffrn_id                   1 
_reflns.pdbx_ordinal                     1 
_reflns.pdbx_CC_half                     0.999 
_reflns.pdbx_R_split                     ? 
# 
loop_
_reflns_shell.d_res_high 
_reflns_shell.d_res_low 
_reflns_shell.meanI_over_sigI_all 
_reflns_shell.meanI_over_sigI_obs 
_reflns_shell.number_measured_all 
_reflns_shell.number_measured_obs 
_reflns_shell.number_possible 
_reflns_shell.number_unique_all 
_reflns_shell.number_unique_obs 
_reflns_shell.percent_possible_all 
_reflns_shell.percent_possible_obs 
_reflns_shell.Rmerge_F_all 
_reflns_shell.Rmerge_F_obs 
_reflns_shell.Rmerge_I_all 
_reflns_shell.Rmerge_I_obs 
_reflns_shell.meanI_over_sigI_gt 
_reflns_shell.meanI_over_uI_all 
_reflns_shell.meanI_over_uI_gt 
_reflns_shell.number_measured_gt 
_reflns_shell.number_unique_gt 
_reflns_shell.percent_possible_gt 
_reflns_shell.Rmerge_F_gt 
_reflns_shell.Rmerge_I_gt 
_reflns_shell.pdbx_redundancy 
_reflns_shell.pdbx_Rsym_value 
_reflns_shell.pdbx_chi_squared 
_reflns_shell.pdbx_netI_over_sigmaI_all 
_reflns_shell.pdbx_netI_over_sigmaI_obs 
_reflns_shell.pdbx_Rrim_I_all 
_reflns_shell.pdbx_Rpim_I_all 
_reflns_shell.pdbx_rejects 
_reflns_shell.pdbx_ordinal 
_reflns_shell.pdbx_diffrn_id 
_reflns_shell.pdbx_CC_half 
_reflns_shell.pdbx_R_split 
2.100 2.160  ? 3.200  1453 ? ? 361 ? 88.600 ? ? ? ? 0.495 ? ? ? ? ? ? ? ? 4.000 ? ? ? ? ? 0.247 0 1 1 0.833 ? 
8.920 38.710 ? 27.800 325  ? ? 87  ? 93.800 ? ? ? ? 0.036 ? ? ? ? ? ? ? ? 3.700 ? ? ? ? ? 0.023 0 2 1 0.999 ? 
# 
_refine.aniso_B[1][1]                            ? 
_refine.aniso_B[1][2]                            ? 
_refine.aniso_B[1][3]                            ? 
_refine.aniso_B[2][2]                            ? 
_refine.aniso_B[2][3]                            ? 
_refine.aniso_B[3][3]                            ? 
_refine.B_iso_max                                101.880 
_refine.B_iso_mean                               45.5257 
_refine.B_iso_min                                23.550 
_refine.correlation_coeff_Fo_to_Fc               ? 
_refine.correlation_coeff_Fo_to_Fc_free          ? 
_refine.details                                  ? 
_refine.diff_density_max                         ? 
_refine.diff_density_max_esd                     ? 
_refine.diff_density_min                         ? 
_refine.diff_density_min_esd                     ? 
_refine.diff_density_rms                         ? 
_refine.diff_density_rms_esd                     ? 
_refine.entry_id                                 4XYP 
_refine.pdbx_refine_id                           'X-RAY DIFFRACTION' 
_refine.ls_abs_structure_details                 ? 
_refine.ls_abs_structure_Flack                   ? 
_refine.ls_abs_structure_Flack_esd               ? 
_refine.ls_abs_structure_Rogers                  ? 
_refine.ls_abs_structure_Rogers_esd              ? 
_refine.ls_d_res_high                            2.10 
_refine.ls_d_res_low                             38.7070 
_refine.ls_extinction_coef                       ? 
_refine.ls_extinction_coef_esd                   ? 
_refine.ls_extinction_expression                 ? 
_refine.ls_extinction_method                     ? 
_refine.ls_goodness_of_fit_all                   ? 
_refine.ls_goodness_of_fit_all_esd               ? 
_refine.ls_goodness_of_fit_obs                   ? 
_refine.ls_goodness_of_fit_obs_esd               ? 
_refine.ls_hydrogen_treatment                    ? 
_refine.ls_matrix_type                           ? 
_refine.ls_number_constraints                    ? 
_refine.ls_number_parameters                     ? 
_refine.ls_number_reflns_all                     ? 
_refine.ls_number_reflns_obs                     5030 
_refine.ls_number_reflns_R_free                  503 
_refine.ls_number_reflns_R_work                  4527 
_refine.ls_number_restraints                     ? 
_refine.ls_percent_reflns_obs                    97.4800 
_refine.ls_percent_reflns_R_free                 10.0000 
_refine.ls_R_factor_all                          ? 
_refine.ls_R_factor_obs                          0.2010 
_refine.ls_R_factor_R_free                       0.2511 
_refine.ls_R_factor_R_free_error                 ? 
_refine.ls_R_factor_R_free_error_details         ? 
_refine.ls_R_factor_R_work                       0.1958 
_refine.ls_R_Fsqd_factor_obs                     ? 
_refine.ls_R_I_factor_obs                        ? 
_refine.ls_redundancy_reflns_all                 ? 
_refine.ls_redundancy_reflns_obs                 ? 
_refine.ls_restrained_S_all                      ? 
_refine.ls_restrained_S_obs                      ? 
_refine.ls_shift_over_esd_max                    ? 
_refine.ls_shift_over_esd_mean                   ? 
_refine.ls_structure_factor_coef                 ? 
_refine.ls_weighting_details                     ? 
_refine.ls_weighting_scheme                      ? 
_refine.ls_wR_factor_all                         ? 
_refine.ls_wR_factor_obs                         ? 
_refine.ls_wR_factor_R_free                      ? 
_refine.ls_wR_factor_R_work                      ? 
_refine.occupancy_max                            ? 
_refine.occupancy_min                            ? 
_refine.solvent_model_details                    'FLAT BULK SOLVENT MODEL' 
_refine.solvent_model_param_bsol                 ? 
_refine.solvent_model_param_ksol                 ? 
_refine.ls_R_factor_gt                           ? 
_refine.ls_goodness_of_fit_gt                    ? 
_refine.ls_goodness_of_fit_ref                   ? 
_refine.ls_shift_over_su_max                     ? 
_refine.ls_shift_over_su_max_lt                  ? 
_refine.ls_shift_over_su_mean                    ? 
_refine.ls_shift_over_su_mean_lt                 ? 
_refine.pdbx_ls_sigma_I                          ? 
_refine.pdbx_ls_sigma_F                          1.930 
_refine.pdbx_ls_sigma_Fsqd                       ? 
_refine.pdbx_data_cutoff_high_absF               ? 
_refine.pdbx_data_cutoff_high_rms_absF           ? 
_refine.pdbx_data_cutoff_low_absF                ? 
_refine.pdbx_isotropic_thermal_model             ? 
_refine.pdbx_ls_cross_valid_method               THROUGHOUT 
_refine.pdbx_method_to_determine_struct          'MOLECULAR REPLACEMENT' 
_refine.pdbx_starting_model                      ? 
_refine.pdbx_stereochemistry_target_values       ML 
_refine.pdbx_R_Free_selection_details            'Random selection' 
_refine.pdbx_stereochem_target_val_spec_case     ? 
_refine.pdbx_overall_ESU_R                       ? 
_refine.pdbx_overall_ESU_R_Free                  ? 
_refine.pdbx_solvent_vdw_probe_radii             1.1100 
_refine.pdbx_solvent_ion_probe_radii             ? 
_refine.pdbx_solvent_shrinkage_radii             0.9000 
_refine.pdbx_real_space_R                        ? 
_refine.pdbx_density_correlation                 ? 
_refine.pdbx_pd_number_of_powder_patterns        ? 
_refine.pdbx_pd_number_of_points                 ? 
_refine.pdbx_pd_meas_number_of_points            ? 
_refine.pdbx_pd_proc_ls_prof_R_factor            ? 
_refine.pdbx_pd_proc_ls_prof_wR_factor           ? 
_refine.pdbx_pd_Marquardt_correlation_coeff      ? 
_refine.pdbx_pd_Fsqrd_R_factor                   ? 
_refine.pdbx_pd_ls_matrix_band_width             ? 
_refine.pdbx_overall_phase_error                 23.2300 
_refine.pdbx_overall_SU_R_free_Cruickshank_DPI   ? 
_refine.pdbx_overall_SU_R_free_Blow_DPI          ? 
_refine.pdbx_overall_SU_R_Blow_DPI               ? 
_refine.pdbx_TLS_residual_ADP_flag               ? 
_refine.pdbx_diffrn_id                           1 
_refine.overall_SU_B                             ? 
_refine.overall_SU_ML                            0.1900 
_refine.overall_SU_R_Cruickshank_DPI             ? 
_refine.overall_SU_R_free                        ? 
_refine.overall_FOM_free_R_set                   ? 
_refine.overall_FOM_work_R_set                   ? 
_refine.pdbx_average_fsc_overall                 ? 
_refine.pdbx_average_fsc_work                    ? 
_refine.pdbx_average_fsc_free                    ? 
# 
_refine_hist.cycle_id                         final 
_refine_hist.pdbx_refine_id                   'X-RAY DIFFRACTION' 
_refine_hist.d_res_high                       2.10 
_refine_hist.d_res_low                        38.7070 
_refine_hist.pdbx_number_atoms_ligand         22 
_refine_hist.number_atoms_solvent             6 
_refine_hist.number_atoms_total               557 
_refine_hist.pdbx_number_residues_total       70 
_refine_hist.pdbx_B_iso_mean_ligand           36.85 
_refine_hist.pdbx_B_iso_mean_solvent          47.95 
_refine_hist.pdbx_number_atoms_protein        529 
_refine_hist.pdbx_number_atoms_nucleic_acid   0 
# 
loop_
_refine_ls_restr.pdbx_refine_id 
_refine_ls_restr.criterion 
_refine_ls_restr.dev_ideal 
_refine_ls_restr.dev_ideal_target 
_refine_ls_restr.number 
_refine_ls_restr.rejects 
_refine_ls_restr.type 
_refine_ls_restr.weight 
_refine_ls_restr.pdbx_restraint_function 
'X-RAY DIFFRACTION' ? 0.011  ? 560 ? f_bond_d           ? ? 
'X-RAY DIFFRACTION' ? 1.234  ? 762 ? f_angle_d          ? ? 
'X-RAY DIFFRACTION' ? 0.054  ? 91  ? f_chiral_restr     ? ? 
'X-RAY DIFFRACTION' ? 0.006  ? 96  ? f_plane_restr      ? ? 
'X-RAY DIFFRACTION' ? 16.676 ? 198 ? f_dihedral_angle_d ? ? 
# 
loop_
_refine_ls_shell.pdbx_refine_id 
_refine_ls_shell.d_res_high 
_refine_ls_shell.d_res_low 
_refine_ls_shell.number_reflns_all 
_refine_ls_shell.number_reflns_obs 
_refine_ls_shell.number_reflns_R_free 
_refine_ls_shell.number_reflns_R_work 
_refine_ls_shell.percent_reflns_obs 
_refine_ls_shell.percent_reflns_R_free 
_refine_ls_shell.R_factor_all 
_refine_ls_shell.R_factor_obs 
_refine_ls_shell.R_factor_R_free 
_refine_ls_shell.R_factor_R_free_error 
_refine_ls_shell.R_factor_R_work 
_refine_ls_shell.redundancy_reflns_all 
_refine_ls_shell.redundancy_reflns_obs 
_refine_ls_shell.wR_factor_all 
_refine_ls_shell.wR_factor_obs 
_refine_ls_shell.wR_factor_R_free 
_refine_ls_shell.wR_factor_R_work 
_refine_ls_shell.pdbx_total_number_of_bins_used 
_refine_ls_shell.pdbx_phase_error 
_refine_ls_shell.pdbx_fsc_work 
_refine_ls_shell.pdbx_fsc_free 
'X-RAY DIFFRACTION' 2.10   2.3147  1209 . 121 1088 96.0000  . . . 0.2441 . 0.1706 . . . . . . 4 . . . 
'X-RAY DIFFRACTION' 2.3147 2.6496  1252 . 125 1127 100.0000 . . . 0.2173 . 0.1570 . . . . . . 4 . . . 
'X-RAY DIFFRACTION' 2.6496 3.3379  1256 . 126 1130 99.0000  . . . 0.2419 . 0.1889 . . . . . . 4 . . . 
'X-RAY DIFFRACTION' 3.3379 38.7140 1313 . 131 1182 96.0000  . . . 0.2671 . 0.2150 . . . . . . 4 . . . 
# 
_struct.entry_id                     4XYP 
_struct.title                        'Crystal structure of a piscine viral fusion protein' 
_struct.pdbx_model_details           ? 
_struct.pdbx_formula_weight          ? 
_struct.pdbx_formula_weight_method   ? 
_struct.pdbx_model_type_details      ? 
_struct.pdbx_CASP_flag               ? 
# 
_struct_keywords.entry_id        4XYP 
_struct_keywords.text            'heptad repeat, 6-helix bundle, class I viral fusion protein, VIRAL PROTEIN' 
_struct_keywords.pdbx_keywords   'VIRAL PROTEIN' 
# 
loop_
_struct_asym.id 
_struct_asym.pdbx_blank_PDB_chainid_flag 
_struct_asym.pdbx_modified 
_struct_asym.entity_id 
_struct_asym.details 
A N N 1 ? 
B N N 2 ? 
C N N 3 ? 
D N N 3 ? 
E N N 4 ? 
# 
_struct_ref.id                         1 
_struct_ref.db_name                    UNP 
_struct_ref.db_code                    V5RD79_9ORTO 
_struct_ref.pdbx_db_accession          V5RD79 
_struct_ref.pdbx_db_isoform            ? 
_struct_ref.entity_id                  1 
_struct_ref.pdbx_seq_one_letter_code   VKEKLNGIIDQINKVNLLLEGEIEAVRRIAYMNQASSLQNQVEIGLIGEYLNISSWLETKTLTKTEEGLM 
_struct_ref.pdbx_align_begin           156 
# 
_struct_ref_seq.align_id                      1 
_struct_ref_seq.ref_id                        1 
_struct_ref_seq.pdbx_PDB_id_code              4XYP 
_struct_ref_seq.pdbx_strand_id                A 
_struct_ref_seq.seq_align_beg                 1 
_struct_ref_seq.pdbx_seq_align_beg_ins_code   ? 
_struct_ref_seq.seq_align_end                 70 
_struct_ref_seq.pdbx_seq_align_end_ins_code   ? 
_struct_ref_seq.pdbx_db_accession             V5RD79 
_struct_ref_seq.db_align_beg                  156 
_struct_ref_seq.pdbx_db_align_beg_ins_code    ? 
_struct_ref_seq.db_align_end                  225 
_struct_ref_seq.pdbx_db_align_end_ins_code    ? 
_struct_ref_seq.pdbx_auth_seq_align_beg       308 
_struct_ref_seq.pdbx_auth_seq_align_end       377 
# 
_pdbx_struct_assembly.id                   1 
_pdbx_struct_assembly.details              author_and_software_defined_assembly 
_pdbx_struct_assembly.method_details       PISA 
_pdbx_struct_assembly.oligomeric_details   trimeric 
_pdbx_struct_assembly.oligomeric_count     3 
# 
loop_
_pdbx_struct_assembly_prop.biol_id 
_pdbx_struct_assembly_prop.type 
_pdbx_struct_assembly_prop.value 
_pdbx_struct_assembly_prop.details 
1 'ABSA (A^2)' 9050  ? 
1 MORE         -111  ? 
1 'SSA (A^2)'  12120 ? 
# 
_pdbx_struct_assembly_gen.assembly_id       1 
_pdbx_struct_assembly_gen.oper_expression   1,2,3 
_pdbx_struct_assembly_gen.asym_id_list      A,B,C,D,E 
# 
loop_
_pdbx_struct_oper_list.id 
_pdbx_struct_oper_list.type 
_pdbx_struct_oper_list.name 
_pdbx_struct_oper_list.symmetry_operation 
_pdbx_struct_oper_list.matrix[1][1] 
_pdbx_struct_oper_list.matrix[1][2] 
_pdbx_struct_oper_list.matrix[1][3] 
_pdbx_struct_oper_list.vector[1] 
_pdbx_struct_oper_list.matrix[2][1] 
_pdbx_struct_oper_list.matrix[2][2] 
_pdbx_struct_oper_list.matrix[2][3] 
_pdbx_struct_oper_list.vector[2] 
_pdbx_struct_oper_list.matrix[3][1] 
_pdbx_struct_oper_list.matrix[3][2] 
_pdbx_struct_oper_list.matrix[3][3] 
_pdbx_struct_oper_list.vector[3] 
1 'identity operation'         1_555 x,y,z       1.0000000000 0.0000000000 0.0000000000  0.0000000000  0.0000000000 1.0000000000 0.0000000000  0.0000000000  0.0000000000  0.0000000000  1.0000000000  0.0000000000  
2 'crystal symmetry operation' 2_545 -y,x-y-1,z  0.0192090431 0.7871382839 0.6164773595  0.7535043941  0.6312030635 0.4686330604 -0.6180337752 -0.9234537491 -0.7753797168 0.4009942353  -0.4878421035 -3.3185161792 
3 'crystal symmetry operation' 3_655 -x+y+1,-x,z 0.0192090431 0.6312030635 -0.7753797168 -2.0046973978 0.7871382839 0.4686330604 0.4009942353  1.1703546583  0.6164773595  -0.6180337752 -0.4878421035 -2.6541559199 
# 
loop_
_struct_conf.conf_type_id 
_struct_conf.id 
_struct_conf.pdbx_PDB_helix_id 
_struct_conf.beg_label_comp_id 
_struct_conf.beg_label_asym_id 
_struct_conf.beg_label_seq_id 
_struct_conf.pdbx_beg_PDB_ins_code 
_struct_conf.end_label_comp_id 
_struct_conf.end_label_asym_id 
_struct_conf.end_label_seq_id 
_struct_conf.pdbx_end_PDB_ins_code 
_struct_conf.beg_auth_comp_id 
_struct_conf.beg_auth_asym_id 
_struct_conf.beg_auth_seq_id 
_struct_conf.end_auth_comp_id 
_struct_conf.end_auth_asym_id 
_struct_conf.end_auth_seq_id 
_struct_conf.pdbx_PDB_helix_class 
_struct_conf.details 
_struct_conf.pdbx_PDB_helix_length 
HELX_P HELX_P1 AA1 VAL A 1  ? LEU A 51 ? VAL A 308 LEU A 358 1 ? 51 
HELX_P HELX_P2 AA2 ILE A 53 ? MET A 70 ? ILE A 360 MET A 377 1 ? 18 
# 
_struct_conf_type.id          HELX_P 
_struct_conf_type.criteria    ? 
_struct_conf_type.reference   ? 
# 
loop_
_struct_site.id 
_struct_site.pdbx_evidence_code 
_struct_site.pdbx_auth_asym_id 
_struct_site.pdbx_auth_comp_id 
_struct_site.pdbx_auth_seq_id 
_struct_site.pdbx_auth_ins_code 
_struct_site.pdbx_num_residues 
_struct_site.details 
AC1 Software A MBT 401 ? 4 'binding site for residue MBT A 401' 
AC2 Software A CL  402 ? 4 'binding site for residue CL A 402'  
AC3 Software A CL  403 ? 3 'binding site for residue CL A 403'  
# 
loop_
_struct_site_gen.id 
_struct_site_gen.site_id 
_struct_site_gen.pdbx_num_res 
_struct_site_gen.label_comp_id 
_struct_site_gen.label_asym_id 
_struct_site_gen.label_seq_id 
_struct_site_gen.pdbx_auth_ins_code 
_struct_site_gen.auth_comp_id 
_struct_site_gen.auth_asym_id 
_struct_site_gen.auth_seq_id 
_struct_site_gen.label_atom_id 
_struct_site_gen.label_alt_id 
_struct_site_gen.symmetry 
_struct_site_gen.details 
1  AC1 4 TYR A 50 ? TYR A 357 . ? 2_545 ? 
2  AC1 4 TYR A 50 ? TYR A 357 . ? 1_555 ? 
3  AC1 4 LEU A 51 ? LEU A 358 . ? 1_555 ? 
4  AC1 4 LEU A 51 ? LEU A 358 . ? 2_545 ? 
5  AC2 4 ALA A 30 ? ALA A 337 . ? 2_545 ? 
6  AC2 4 ASN A 33 ? ASN A 340 . ? 3_655 ? 
7  AC2 4 ASN A 33 ? ASN A 340 . ? 2_545 ? 
8  AC2 4 ASN A 33 ? ASN A 340 . ? 1_555 ? 
9  AC3 3 ASN A 40 ? ASN A 347 . ? 1_555 ? 
10 AC3 3 ASN A 40 ? ASN A 347 . ? 3_655 ? 
11 AC3 3 ASN A 40 ? ASN A 347 . ? 2_545 ? 
# 
loop_
_pdbx_struct_special_symmetry.id 
_pdbx_struct_special_symmetry.PDB_model_num 
_pdbx_struct_special_symmetry.auth_asym_id 
_pdbx_struct_special_symmetry.auth_comp_id 
_pdbx_struct_special_symmetry.auth_seq_id 
_pdbx_struct_special_symmetry.PDB_ins_code 
_pdbx_struct_special_symmetry.label_asym_id 
_pdbx_struct_special_symmetry.label_comp_id 
_pdbx_struct_special_symmetry.label_seq_id 
1 1 A CL 402 ? C CL . 
2 1 A CL 403 ? D CL . 
# 
_pdbx_phasing_MR.entry_id                     4XYP 
_pdbx_phasing_MR.method_rotation              ? 
_pdbx_phasing_MR.method_translation           ? 
_pdbx_phasing_MR.model_details                ? 
_pdbx_phasing_MR.R_factor                     ? 
_pdbx_phasing_MR.R_rigid_body                 ? 
_pdbx_phasing_MR.correlation_coeff_Fo_to_Fc   ? 
_pdbx_phasing_MR.correlation_coeff_Io_to_Ic   ? 
_pdbx_phasing_MR.d_res_high_rotation          2.100 
_pdbx_phasing_MR.d_res_low_rotation           38.710 
_pdbx_phasing_MR.d_res_high_translation       2.100 
_pdbx_phasing_MR.d_res_low_translation        38.710 
_pdbx_phasing_MR.packing                      ? 
_pdbx_phasing_MR.reflns_percent_rotation      ? 
_pdbx_phasing_MR.reflns_percent_translation   ? 
_pdbx_phasing_MR.sigma_F_rotation             ? 
_pdbx_phasing_MR.sigma_F_translation          ? 
_pdbx_phasing_MR.sigma_I_rotation             ? 
_pdbx_phasing_MR.sigma_I_translation          ? 
# 
_phasing.method   MR 
# 
loop_
_chem_comp_atom.comp_id 
_chem_comp_atom.atom_id 
_chem_comp_atom.type_symbol 
_chem_comp_atom.pdbx_aromatic_flag 
_chem_comp_atom.pdbx_stereo_config 
_chem_comp_atom.pdbx_ordinal 
ALA N    N  N N 1   
ALA CA   C  N S 2   
ALA C    C  N N 3   
ALA O    O  N N 4   
ALA CB   C  N N 5   
ALA OXT  O  N N 6   
ALA H    H  N N 7   
ALA H2   H  N N 8   
ALA HA   H  N N 9   
ALA HB1  H  N N 10  
ALA HB2  H  N N 11  
ALA HB3  H  N N 12  
ALA HXT  H  N N 13  
ARG N    N  N N 14  
ARG CA   C  N S 15  
ARG C    C  N N 16  
ARG O    O  N N 17  
ARG CB   C  N N 18  
ARG CG   C  N N 19  
ARG CD   C  N N 20  
ARG NE   N  N N 21  
ARG CZ   C  N N 22  
ARG NH1  N  N N 23  
ARG NH2  N  N N 24  
ARG OXT  O  N N 25  
ARG H    H  N N 26  
ARG H2   H  N N 27  
ARG HA   H  N N 28  
ARG HB2  H  N N 29  
ARG HB3  H  N N 30  
ARG HG2  H  N N 31  
ARG HG3  H  N N 32  
ARG HD2  H  N N 33  
ARG HD3  H  N N 34  
ARG HE   H  N N 35  
ARG HH11 H  N N 36  
ARG HH12 H  N N 37  
ARG HH21 H  N N 38  
ARG HH22 H  N N 39  
ARG HXT  H  N N 40  
ASN N    N  N N 41  
ASN CA   C  N S 42  
ASN C    C  N N 43  
ASN O    O  N N 44  
ASN CB   C  N N 45  
ASN CG   C  N N 46  
ASN OD1  O  N N 47  
ASN ND2  N  N N 48  
ASN OXT  O  N N 49  
ASN H    H  N N 50  
ASN H2   H  N N 51  
ASN HA   H  N N 52  
ASN HB2  H  N N 53  
ASN HB3  H  N N 54  
ASN HD21 H  N N 55  
ASN HD22 H  N N 56  
ASN HXT  H  N N 57  
ASP N    N  N N 58  
ASP CA   C  N S 59  
ASP C    C  N N 60  
ASP O    O  N N 61  
ASP CB   C  N N 62  
ASP CG   C  N N 63  
ASP OD1  O  N N 64  
ASP OD2  O  N N 65  
ASP OXT  O  N N 66  
ASP H    H  N N 67  
ASP H2   H  N N 68  
ASP HA   H  N N 69  
ASP HB2  H  N N 70  
ASP HB3  H  N N 71  
ASP HD2  H  N N 72  
ASP HXT  H  N N 73  
CL  CL   CL N N 74  
GLN N    N  N N 75  
GLN CA   C  N S 76  
GLN C    C  N N 77  
GLN O    O  N N 78  
GLN CB   C  N N 79  
GLN CG   C  N N 80  
GLN CD   C  N N 81  
GLN OE1  O  N N 82  
GLN NE2  N  N N 83  
GLN OXT  O  N N 84  
GLN H    H  N N 85  
GLN H2   H  N N 86  
GLN HA   H  N N 87  
GLN HB2  H  N N 88  
GLN HB3  H  N N 89  
GLN HG2  H  N N 90  
GLN HG3  H  N N 91  
GLN HE21 H  N N 92  
GLN HE22 H  N N 93  
GLN HXT  H  N N 94  
GLU N    N  N N 95  
GLU CA   C  N S 96  
GLU C    C  N N 97  
GLU O    O  N N 98  
GLU CB   C  N N 99  
GLU CG   C  N N 100 
GLU CD   C  N N 101 
GLU OE1  O  N N 102 
GLU OE2  O  N N 103 
GLU OXT  O  N N 104 
GLU H    H  N N 105 
GLU H2   H  N N 106 
GLU HA   H  N N 107 
GLU HB2  H  N N 108 
GLU HB3  H  N N 109 
GLU HG2  H  N N 110 
GLU HG3  H  N N 111 
GLU HE2  H  N N 112 
GLU HXT  H  N N 113 
GLY N    N  N N 114 
GLY CA   C  N N 115 
GLY C    C  N N 116 
GLY O    O  N N 117 
GLY OXT  O  N N 118 
GLY H    H  N N 119 
GLY H2   H  N N 120 
GLY HA2  H  N N 121 
GLY HA3  H  N N 122 
GLY HXT  H  N N 123 
HOH O    O  N N 124 
HOH H1   H  N N 125 
HOH H2   H  N N 126 
ILE N    N  N N 127 
ILE CA   C  N S 128 
ILE C    C  N N 129 
ILE O    O  N N 130 
ILE CB   C  N S 131 
ILE CG1  C  N N 132 
ILE CG2  C  N N 133 
ILE CD1  C  N N 134 
ILE OXT  O  N N 135 
ILE H    H  N N 136 
ILE H2   H  N N 137 
ILE HA   H  N N 138 
ILE HB   H  N N 139 
ILE HG12 H  N N 140 
ILE HG13 H  N N 141 
ILE HG21 H  N N 142 
ILE HG22 H  N N 143 
ILE HG23 H  N N 144 
ILE HD11 H  N N 145 
ILE HD12 H  N N 146 
ILE HD13 H  N N 147 
ILE HXT  H  N N 148 
LEU N    N  N N 149 
LEU CA   C  N S 150 
LEU C    C  N N 151 
LEU O    O  N N 152 
LEU CB   C  N N 153 
LEU CG   C  N N 154 
LEU CD1  C  N N 155 
LEU CD2  C  N N 156 
LEU OXT  O  N N 157 
LEU H    H  N N 158 
LEU H2   H  N N 159 
LEU HA   H  N N 160 
LEU HB2  H  N N 161 
LEU HB3  H  N N 162 
LEU HG   H  N N 163 
LEU HD11 H  N N 164 
LEU HD12 H  N N 165 
LEU HD13 H  N N 166 
LEU HD21 H  N N 167 
LEU HD22 H  N N 168 
LEU HD23 H  N N 169 
LEU HXT  H  N N 170 
LYS N    N  N N 171 
LYS CA   C  N S 172 
LYS C    C  N N 173 
LYS O    O  N N 174 
LYS CB   C  N N 175 
LYS CG   C  N N 176 
LYS CD   C  N N 177 
LYS CE   C  N N 178 
LYS NZ   N  N N 179 
LYS OXT  O  N N 180 
LYS H    H  N N 181 
LYS H2   H  N N 182 
LYS HA   H  N N 183 
LYS HB2  H  N N 184 
LYS HB3  H  N N 185 
LYS HG2  H  N N 186 
LYS HG3  H  N N 187 
LYS HD2  H  N N 188 
LYS HD3  H  N N 189 
LYS HE2  H  N N 190 
LYS HE3  H  N N 191 
LYS HZ1  H  N N 192 
LYS HZ2  H  N N 193 
LYS HZ3  H  N N 194 
LYS HXT  H  N N 195 
MBT C1   C  Y N 196 
MBT C2   C  Y N 197 
MBT S3   S  Y N 198 
MBT C4   C  Y N 199 
MBT C5   C  Y N 200 
MBT N6   N  Y N 201 
MBT C7   C  Y N 202 
MBT C8   C  Y N 203 
MBT C9   C  Y N 204 
MBT C10  C  Y N 205 
MBT C11  C  Y N 206 
MBT C12  C  Y N 207 
MBT C13  C  Y N 208 
MBT C14  C  Y N 209 
MBT N15  N  N N 210 
MBT C16  C  N N 211 
MBT C17  C  N N 212 
MBT N18  N  N N 213 
MBT C19  C  N N 214 
MBT C20  C  N N 215 
MBT H191 H  N N 216 
MBT H192 H  N N 217 
MBT H193 H  N N 218 
MBT H201 H  N N 219 
MBT H202 H  N N 220 
MBT H203 H  N N 221 
MBT H13  H  N N 222 
MBT H14  H  N N 223 
MBT H10  H  N N 224 
MBT H9   H  N N 225 
MBT H7   H  N N 226 
MBT H11  H  N N 227 
MBT H161 H  N N 228 
MBT H162 H  N N 229 
MBT H163 H  N N 230 
MBT H171 H  N N 231 
MBT H172 H  N N 232 
MBT H173 H  N N 233 
MET N    N  N N 234 
MET CA   C  N S 235 
MET C    C  N N 236 
MET O    O  N N 237 
MET CB   C  N N 238 
MET CG   C  N N 239 
MET SD   S  N N 240 
MET CE   C  N N 241 
MET OXT  O  N N 242 
MET H    H  N N 243 
MET H2   H  N N 244 
MET HA   H  N N 245 
MET HB2  H  N N 246 
MET HB3  H  N N 247 
MET HG2  H  N N 248 
MET HG3  H  N N 249 
MET HE1  H  N N 250 
MET HE2  H  N N 251 
MET HE3  H  N N 252 
MET HXT  H  N N 253 
SER N    N  N N 254 
SER CA   C  N S 255 
SER C    C  N N 256 
SER O    O  N N 257 
SER CB   C  N N 258 
SER OG   O  N N 259 
SER OXT  O  N N 260 
SER H    H  N N 261 
SER H2   H  N N 262 
SER HA   H  N N 263 
SER HB2  H  N N 264 
SER HB3  H  N N 265 
SER HG   H  N N 266 
SER HXT  H  N N 267 
THR N    N  N N 268 
THR CA   C  N S 269 
THR C    C  N N 270 
THR O    O  N N 271 
THR CB   C  N R 272 
THR OG1  O  N N 273 
THR CG2  C  N N 274 
THR OXT  O  N N 275 
THR H    H  N N 276 
THR H2   H  N N 277 
THR HA   H  N N 278 
THR HB   H  N N 279 
THR HG1  H  N N 280 
THR HG21 H  N N 281 
THR HG22 H  N N 282 
THR HG23 H  N N 283 
THR HXT  H  N N 284 
TRP N    N  N N 285 
TRP CA   C  N S 286 
TRP C    C  N N 287 
TRP O    O  N N 288 
TRP CB   C  N N 289 
TRP CG   C  Y N 290 
TRP CD1  C  Y N 291 
TRP CD2  C  Y N 292 
TRP NE1  N  Y N 293 
TRP CE2  C  Y N 294 
TRP CE3  C  Y N 295 
TRP CZ2  C  Y N 296 
TRP CZ3  C  Y N 297 
TRP CH2  C  Y N 298 
TRP OXT  O  N N 299 
TRP H    H  N N 300 
TRP H2   H  N N 301 
TRP HA   H  N N 302 
TRP HB2  H  N N 303 
TRP HB3  H  N N 304 
TRP HD1  H  N N 305 
TRP HE1  H  N N 306 
TRP HE3  H  N N 307 
TRP HZ2  H  N N 308 
TRP HZ3  H  N N 309 
TRP HH2  H  N N 310 
TRP HXT  H  N N 311 
TYR N    N  N N 312 
TYR CA   C  N S 313 
TYR C    C  N N 314 
TYR O    O  N N 315 
TYR CB   C  N N 316 
TYR CG   C  Y N 317 
TYR CD1  C  Y N 318 
TYR CD2  C  Y N 319 
TYR CE1  C  Y N 320 
TYR CE2  C  Y N 321 
TYR CZ   C  Y N 322 
TYR OH   O  N N 323 
TYR OXT  O  N N 324 
TYR H    H  N N 325 
TYR H2   H  N N 326 
TYR HA   H  N N 327 
TYR HB2  H  N N 328 
TYR HB3  H  N N 329 
TYR HD1  H  N N 330 
TYR HD2  H  N N 331 
TYR HE1  H  N N 332 
TYR HE2  H  N N 333 
TYR HH   H  N N 334 
TYR HXT  H  N N 335 
VAL N    N  N N 336 
VAL CA   C  N S 337 
VAL C    C  N N 338 
VAL O    O  N N 339 
VAL CB   C  N N 340 
VAL CG1  C  N N 341 
VAL CG2  C  N N 342 
VAL OXT  O  N N 343 
VAL H    H  N N 344 
VAL H2   H  N N 345 
VAL HA   H  N N 346 
VAL HB   H  N N 347 
VAL HG11 H  N N 348 
VAL HG12 H  N N 349 
VAL HG13 H  N N 350 
VAL HG21 H  N N 351 
VAL HG22 H  N N 352 
VAL HG23 H  N N 353 
VAL HXT  H  N N 354 
# 
loop_
_chem_comp_bond.comp_id 
_chem_comp_bond.atom_id_1 
_chem_comp_bond.atom_id_2 
_chem_comp_bond.value_order 
_chem_comp_bond.pdbx_aromatic_flag 
_chem_comp_bond.pdbx_stereo_config 
_chem_comp_bond.pdbx_ordinal 
ALA N   CA   sing N N 1   
ALA N   H    sing N N 2   
ALA N   H2   sing N N 3   
ALA CA  C    sing N N 4   
ALA CA  CB   sing N N 5   
ALA CA  HA   sing N N 6   
ALA C   O    doub N N 7   
ALA C   OXT  sing N N 8   
ALA CB  HB1  sing N N 9   
ALA CB  HB2  sing N N 10  
ALA CB  HB3  sing N N 11  
ALA OXT HXT  sing N N 12  
ARG N   CA   sing N N 13  
ARG N   H    sing N N 14  
ARG N   H2   sing N N 15  
ARG CA  C    sing N N 16  
ARG CA  CB   sing N N 17  
ARG CA  HA   sing N N 18  
ARG C   O    doub N N 19  
ARG C   OXT  sing N N 20  
ARG CB  CG   sing N N 21  
ARG CB  HB2  sing N N 22  
ARG CB  HB3  sing N N 23  
ARG CG  CD   sing N N 24  
ARG CG  HG2  sing N N 25  
ARG CG  HG3  sing N N 26  
ARG CD  NE   sing N N 27  
ARG CD  HD2  sing N N 28  
ARG CD  HD3  sing N N 29  
ARG NE  CZ   sing N N 30  
ARG NE  HE   sing N N 31  
ARG CZ  NH1  sing N N 32  
ARG CZ  NH2  doub N N 33  
ARG NH1 HH11 sing N N 34  
ARG NH1 HH12 sing N N 35  
ARG NH2 HH21 sing N N 36  
ARG NH2 HH22 sing N N 37  
ARG OXT HXT  sing N N 38  
ASN N   CA   sing N N 39  
ASN N   H    sing N N 40  
ASN N   H2   sing N N 41  
ASN CA  C    sing N N 42  
ASN CA  CB   sing N N 43  
ASN CA  HA   sing N N 44  
ASN C   O    doub N N 45  
ASN C   OXT  sing N N 46  
ASN CB  CG   sing N N 47  
ASN CB  HB2  sing N N 48  
ASN CB  HB3  sing N N 49  
ASN CG  OD1  doub N N 50  
ASN CG  ND2  sing N N 51  
ASN ND2 HD21 sing N N 52  
ASN ND2 HD22 sing N N 53  
ASN OXT HXT  sing N N 54  
ASP N   CA   sing N N 55  
ASP N   H    sing N N 56  
ASP N   H2   sing N N 57  
ASP CA  C    sing N N 58  
ASP CA  CB   sing N N 59  
ASP CA  HA   sing N N 60  
ASP C   O    doub N N 61  
ASP C   OXT  sing N N 62  
ASP CB  CG   sing N N 63  
ASP CB  HB2  sing N N 64  
ASP CB  HB3  sing N N 65  
ASP CG  OD1  doub N N 66  
ASP CG  OD2  sing N N 67  
ASP OD2 HD2  sing N N 68  
ASP OXT HXT  sing N N 69  
GLN N   CA   sing N N 70  
GLN N   H    sing N N 71  
GLN N   H2   sing N N 72  
GLN CA  C    sing N N 73  
GLN CA  CB   sing N N 74  
GLN CA  HA   sing N N 75  
GLN C   O    doub N N 76  
GLN C   OXT  sing N N 77  
GLN CB  CG   sing N N 78  
GLN CB  HB2  sing N N 79  
GLN CB  HB3  sing N N 80  
GLN CG  CD   sing N N 81  
GLN CG  HG2  sing N N 82  
GLN CG  HG3  sing N N 83  
GLN CD  OE1  doub N N 84  
GLN CD  NE2  sing N N 85  
GLN NE2 HE21 sing N N 86  
GLN NE2 HE22 sing N N 87  
GLN OXT HXT  sing N N 88  
GLU N   CA   sing N N 89  
GLU N   H    sing N N 90  
GLU N   H2   sing N N 91  
GLU CA  C    sing N N 92  
GLU CA  CB   sing N N 93  
GLU CA  HA   sing N N 94  
GLU C   O    doub N N 95  
GLU C   OXT  sing N N 96  
GLU CB  CG   sing N N 97  
GLU CB  HB2  sing N N 98  
GLU CB  HB3  sing N N 99  
GLU CG  CD   sing N N 100 
GLU CG  HG2  sing N N 101 
GLU CG  HG3  sing N N 102 
GLU CD  OE1  doub N N 103 
GLU CD  OE2  sing N N 104 
GLU OE2 HE2  sing N N 105 
GLU OXT HXT  sing N N 106 
GLY N   CA   sing N N 107 
GLY N   H    sing N N 108 
GLY N   H2   sing N N 109 
GLY CA  C    sing N N 110 
GLY CA  HA2  sing N N 111 
GLY CA  HA3  sing N N 112 
GLY C   O    doub N N 113 
GLY C   OXT  sing N N 114 
GLY OXT HXT  sing N N 115 
HOH O   H1   sing N N 116 
HOH O   H2   sing N N 117 
ILE N   CA   sing N N 118 
ILE N   H    sing N N 119 
ILE N   H2   sing N N 120 
ILE CA  C    sing N N 121 
ILE CA  CB   sing N N 122 
ILE CA  HA   sing N N 123 
ILE C   O    doub N N 124 
ILE C   OXT  sing N N 125 
ILE CB  CG1  sing N N 126 
ILE CB  CG2  sing N N 127 
ILE CB  HB   sing N N 128 
ILE CG1 CD1  sing N N 129 
ILE CG1 HG12 sing N N 130 
ILE CG1 HG13 sing N N 131 
ILE CG2 HG21 sing N N 132 
ILE CG2 HG22 sing N N 133 
ILE CG2 HG23 sing N N 134 
ILE CD1 HD11 sing N N 135 
ILE CD1 HD12 sing N N 136 
ILE CD1 HD13 sing N N 137 
ILE OXT HXT  sing N N 138 
LEU N   CA   sing N N 139 
LEU N   H    sing N N 140 
LEU N   H2   sing N N 141 
LEU CA  C    sing N N 142 
LEU CA  CB   sing N N 143 
LEU CA  HA   sing N N 144 
LEU C   O    doub N N 145 
LEU C   OXT  sing N N 146 
LEU CB  CG   sing N N 147 
LEU CB  HB2  sing N N 148 
LEU CB  HB3  sing N N 149 
LEU CG  CD1  sing N N 150 
LEU CG  CD2  sing N N 151 
LEU CG  HG   sing N N 152 
LEU CD1 HD11 sing N N 153 
LEU CD1 HD12 sing N N 154 
LEU CD1 HD13 sing N N 155 
LEU CD2 HD21 sing N N 156 
LEU CD2 HD22 sing N N 157 
LEU CD2 HD23 sing N N 158 
LEU OXT HXT  sing N N 159 
LYS N   CA   sing N N 160 
LYS N   H    sing N N 161 
LYS N   H2   sing N N 162 
LYS CA  C    sing N N 163 
LYS CA  CB   sing N N 164 
LYS CA  HA   sing N N 165 
LYS C   O    doub N N 166 
LYS C   OXT  sing N N 167 
LYS CB  CG   sing N N 168 
LYS CB  HB2  sing N N 169 
LYS CB  HB3  sing N N 170 
LYS CG  CD   sing N N 171 
LYS CG  HG2  sing N N 172 
LYS CG  HG3  sing N N 173 
LYS CD  CE   sing N N 174 
LYS CD  HD2  sing N N 175 
LYS CD  HD3  sing N N 176 
LYS CE  NZ   sing N N 177 
LYS CE  HE2  sing N N 178 
LYS CE  HE3  sing N N 179 
LYS NZ  HZ1  sing N N 180 
LYS NZ  HZ2  sing N N 181 
LYS NZ  HZ3  sing N N 182 
LYS OXT HXT  sing N N 183 
MBT C1  C14  sing Y N 184 
MBT C1  N6   doub Y N 185 
MBT C1  C2   sing Y N 186 
MBT C2  S3   doub Y N 187 
MBT C2  C11  sing Y N 188 
MBT S3  C4   sing Y N 189 
MBT C4  C7   doub Y N 190 
MBT C4  C5   sing Y N 191 
MBT C5  N6   sing Y N 192 
MBT C5  C10  doub Y N 193 
MBT C7  C8   sing Y N 194 
MBT C7  H7   sing N N 195 
MBT C8  C9   doub Y N 196 
MBT C8  N15  sing N N 197 
MBT C9  C10  sing Y N 198 
MBT C9  H9   sing N N 199 
MBT C10 H10  sing N N 200 
MBT C11 C12  doub Y N 201 
MBT C11 H11  sing N N 202 
MBT C12 N18  sing N N 203 
MBT C12 C13  sing Y N 204 
MBT C13 C14  doub Y N 205 
MBT C13 H13  sing N N 206 
MBT C14 H14  sing N N 207 
MBT N15 C16  sing N N 208 
MBT N15 C17  sing N N 209 
MBT C16 H161 sing N N 210 
MBT C16 H162 sing N N 211 
MBT C16 H163 sing N N 212 
MBT C17 H171 sing N N 213 
MBT C17 H172 sing N N 214 
MBT C17 H173 sing N N 215 
MBT N18 C19  sing N N 216 
MBT N18 C20  sing N N 217 
MBT C19 H191 sing N N 218 
MBT C19 H192 sing N N 219 
MBT C19 H193 sing N N 220 
MBT C20 H201 sing N N 221 
MBT C20 H202 sing N N 222 
MBT C20 H203 sing N N 223 
MET N   CA   sing N N 224 
MET N   H    sing N N 225 
MET N   H2   sing N N 226 
MET CA  C    sing N N 227 
MET CA  CB   sing N N 228 
MET CA  HA   sing N N 229 
MET C   O    doub N N 230 
MET C   OXT  sing N N 231 
MET CB  CG   sing N N 232 
MET CB  HB2  sing N N 233 
MET CB  HB3  sing N N 234 
MET CG  SD   sing N N 235 
MET CG  HG2  sing N N 236 
MET CG  HG3  sing N N 237 
MET SD  CE   sing N N 238 
MET CE  HE1  sing N N 239 
MET CE  HE2  sing N N 240 
MET CE  HE3  sing N N 241 
MET OXT HXT  sing N N 242 
SER N   CA   sing N N 243 
SER N   H    sing N N 244 
SER N   H2   sing N N 245 
SER CA  C    sing N N 246 
SER CA  CB   sing N N 247 
SER CA  HA   sing N N 248 
SER C   O    doub N N 249 
SER C   OXT  sing N N 250 
SER CB  OG   sing N N 251 
SER CB  HB2  sing N N 252 
SER CB  HB3  sing N N 253 
SER OG  HG   sing N N 254 
SER OXT HXT  sing N N 255 
THR N   CA   sing N N 256 
THR N   H    sing N N 257 
THR N   H2   sing N N 258 
THR CA  C    sing N N 259 
THR CA  CB   sing N N 260 
THR CA  HA   sing N N 261 
THR C   O    doub N N 262 
THR C   OXT  sing N N 263 
THR CB  OG1  sing N N 264 
THR CB  CG2  sing N N 265 
THR CB  HB   sing N N 266 
THR OG1 HG1  sing N N 267 
THR CG2 HG21 sing N N 268 
THR CG2 HG22 sing N N 269 
THR CG2 HG23 sing N N 270 
THR OXT HXT  sing N N 271 
TRP N   CA   sing N N 272 
TRP N   H    sing N N 273 
TRP N   H2   sing N N 274 
TRP CA  C    sing N N 275 
TRP CA  CB   sing N N 276 
TRP CA  HA   sing N N 277 
TRP C   O    doub N N 278 
TRP C   OXT  sing N N 279 
TRP CB  CG   sing N N 280 
TRP CB  HB2  sing N N 281 
TRP CB  HB3  sing N N 282 
TRP CG  CD1  doub Y N 283 
TRP CG  CD2  sing Y N 284 
TRP CD1 NE1  sing Y N 285 
TRP CD1 HD1  sing N N 286 
TRP CD2 CE2  doub Y N 287 
TRP CD2 CE3  sing Y N 288 
TRP NE1 CE2  sing Y N 289 
TRP NE1 HE1  sing N N 290 
TRP CE2 CZ2  sing Y N 291 
TRP CE3 CZ3  doub Y N 292 
TRP CE3 HE3  sing N N 293 
TRP CZ2 CH2  doub Y N 294 
TRP CZ2 HZ2  sing N N 295 
TRP CZ3 CH2  sing Y N 296 
TRP CZ3 HZ3  sing N N 297 
TRP CH2 HH2  sing N N 298 
TRP OXT HXT  sing N N 299 
TYR N   CA   sing N N 300 
TYR N   H    sing N N 301 
TYR N   H2   sing N N 302 
TYR CA  C    sing N N 303 
TYR CA  CB   sing N N 304 
TYR CA  HA   sing N N 305 
TYR C   O    doub N N 306 
TYR C   OXT  sing N N 307 
TYR CB  CG   sing N N 308 
TYR CB  HB2  sing N N 309 
TYR CB  HB3  sing N N 310 
TYR CG  CD1  doub Y N 311 
TYR CG  CD2  sing Y N 312 
TYR CD1 CE1  sing Y N 313 
TYR CD1 HD1  sing N N 314 
TYR CD2 CE2  doub Y N 315 
TYR CD2 HD2  sing N N 316 
TYR CE1 CZ   doub Y N 317 
TYR CE1 HE1  sing N N 318 
TYR CE2 CZ   sing Y N 319 
TYR CE2 HE2  sing N N 320 
TYR CZ  OH   sing N N 321 
TYR OH  HH   sing N N 322 
TYR OXT HXT  sing N N 323 
VAL N   CA   sing N N 324 
VAL N   H    sing N N 325 
VAL N   H2   sing N N 326 
VAL CA  C    sing N N 327 
VAL CA  CB   sing N N 328 
VAL CA  HA   sing N N 329 
VAL C   O    doub N N 330 
VAL C   OXT  sing N N 331 
VAL CB  CG1  sing N N 332 
VAL CB  CG2  sing N N 333 
VAL CB  HB   sing N N 334 
VAL CG1 HG11 sing N N 335 
VAL CG1 HG12 sing N N 336 
VAL CG1 HG13 sing N N 337 
VAL CG2 HG21 sing N N 338 
VAL CG2 HG22 sing N N 339 
VAL CG2 HG23 sing N N 340 
VAL OXT HXT  sing N N 341 
# 
_pdbx_audit_support.funding_organization   'Natural Sciences and Engineering Research Council (NSERC, Canada)' 
_pdbx_audit_support.country                Canada 
_pdbx_audit_support.grant_number           RGPIN435607-13 
_pdbx_audit_support.ordinal                1 
# 
_atom_sites.entry_id                    4XYP 
_atom_sites.fract_transf_matrix[1][1]   -0.02113669 
_atom_sites.fract_transf_matrix[1][2]   0.01456088 
_atom_sites.fract_transf_matrix[1][3]   -0.00815862 
_atom_sites.fract_transf_matrix[2][1]   -0.01511073 
_atom_sites.fract_transf_matrix[2][2]   0.01308523 
_atom_sites.fract_transf_matrix[2][3]   0.01804925 
_atom_sites.fract_transf_matrix[3][1]   0.00253338 
_atom_sites.fract_transf_matrix[3][2]   0.00346025 
_atom_sites.fract_transf_matrix[3][3]   -0.00038767 
_atom_sites.fract_transf_vector[1]      0.307076 
_atom_sites.fract_transf_vector[2]      -0.304773 
_atom_sites.fract_transf_vector[3]      0.012941 
# 
loop_
_atom_type.symbol 
C  
CL 
H  
N  
O  
S  
# 
loop_
_atom_site.group_PDB 
_atom_site.id 
_atom_site.type_symbol 
_atom_site.label_atom_id 
_atom_site.label_alt_id 
_atom_site.label_comp_id 
_atom_site.label_asym_id 
_atom_site.label_entity_id 
_atom_site.label_seq_id 
_atom_site.pdbx_PDB_ins_code 
_atom_site.Cartn_x 
_atom_site.Cartn_y 
_atom_site.Cartn_z 
_atom_site.occupancy 
_atom_site.B_iso_or_equiv 
_atom_site.pdbx_formal_charge 
_atom_site.auth_seq_id 
_atom_site.auth_comp_id 
_atom_site.auth_asym_id 
_atom_site.auth_atom_id 
_atom_site.pdbx_PDB_model_num 
ATOM   1    N  N    . VAL A 1 1  ? -23.106 -38.190 -2.989  1.00 64.75  ? 308 VAL A N    1 
ATOM   2    C  CA   . VAL A 1 1  ? -23.097 -37.588 -1.652  1.00 67.10  ? 308 VAL A CA   1 
ATOM   3    C  C    . VAL A 1 1  ? -21.694 -37.164 -1.251  1.00 69.21  ? 308 VAL A C    1 
ATOM   4    O  O    . VAL A 1 1  ? -21.384 -35.965 -1.186  1.00 68.52  ? 308 VAL A O    1 
ATOM   5    C  CB   . VAL A 1 1  ? -23.629 -38.557 -0.582  1.00 61.82  ? 308 VAL A CB   1 
ATOM   6    H  HA   . VAL A 1 1  ? -23.662 -36.800 -1.655  1.00 80.52  ? 308 VAL A HA   1 
ATOM   7    N  N    . LYS A 1 2  ? -20.851 -38.164 -0.993  1.00 69.49  ? 309 LYS A N    1 
ATOM   8    C  CA   . LYS A 1 2  ? -19.462 -37.953 -0.597  1.00 67.48  ? 309 LYS A CA   1 
ATOM   9    C  C    . LYS A 1 2  ? -18.702 -37.137 -1.636  1.00 64.63  ? 309 LYS A C    1 
ATOM   10   O  O    . LYS A 1 2  ? -17.837 -36.336 -1.282  1.00 64.27  ? 309 LYS A O    1 
ATOM   11   C  CB   . LYS A 1 2  ? -18.753 -39.302 -0.373  1.00 61.90  ? 309 LYS A CB   1 
ATOM   12   H  H    . LYS A 1 2  ? -21.067 -38.995 -1.044  1.00 83.39  ? 309 LYS A H    1 
ATOM   13   H  HA   . LYS A 1 2  ? -19.444 -37.463 0.240   1.00 80.98  ? 309 LYS A HA   1 
ATOM   14   H  HB2  . LYS A 1 2  ? -17.828 -39.137 -0.130  1.00 74.28  ? 309 LYS A HB2  1 
ATOM   15   H  HB3  . LYS A 1 2  ? -18.793 -39.820 -1.192  1.00 74.28  ? 309 LYS A HB3  1 
ATOM   16   N  N    . GLU A 1 3  ? -19.043 -37.319 -2.910  1.00 65.27  ? 310 GLU A N    1 
ATOM   17   C  CA   . GLU A 1 3  ? -18.325 -36.660 -3.998  1.00 62.98  ? 310 GLU A CA   1 
ATOM   18   C  C    . GLU A 1 3  ? -18.821 -35.231 -4.262  1.00 64.23  ? 310 GLU A C    1 
ATOM   19   O  O    . GLU A 1 3  ? -18.072 -34.377 -4.775  1.00 55.08  ? 310 GLU A O    1 
ATOM   20   C  CB   . GLU A 1 3  ? -18.435 -37.493 -5.277  1.00 53.09  ? 310 GLU A CB   1 
ATOM   21   H  H    . GLU A 1 3  ? -19.690 -37.822 -3.171  1.00 78.32  ? 310 GLU A H    1 
ATOM   22   H  HA   . GLU A 1 3  ? -17.386 -36.606 -3.761  1.00 75.57  ? 310 GLU A HA   1 
ATOM   23   H  HB2  . GLU A 1 3  ? -17.973 -37.034 -5.994  1.00 63.71  ? 310 GLU A HB2  1 
ATOM   24   H  HB3  . GLU A 1 3  ? -19.373 -37.603 -5.503  1.00 63.71  ? 310 GLU A HB3  1 
ATOM   25   N  N    . LYS A 1 4  ? -20.074 -34.955 -3.925  1.00 52.84  ? 311 LYS A N    1 
ATOM   26   C  CA   . LYS A 1 4  ? -20.559 -33.592 -4.047  1.00 47.55  ? 311 LYS A CA   1 
ATOM   27   C  C    . LYS A 1 4  ? -19.861 -32.766 -2.949  1.00 46.81  ? 311 LYS A C    1 
ATOM   28   O  O    . LYS A 1 4  ? -19.335 -31.681 -3.200  1.00 40.74  ? 311 LYS A O    1 
ATOM   29   C  CB   . LYS A 1 4  ? -22.079 -33.525 -3.942  1.00 50.69  ? 311 LYS A CB   1 
ATOM   30   H  H    . LYS A 1 4  ? -20.649 -35.523 -3.631  1.00 63.41  ? 311 LYS A H    1 
ATOM   31   H  HA   . LYS A 1 4  ? -20.297 -33.235 -4.911  1.00 57.06  ? 311 LYS A HA   1 
ATOM   32   N  N    . LEU A 1 5  ? -19.799 -33.312 -1.747  1.00 42.82  ? 312 LEU A N    1 
ATOM   33   C  CA   . LEU A 1 5  ? -19.179 -32.600 -0.638  1.00 47.35  ? 312 LEU A CA   1 
ATOM   34   C  C    . LEU A 1 5  ? -17.702 -32.457 -0.852  1.00 41.07  ? 312 LEU A C    1 
ATOM   35   O  O    . LEU A 1 5  ? -17.137 -31.414 -0.521  1.00 41.65  ? 312 LEU A O    1 
ATOM   36   C  CB   . LEU A 1 5  ? -19.427 -33.295 0.687   1.00 39.96  ? 312 LEU A CB   1 
ATOM   37   C  CG   . LEU A 1 5  ? -20.886 -33.347 1.119   1.00 49.36  ? 312 LEU A CG   1 
ATOM   38   C  CD1  . LEU A 1 5  ? -21.000 -34.193 2.352   1.00 54.46  ? 312 LEU A CD1  1 
ATOM   39   C  CD2  . LEU A 1 5  ? -21.417 -31.970 1.419   1.00 53.34  ? 312 LEU A CD2  1 
ATOM   40   H  H    . LEU A 1 5  ? -20.105 -34.089 -1.545  1.00 51.39  ? 312 LEU A H    1 
ATOM   41   H  HA   . LEU A 1 5  ? -19.560 -31.709 -0.584  1.00 56.82  ? 312 LEU A HA   1 
ATOM   42   H  HB2  . LEU A 1 5  ? -19.108 -34.210 0.620   1.00 47.95  ? 312 LEU A HB2  1 
ATOM   43   H  HB3  . LEU A 1 5  ? -18.933 -32.828 1.379   1.00 47.95  ? 312 LEU A HB3  1 
ATOM   44   H  HG   . LEU A 1 5  ? -21.425 -33.744 0.416   1.00 59.24  ? 312 LEU A HG   1 
ATOM   45   H  HD11 . LEU A 1 5  ? -21.930 -34.227 2.627   1.00 65.35  ? 312 LEU A HD11 1 
ATOM   46   H  HD12 . LEU A 1 5  ? -20.682 -35.088 2.151   1.00 65.35  ? 312 LEU A HD12 1 
ATOM   47   H  HD13 . LEU A 1 5  ? -20.460 -33.801 3.055   1.00 65.35  ? 312 LEU A HD13 1 
ATOM   48   H  HD21 . LEU A 1 5  ? -22.347 -32.042 1.690   1.00 64.01  ? 312 LEU A HD21 1 
ATOM   49   H  HD22 . LEU A 1 5  ? -20.893 -31.580 2.136   1.00 64.01  ? 312 LEU A HD22 1 
ATOM   50   H  HD23 . LEU A 1 5  ? -21.347 -31.424 0.621   1.00 64.01  ? 312 LEU A HD23 1 
ATOM   51   N  N    . ASN A 1 6  ? -17.062 -33.484 -1.412  1.00 46.89  ? 313 ASN A N    1 
ATOM   52   C  CA   A ASN A 1 6  ? -15.640 -33.412 -1.693  0.47 43.40  ? 313 ASN A CA   1 
ATOM   53   C  CA   B ASN A 1 6  ? -15.638 -33.397 -1.678  0.53 43.29  ? 313 ASN A CA   1 
ATOM   54   C  C    . ASN A 1 6  ? -15.369 -32.386 -2.787  1.00 46.30  ? 313 ASN A C    1 
ATOM   55   O  O    . ASN A 1 6  ? -14.374 -31.666 -2.747  1.00 44.24  ? 313 ASN A O    1 
ATOM   56   C  CB   A ASN A 1 6  ? -15.103 -34.787 -2.091  0.47 50.55  ? 313 ASN A CB   1 
ATOM   57   C  CB   B ASN A 1 6  ? -15.038 -34.753 -2.020  0.53 50.52  ? 313 ASN A CB   1 
ATOM   58   C  CG   A ASN A 1 6  ? -13.657 -34.745 -2.521  0.47 47.98  ? 313 ASN A CG   1 
ATOM   59   C  CG   B ASN A 1 6  ? -13.866 -35.102 -1.124  0.53 50.94  ? 313 ASN A CG   1 
ATOM   60   O  OD1  A ASN A 1 6  ? -12.755 -34.658 -1.688  0.47 56.42  ? 313 ASN A OD1  1 
ATOM   61   O  OD1  B ASN A 1 6  ? -13.979 -35.078 0.107   0.53 51.86  ? 313 ASN A OD1  1 
ATOM   62   N  ND2  A ASN A 1 6  ? -13.422 -34.804 -3.828  0.47 53.94  ? 313 ASN A ND2  1 
ATOM   63   N  ND2  B ASN A 1 6  ? -12.722 -35.386 -1.732  0.53 56.33  ? 313 ASN A ND2  1 
ATOM   64   H  H    . ASN A 1 6  ? -17.426 -34.229 -1.639  1.00 56.27  ? 313 ASN A H    1 
ATOM   65   H  HA   . ASN A 1 6  ? -15.184 -33.101 -0.884  1.00 51.95  ? 313 ASN A HA   1 
ATOM   66   H  HB2  A ASN A 1 6  ? -15.173 -35.386 -1.331  0.47 60.66  ? 313 ASN A HB2  1 
ATOM   67   H  HB2  B ASN A 1 6  ? -15.717 -35.437 -1.912  0.53 60.63  ? 313 ASN A HB2  1 
ATOM   68   H  HB3  A ASN A 1 6  ? -15.626 -35.128 -2.833  0.47 60.66  ? 313 ASN A HB3  1 
ATOM   69   H  HB3  B ASN A 1 6  ? -14.722 -34.738 -2.938  0.53 60.63  ? 313 ASN A HB3  1 
ATOM   70   H  HD21 A ASN A 1 6  ? -12.614 -34.784 -4.121  0.47 64.72  ? 313 ASN A HD21 1 
ATOM   71   H  HD21 B ASN A 1 6  ? -12.027 -35.590 -1.268  0.53 67.60  ? 313 ASN A HD21 1 
ATOM   72   H  HD22 A ASN A 1 6  ? -14.079 -34.863 -4.381  0.47 64.72  ? 313 ASN A HD22 1 
ATOM   73   H  HD22 B ASN A 1 6  ? -12.674 -35.365 -2.591  0.53 67.60  ? 313 ASN A HD22 1 
ATOM   74   N  N    . GLY A 1 7  ? -16.275 -32.295 -3.755  1.00 44.32  ? 314 GLY A N    1 
ATOM   75   C  CA   . GLY A 1 7  ? -16.130 -31.312 -4.824  1.00 36.89  ? 314 GLY A CA   1 
ATOM   76   C  C    . GLY A 1 7  ? -16.227 -29.899 -4.259  1.00 35.66  ? 314 GLY A C    1 
ATOM   77   O  O    . GLY A 1 7  ? -15.463 -29.003 -4.626  1.00 38.49  ? 314 GLY A O    1 
ATOM   78   H  H    . GLY A 1 7  ? -16.978 -32.787 -3.817  1.00 53.18  ? 314 GLY A H    1 
ATOM   79   H  HA2  . GLY A 1 7  ? -15.269 -31.420 -5.256  1.00 44.27  ? 314 GLY A HA2  1 
ATOM   80   H  HA3  . GLY A 1 7  ? -16.831 -31.435 -5.483  1.00 44.27  ? 314 GLY A HA3  1 
ATOM   81   N  N    . ILE A 1 8  ? -17.145 -29.717 -3.319  1.00 32.35  ? 315 ILE A N    1 
ATOM   82   C  CA   . ILE A 1 8  ? -17.346 -28.431 -2.688  1.00 32.25  ? 315 ILE A CA   1 
ATOM   83   C  C    . ILE A 1 8  ? -16.123 -27.998 -1.869  1.00 34.79  ? 315 ILE A C    1 
ATOM   84   O  O    . ILE A 1 8  ? -15.653 -26.856 -1.984  1.00 34.57  ? 315 ILE A O    1 
ATOM   85   C  CB   . ILE A 1 8  ? -18.570 -28.480 -1.825  1.00 29.90  ? 315 ILE A CB   1 
ATOM   86   C  CG1  . ILE A 1 8  ? -19.782 -28.526 -2.768  1.00 43.22  ? 315 ILE A CG1  1 
ATOM   87   C  CG2  . ILE A 1 8  ? -18.650 -27.254 -0.894  1.00 43.06  ? 315 ILE A CG2  1 
ATOM   88   C  CD1  . ILE A 1 8  ? -21.112 -28.739 -2.098  1.00 41.46  ? 315 ILE A CD1  1 
ATOM   89   H  H    . ILE A 1 8  ? -17.669 -30.334 -3.029  1.00 38.82  ? 315 ILE A H    1 
ATOM   90   H  HA   . ILE A 1 8  ? -17.493 -27.765 -3.376  1.00 38.69  ? 315 ILE A HA   1 
ATOM   91   H  HB   . ILE A 1 8  ? -18.551 -29.289 -1.289  1.00 35.88  ? 315 ILE A HB   1 
ATOM   92   H  HG12 . ILE A 1 8  ? -19.829 -27.686 -3.248  1.00 51.86  ? 315 ILE A HG12 1 
ATOM   93   H  HG13 . ILE A 1 8  ? -19.653 -29.253 -3.397  1.00 51.86  ? 315 ILE A HG13 1 
ATOM   94   H  HG21 . ILE A 1 8  ? -19.453 -27.321 -0.353  1.00 51.67  ? 315 ILE A HG21 1 
ATOM   95   H  HG22 . ILE A 1 8  ? -17.866 -27.241 -0.323  1.00 51.67  ? 315 ILE A HG22 1 
ATOM   96   H  HG23 . ILE A 1 8  ? -18.681 -26.450 -1.434  1.00 51.67  ? 315 ILE A HG23 1 
ATOM   97   H  HD11 . ILE A 1 8  ? -21.807 -28.753 -2.774  1.00 49.75  ? 315 ILE A HD11 1 
ATOM   98   H  HD12 . ILE A 1 8  ? -21.094 -29.585 -1.623  1.00 49.75  ? 315 ILE A HD12 1 
ATOM   99   H  HD13 . ILE A 1 8  ? -21.270 -28.013 -1.473  1.00 49.75  ? 315 ILE A HD13 1 
ATOM   100  N  N    . ILE A 1 9  ? -15.622 -28.909 -1.046  1.00 33.44  ? 316 ILE A N    1 
ATOM   101  C  CA   . ILE A 1 9  ? -14.445 -28.647 -0.246  1.00 31.96  ? 316 ILE A CA   1 
ATOM   102  C  C    . ILE A 1 9  ? -13.279 -28.248 -1.121  1.00 36.14  ? 316 ILE A C    1 
ATOM   103  O  O    . ILE A 1 9  ? -12.547 -27.333 -0.774  1.00 31.67  ? 316 ILE A O    1 
ATOM   104  C  CB   . ILE A 1 9  ? -14.086 -29.858 0.612   1.00 32.68  ? 316 ILE A CB   1 
ATOM   105  C  CG1  . ILE A 1 9  ? -15.153 -30.012 1.689   1.00 37.67  ? 316 ILE A CG1  1 
ATOM   106  C  CG2  . ILE A 1 9  ? -12.693 -29.686 1.258   1.00 36.25  ? 316 ILE A CG2  1 
ATOM   107  C  CD1  . ILE A 1 9  ? -15.167 -31.374 2.392   1.00 52.40  ? 316 ILE A CD1  1 
ATOM   108  H  H    . ILE A 1 9  ? -15.953 -29.694 -0.934  1.00 40.13  ? 316 ILE A H    1 
ATOM   109  H  HA   . ILE A 1 9  ? -14.632 -27.907 0.352   1.00 38.35  ? 316 ILE A HA   1 
ATOM   110  H  HB   . ILE A 1 9  ? -14.081 -30.651 0.054   1.00 39.21  ? 316 ILE A HB   1 
ATOM   111  H  HG12 . ILE A 1 9  ? -15.009 -29.334 2.366   1.00 45.20  ? 316 ILE A HG12 1 
ATOM   112  H  HG13 . ILE A 1 9  ? -16.024 -29.884 1.281   1.00 45.20  ? 316 ILE A HG13 1 
ATOM   113  H  HG21 . ILE A 1 9  ? -12.496 -30.470 1.794   1.00 43.50  ? 316 ILE A HG21 1 
ATOM   114  H  HG22 . ILE A 1 9  ? -12.030 -29.589 0.557   1.00 43.50  ? 316 ILE A HG22 1 
ATOM   115  H  HG23 . ILE A 1 9  ? -12.701 -28.894 1.819   1.00 43.50  ? 316 ILE A HG23 1 
ATOM   116  H  HD11 . ILE A 1 9  ? -15.875 -31.378 3.055   1.00 62.88  ? 316 ILE A HD11 1 
ATOM   117  H  HD12 . ILE A 1 9  ? -15.327 -32.067 1.733   1.00 62.88  ? 316 ILE A HD12 1 
ATOM   118  H  HD13 . ILE A 1 9  ? -14.310 -31.515 2.821   1.00 62.88  ? 316 ILE A HD13 1 
ATOM   119  N  N    . ASP A 1 10 ? -13.118 -28.908 -2.259  1.00 33.87  ? 317 ASP A N    1 
ATOM   120  C  CA   . ASP A 1 10 ? -12.063 -28.572 -3.203  1.00 37.50  ? 317 ASP A CA   1 
ATOM   121  C  C    . ASP A 1 10 ? -12.171 -27.159 -3.755  1.00 39.51  ? 317 ASP A C    1 
ATOM   122  O  O    . ASP A 1 10 ? -11.149 -26.469 -3.892  1.00 30.05  ? 317 ASP A O    1 
ATOM   123  C  CB   . ASP A 1 10 ? -12.054 -29.556 -4.359  1.00 38.35  ? 317 ASP A CB   1 
ATOM   124  C  CG   . ASP A 1 10 ? -11.530 -30.919 -3.950  1.00 70.49  ? 317 ASP A CG   1 
ATOM   125  O  OD1  . ASP A 1 10 ? -10.796 -30.985 -2.936  1.00 69.51  ? 317 ASP A OD1  1 
ATOM   126  O  OD2  . ASP A 1 10 ? -11.841 -31.921 -4.642  1.00 89.48  ? 317 ASP A OD2  1 
ATOM   127  H  H    . ASP A 1 10 ? -13.615 -29.564 -2.510  1.00 40.64  ? 317 ASP A H    1 
ATOM   128  H  HA   . ASP A 1 10 ? -11.209 -28.644 -2.751  1.00 45.01  ? 317 ASP A HA   1 
ATOM   129  H  HB2  . ASP A 1 10 ? -12.960 -29.668 -4.688  1.00 46.01  ? 317 ASP A HB2  1 
ATOM   130  H  HB3  . ASP A 1 10 ? -11.483 -29.213 -5.064  1.00 46.01  ? 317 ASP A HB3  1 
ATOM   131  N  N    . GLN A 1 11 ? -13.390 -26.717 -4.073  1.00 34.23  ? 318 GLN A N    1 
ATOM   132  C  CA   . GLN A 1 11 ? -13.584 -25.325 -4.521  1.00 34.12  ? 318 GLN A CA   1 
ATOM   133  C  C    . GLN A 1 11 ? -13.285 -24.333 -3.396  1.00 31.13  ? 318 GLN A C    1 
ATOM   134  O  O    . GLN A 1 11 ? -12.664 -23.288 -3.628  1.00 31.77  ? 318 GLN A O    1 
ATOM   135  C  CB   . GLN A 1 11 ? -15.012 -25.091 -5.055  1.00 31.68  ? 318 GLN A CB   1 
ATOM   136  C  CG   . GLN A 1 11 ? -15.319 -25.902 -6.286  1.00 38.72  ? 318 GLN A CG   1 
ATOM   137  C  CD   . GLN A 1 11 ? -14.492 -25.469 -7.441  1.00 40.67  ? 318 GLN A CD   1 
ATOM   138  O  OE1  . GLN A 1 11 ? -14.559 -24.305 -7.861  1.00 42.63  ? 318 GLN A OE1  1 
ATOM   139  N  NE2  . GLN A 1 11 ? -13.690 -26.382 -7.975  1.00 50.00  ? 318 GLN A NE2  1 
ATOM   140  H  H    . GLN A 1 11 ? -14.109 -27.187 -4.040  1.00 41.08  ? 318 GLN A H    1 
ATOM   141  H  HA   . GLN A 1 11 ? -12.965 -25.143 -5.245  1.00 40.94  ? 318 GLN A HA   1 
ATOM   142  H  HB2  . GLN A 1 11 ? -15.652 -25.339 -4.368  1.00 38.02  ? 318 GLN A HB2  1 
ATOM   143  H  HB3  . GLN A 1 11 ? -15.116 -24.154 -5.281  1.00 38.02  ? 318 GLN A HB3  1 
ATOM   144  H  HG2  . GLN A 1 11 ? -15.128 -26.837 -6.109  1.00 46.46  ? 318 GLN A HG2  1 
ATOM   145  H  HG3  . GLN A 1 11 ? -16.253 -25.788 -6.521  1.00 46.46  ? 318 GLN A HG3  1 
ATOM   146  H  HE21 . GLN A 1 11 ? -13.668 -27.177 -7.649  1.00 60.00  ? 318 GLN A HE21 1 
ATOM   147  H  HE22 . GLN A 1 11 ? -13.191 -26.178 -8.645  1.00 60.00  ? 318 GLN A HE22 1 
ATOM   148  N  N    . ILE A 1 12 ? -13.661 -24.666 -2.170  1.00 33.70  ? 319 ILE A N    1 
ATOM   149  C  CA   . ILE A 1 12 ? -13.306 -23.774 -1.057  1.00 28.87  ? 319 ILE A CA   1 
ATOM   150  C  C    . ILE A 1 12 ? -11.790 -23.634 -0.958  1.00 27.12  ? 319 ILE A C    1 
ATOM   151  O  O    . ILE A 1 12 ? -11.286 -22.527 -0.847  1.00 28.89  ? 319 ILE A O    1 
ATOM   152  C  CB   . ILE A 1 12 ? -13.880 -24.250 0.303   1.00 38.11  ? 319 ILE A CB   1 
ATOM   153  C  CG1  . ILE A 1 12 ? -15.404 -24.173 0.282   1.00 38.23  ? 319 ILE A CG1  1 
ATOM   154  C  CG2  . ILE A 1 12 ? -13.314 -23.402 1.502   1.00 33.12  ? 319 ILE A CG2  1 
ATOM   155  C  CD1  . ILE A 1 12 ? -16.056 -25.020 1.388   1.00 39.51  ? 319 ILE A CD1  1 
ATOM   156  H  H    . ILE A 1 12 ? -14.105 -25.371 -1.953  1.00 40.44  ? 319 ILE A H    1 
ATOM   157  H  HA   . ILE A 1 12 ? -13.672 -22.895 -1.237  1.00 34.65  ? 319 ILE A HA   1 
ATOM   158  H  HB   . ILE A 1 12 ? -13.623 -25.176 0.436   1.00 45.73  ? 319 ILE A HB   1 
ATOM   159  H  HG12 . ILE A 1 12 ? -15.676 -23.250 0.411   1.00 45.88  ? 319 ILE A HG12 1 
ATOM   160  H  HG13 . ILE A 1 12 ? -15.726 -24.496 -0.573  1.00 45.88  ? 319 ILE A HG13 1 
ATOM   161  H  HG21 . ILE A 1 12 ? -13.696 -23.733 2.330   1.00 39.75  ? 319 ILE A HG21 1 
ATOM   162  H  HG22 . ILE A 1 12 ? -12.348 -23.493 1.524   1.00 39.75  ? 319 ILE A HG22 1 
ATOM   163  H  HG23 . ILE A 1 12 ? -13.556 -22.472 1.373   1.00 39.75  ? 319 ILE A HG23 1 
ATOM   164  H  HD11 . ILE A 1 12 ? -17.020 -24.932 1.324   1.00 47.41  ? 319 ILE A HD11 1 
ATOM   165  H  HD12 . ILE A 1 12 ? -15.799 -25.947 1.266   1.00 47.41  ? 319 ILE A HD12 1 
ATOM   166  H  HD13 . ILE A 1 12 ? -15.749 -24.701 2.251   1.00 47.41  ? 319 ILE A HD13 1 
ATOM   167  N  N    . ASN A 1 13 ? -11.058 -24.736 -1.034  1.00 32.45  ? 320 ASN A N    1 
ATOM   168  C  CA   . ASN A 1 13 ? -9.596  -24.666 -1.042  1.00 31.17  ? 320 ASN A CA   1 
ATOM   169  C  C    . ASN A 1 13 ? -9.051  -23.868 -2.215  1.00 36.74  ? 320 ASN A C    1 
ATOM   170  O  O    . ASN A 1 13 ? -8.145  -23.076 -2.016  1.00 29.88  ? 320 ASN A O    1 
ATOM   171  C  CB   . ASN A 1 13 ? -8.997  -26.070 -1.039  1.00 34.91  ? 320 ASN A CB   1 
ATOM   172  C  CG   . ASN A 1 13 ? -9.290  -26.776 0.226   1.00 37.29  ? 320 ASN A CG   1 
ATOM   173  O  OD1  . ASN A 1 13 ? -9.449  -26.127 1.249   1.00 41.23  ? 320 ASN A OD1  1 
ATOM   174  N  ND2  . ASN A 1 13 ? -9.420  -28.094 0.178   1.00 36.40  ? 320 ASN A ND2  1 
ATOM   175  H  H    . ASN A 1 13 ? -11.377 -25.533 -1.081  1.00 38.94  ? 320 ASN A H    1 
ATOM   176  H  HA   . ASN A 1 13 ? -9.305  -24.223 -0.229  1.00 37.41  ? 320 ASN A HA   1 
ATOM   177  H  HB2  . ASN A 1 13 ? -9.378  -26.582 -1.770  1.00 41.90  ? 320 ASN A HB2  1 
ATOM   178  H  HB3  . ASN A 1 13 ? -8.034  -26.008 -1.137  1.00 41.90  ? 320 ASN A HB3  1 
ATOM   179  H  HD21 . ASN A 1 13 ? -9.591  -28.534 0.897   1.00 43.68  ? 320 ASN A HD21 1 
ATOM   180  H  HD22 . ASN A 1 13 ? -9.335  -28.507 -0.571  1.00 43.68  ? 320 ASN A HD22 1 
ATOM   181  N  N    . LYS A 1 14 ? -9.603  -24.034 -3.420  1.00 32.41  ? 321 LYS A N    1 
ATOM   182  C  CA   . LYS A 1 14 ? -9.121  -23.228 -4.539  1.00 30.55  ? 321 LYS A CA   1 
ATOM   183  C  C    . LYS A 1 14 ? -9.381  -21.765 -4.323  1.00 31.14  ? 321 LYS A C    1 
ATOM   184  O  O    . LYS A 1 14 ? -8.504  -20.938 -4.561  1.00 33.08  ? 321 LYS A O    1 
ATOM   185  C  CB   . LYS A 1 14 ? -9.747  -23.654 -5.847  1.00 35.35  ? 321 LYS A CB   1 
ATOM   186  C  CG   . LYS A 1 14 ? -9.193  -24.963 -6.332  1.00 50.06  ? 321 LYS A CG   1 
ATOM   187  C  CD   . LYS A 1 14 ? -9.695  -25.229 -7.753  1.00 59.43  ? 321 LYS A CD   1 
ATOM   188  C  CE   . LYS A 1 14 ? -9.445  -26.647 -8.205  1.00 56.51  ? 321 LYS A CE   1 
ATOM   189  N  NZ   . LYS A 1 14 ? -10.654 -27.482 -7.972  1.00 79.46  ? 321 LYS A NZ   1 
ATOM   190  H  H    . LYS A 1 14 ? -10.234 -24.586 -3.609  1.00 38.90  ? 321 LYS A H    1 
ATOM   191  H  HA   . LYS A 1 14 ? -8.161  -23.349 -4.619  1.00 36.66  ? 321 LYS A HA   1 
ATOM   192  H  HB2  . LYS A 1 14 ? -10.703 -23.758 -5.724  1.00 42.42  ? 321 LYS A HB2  1 
ATOM   193  H  HB3  . LYS A 1 14 ? -9.566  -22.981 -6.521  1.00 42.42  ? 321 LYS A HB3  1 
ATOM   194  H  HG2  . LYS A 1 14 ? -8.224  -24.923 -6.347  1.00 60.07  ? 321 LYS A HG2  1 
ATOM   195  H  HG3  . LYS A 1 14 ? -9.496  -25.682 -5.755  1.00 60.07  ? 321 LYS A HG3  1 
ATOM   196  H  HD2  . LYS A 1 14 ? -10.651 -25.066 -7.785  1.00 71.32  ? 321 LYS A HD2  1 
ATOM   197  H  HD3  . LYS A 1 14 ? -9.236  -24.633 -8.366  1.00 71.32  ? 321 LYS A HD3  1 
ATOM   198  H  HE2  . LYS A 1 14 ? -9.245  -26.654 -9.154  1.00 67.82  ? 321 LYS A HE2  1 
ATOM   199  H  HE3  . LYS A 1 14 ? -8.709  -27.023 -7.699  1.00 67.82  ? 321 LYS A HE3  1 
ATOM   200  H  HZ1  . LYS A 1 14 ? -10.501 -28.317 -8.240  1.00 95.35  ? 321 LYS A HZ1  1 
ATOM   201  H  HZ2  . LYS A 1 14 ? -10.857 -27.489 -7.106  1.00 95.35  ? 321 LYS A HZ2  1 
ATOM   202  H  HZ3  . LYS A 1 14 ? -11.343 -27.153 -8.428  1.00 95.35  ? 321 LYS A HZ3  1 
ATOM   203  N  N    . VAL A 1 15 ? -10.576 -21.419 -3.860  1.00 33.46  ? 322 VAL A N    1 
ATOM   204  C  CA   . VAL A 1 15 ? -10.833 -20.009 -3.595  1.00 32.65  ? 322 VAL A CA   1 
ATOM   205  C  C    . VAL A 1 15 ? -9.844  -19.454 -2.563  1.00 31.62  ? 322 VAL A C    1 
ATOM   206  O  O    . VAL A 1 15 ? -9.312  -18.328 -2.704  1.00 32.30  ? 322 VAL A O    1 
ATOM   207  C  CB   . VAL A 1 15 ? -12.268 -19.769 -3.094  1.00 35.64  ? 322 VAL A CB   1 
ATOM   208  C  CG1  . VAL A 1 15 ? -12.439 -18.326 -2.689  1.00 37.93  ? 322 VAL A CG1  1 
ATOM   209  C  CG2  . VAL A 1 15 ? -13.291 -20.087 -4.183  1.00 35.49  ? 322 VAL A CG2  1 
ATOM   210  H  H    . VAL A 1 15 ? -11.230 -21.953 -3.697  1.00 40.16  ? 322 VAL A H    1 
ATOM   211  H  HA   . VAL A 1 15 ? -10.718 -19.509 -4.418  1.00 39.18  ? 322 VAL A HA   1 
ATOM   212  H  HB   . VAL A 1 15 ? -12.446 -20.332 -2.325  1.00 42.77  ? 322 VAL A HB   1 
ATOM   213  H  HG11 . VAL A 1 15 ? -13.348 -18.192 -2.376  1.00 45.51  ? 322 VAL A HG11 1 
ATOM   214  H  HG12 . VAL A 1 15 ? -11.811 -18.122 -1.978  1.00 45.51  ? 322 VAL A HG12 1 
ATOM   215  H  HG13 . VAL A 1 15 ? -12.267 -17.760 -3.456  1.00 45.51  ? 322 VAL A HG13 1 
ATOM   216  H  HG21 . VAL A 1 15 ? -14.181 -19.925 -3.836  1.00 42.59  ? 322 VAL A HG21 1 
ATOM   217  H  HG22 . VAL A 1 15 ? -13.124 -19.515 -4.949  1.00 42.59  ? 322 VAL A HG22 1 
ATOM   218  H  HG23 . VAL A 1 15 ? -13.199 -21.018 -4.440  1.00 42.59  ? 322 VAL A HG23 1 
ATOM   219  N  N    . ASN A 1 16 ? -9.625  -20.214 -1.501  1.00 32.75  ? 323 ASN A N    1 
ATOM   220  C  CA   . ASN A 1 16 ? -8.715  -19.766 -0.444  1.00 31.32  ? 323 ASN A CA   1 
ATOM   221  C  C    . ASN A 1 16 ? -7.330  -19.546 -1.003  1.00 36.17  ? 323 ASN A C    1 
ATOM   222  O  O    . ASN A 1 16 ? -6.753  -18.468 -0.850  1.00 38.04  ? 323 ASN A O    1 
ATOM   223  C  CB   . ASN A 1 16 ? -8.687  -20.786 0.691   1.00 29.32  ? 323 ASN A CB   1 
ATOM   224  C  CG   . ASN A 1 16 ? -8.100  -20.215 1.979   1.00 36.33  ? 323 ASN A CG   1 
ATOM   225  O  OD1  . ASN A 1 16 ? -7.453  -19.170 1.976   1.00 40.06  ? 323 ASN A OD1  1 
ATOM   226  N  ND2  . ASN A 1 16 ? -8.309  -20.916 3.075   1.00 37.73  ? 323 ASN A ND2  1 
ATOM   227  H  H    . ASN A 1 16 ? -9.983  -20.984 -1.362  1.00 39.30  ? 323 ASN A H    1 
ATOM   228  H  HA   . ASN A 1 16 ? -9.033  -18.923 -0.086  1.00 37.59  ? 323 ASN A HA   1 
ATOM   229  H  HB2  . ASN A 1 16 ? -9.594  -21.077 0.877   1.00 35.19  ? 323 ASN A HB2  1 
ATOM   230  H  HB3  . ASN A 1 16 ? -8.145  -21.543 0.423   1.00 35.19  ? 323 ASN A HB3  1 
ATOM   231  H  HD21 . ASN A 1 16 ? -8.000  -20.640 3.828   1.00 45.28  ? 323 ASN A HD21 1 
ATOM   232  H  HD22 . ASN A 1 16 ? -8.755  -21.650 3.037   1.00 45.28  ? 323 ASN A HD22 1 
ATOM   233  N  N    . LEU A 1 17 ? -6.808  -20.530 -1.726  1.00 33.73  ? 324 LEU A N    1 
ATOM   234  C  CA   . LEU A 1 17 ? -5.444  -20.423 -2.242  1.00 28.12  ? 324 LEU A CA   1 
ATOM   235  C  C    . LEU A 1 17 ? -5.283  -19.309 -3.247  1.00 36.70  ? 324 LEU A C    1 
ATOM   236  O  O    . LEU A 1 17 ? -4.315  -18.543 -3.198  1.00 31.73  ? 324 LEU A O    1 
ATOM   237  C  CB   . LEU A 1 17 ? -5.018  -21.708 -2.926  1.00 32.72  ? 324 LEU A CB   1 
ATOM   238  C  CG   . LEU A 1 17 ? -4.703  -22.861 -1.995  1.00 46.88  ? 324 LEU A CG   1 
ATOM   239  C  CD1  . LEU A 1 17 ? -4.644  -24.154 -2.786  1.00 57.23  ? 324 LEU A CD1  1 
ATOM   240  C  CD2  . LEU A 1 17 ? -3.383  -22.567 -1.321  1.00 47.54  ? 324 LEU A CD2  1 
ATOM   241  H  H    . LEU A 1 17 ? -7.213  -21.260 -1.930  1.00 40.48  ? 324 LEU A H    1 
ATOM   242  H  HA   . LEU A 1 17 ? -4.836  -20.255 -1.505  1.00 33.75  ? 324 LEU A HA   1 
ATOM   243  H  HB2  . LEU A 1 17 ? -5.735  -21.996 -3.513  1.00 39.27  ? 324 LEU A HB2  1 
ATOM   244  H  HB3  . LEU A 1 17 ? -4.222  -21.530 -3.450  1.00 39.27  ? 324 LEU A HB3  1 
ATOM   245  H  HG   . LEU A 1 17 ? -5.392  -22.938 -1.317  1.00 56.25  ? 324 LEU A HG   1 
ATOM   246  H  HD11 . LEU A 1 17 ? -4.441  -24.886 -2.182  1.00 68.67  ? 324 LEU A HD11 1 
ATOM   247  H  HD12 . LEU A 1 17 ? -5.503  -24.305 -3.210  1.00 68.67  ? 324 LEU A HD12 1 
ATOM   248  H  HD13 . LEU A 1 17 ? -3.951  -24.080 -3.461  1.00 68.67  ? 324 LEU A HD13 1 
ATOM   249  H  HD21 . LEU A 1 17 ? -3.167  -23.298 -0.720  1.00 57.05  ? 324 LEU A HD21 1 
ATOM   250  H  HD22 . LEU A 1 17 ? -2.695  -22.480 -1.998  1.00 57.05  ? 324 LEU A HD22 1 
ATOM   251  H  HD23 . LEU A 1 17 ? -3.462  -21.740 -0.821  1.00 57.05  ? 324 LEU A HD23 1 
ATOM   252  N  N    . LEU A 1 18 ? -6.228  -19.209 -4.178  1.00 33.05  ? 325 LEU A N    1 
ATOM   253  C  CA   . LEU A 1 18 ? -6.080  -18.228 -5.233  1.00 29.14  ? 325 LEU A CA   1 
ATOM   254  C  C    . LEU A 1 18 ? -6.115  -16.836 -4.657  1.00 37.12  ? 325 LEU A C    1 
ATOM   255  O  O    . LEU A 1 18 ? -5.266  -16.014 -4.982  1.00 35.25  ? 325 LEU A O    1 
ATOM   256  C  CB   . LEU A 1 18 ? -7.157  -18.399 -6.294  1.00 27.64  ? 325 LEU A CB   1 
ATOM   257  C  CG   . LEU A 1 18 ? -7.017  -19.753 -7.008  1.00 35.58  ? 325 LEU A CG   1 
ATOM   258  C  CD1  . LEU A 1 18 ? -8.256  -20.035 -7.876  1.00 45.67  ? 325 LEU A CD1  1 
ATOM   259  C  CD2  . LEU A 1 18 ? -5.778  -19.757 -7.870  1.00 37.07  ? 325 LEU A CD2  1 
ATOM   260  H  H    . LEU A 1 18 ? -6.943  -19.686 -4.219  1.00 39.66  ? 325 LEU A H    1 
ATOM   261  H  HA   . LEU A 1 18 ? -5.218  -18.353 -5.660  1.00 34.97  ? 325 LEU A HA   1 
ATOM   262  H  HB2  . LEU A 1 18 ? -8.030  -18.365 -5.872  1.00 33.16  ? 325 LEU A HB2  1 
ATOM   263  H  HB3  . LEU A 1 18 ? -7.073  -17.695 -6.954  1.00 33.16  ? 325 LEU A HB3  1 
ATOM   264  H  HG   . LEU A 1 18 ? -6.936  -20.460 -6.348  1.00 42.70  ? 325 LEU A HG   1 
ATOM   265  H  HD11 . LEU A 1 18 ? -8.144  -20.892 -8.316  1.00 54.80  ? 325 LEU A HD11 1 
ATOM   266  H  HD12 . LEU A 1 18 ? -9.042  -20.055 -7.307  1.00 54.80  ? 325 LEU A HD12 1 
ATOM   267  H  HD13 . LEU A 1 18 ? -8.344  -19.332 -8.538  1.00 54.80  ? 325 LEU A HD13 1 
ATOM   268  H  HD21 . LEU A 1 18 ? -5.705  -20.617 -8.313  1.00 44.48  ? 325 LEU A HD21 1 
ATOM   269  H  HD22 . LEU A 1 18 ? -5.850  -19.050 -8.530  1.00 44.48  ? 325 LEU A HD22 1 
ATOM   270  H  HD23 . LEU A 1 18 ? -5.002  -19.608 -7.308  1.00 44.48  ? 325 LEU A HD23 1 
ATOM   271  N  N    . LEU A 1 19 ? -7.085  -16.567 -3.794  1.00 30.56  ? 326 LEU A N    1 
ATOM   272  C  CA   . LEU A 1 19 ? -7.257  -15.217 -3.296  1.00 34.09  ? 326 LEU A CA   1 
ATOM   273  C  C    . LEU A 1 19 ? -6.139  -14.849 -2.342  1.00 35.27  ? 326 LEU A C    1 
ATOM   274  O  O    . LEU A 1 19 ? -5.650  -13.718 -2.366  1.00 32.17  ? 326 LEU A O    1 
ATOM   275  C  CB   . LEU A 1 19 ? -8.623  -15.052 -2.611  1.00 33.36  ? 326 LEU A CB   1 
ATOM   276  C  CG   . LEU A 1 19 ? -9.812  -15.170 -3.582  1.00 46.36  ? 326 LEU A CG   1 
ATOM   277  C  CD1  . LEU A 1 19 ? -11.055 -14.685 -2.924  1.00 48.48  ? 326 LEU A CD1  1 
ATOM   278  C  CD2  . LEU A 1 19 ? -9.621  -14.446 -4.917  1.00 52.96  ? 326 LEU A CD2  1 
ATOM   279  H  H    . LEU A 1 19 ? -7.647  -17.140 -3.486  1.00 36.68  ? 326 LEU A H    1 
ATOM   280  H  HA   . LEU A 1 19 ? -7.225  -14.601 -4.044  1.00 40.91  ? 326 LEU A HA   1 
ATOM   281  H  HB2  . LEU A 1 19 ? -8.720  -15.741 -1.935  1.00 40.03  ? 326 LEU A HB2  1 
ATOM   282  H  HB3  . LEU A 1 19 ? -8.662  -14.176 -2.196  1.00 40.03  ? 326 LEU A HB3  1 
ATOM   283  H  HG   . LEU A 1 19 ? -9.944  -16.110 -3.783  1.00 55.63  ? 326 LEU A HG   1 
ATOM   284  H  HD11 . LEU A 1 19 ? -11.793 -14.765 -3.548  1.00 58.17  ? 326 LEU A HD11 1 
ATOM   285  H  HD12 . LEU A 1 19 ? -11.226 -15.224 -2.136  1.00 58.17  ? 326 LEU A HD12 1 
ATOM   286  H  HD13 . LEU A 1 19 ? -10.935 -13.756 -2.670  1.00 58.17  ? 326 LEU A HD13 1 
ATOM   287  H  HD21 . LEU A 1 19 ? -10.414 -14.574 -5.461  1.00 63.56  ? 326 LEU A HD21 1 
ATOM   288  H  HD22 . LEU A 1 19 ? -9.485  -13.500 -4.747  1.00 63.56  ? 326 LEU A HD22 1 
ATOM   289  H  HD23 . LEU A 1 19 ? -8.846  -14.815 -5.368  1.00 63.56  ? 326 LEU A HD23 1 
ATOM   290  N  N    . GLU A 1 20 ? -5.717  -15.802 -1.517  1.00 33.04  ? 327 GLU A N    1 
ATOM   291  C  CA   . GLU A 1 20 ? -4.620  -15.544 -0.584  1.00 35.47  ? 327 GLU A CA   1 
ATOM   292  C  C    . GLU A 1 20 ? -3.347  -15.193 -1.352  1.00 41.62  ? 327 GLU A C    1 
ATOM   293  O  O    . GLU A 1 20 ? -2.539  -14.368 -0.917  1.00 37.99  ? 327 GLU A O    1 
ATOM   294  C  CB   . GLU A 1 20 ? -4.388  -16.757 0.312   1.00 41.00  ? 327 GLU A CB   1 
ATOM   295  C  CG   . GLU A 1 20 ? -3.214  -16.610 1.254   1.00 56.96  ? 327 GLU A CG   1 
ATOM   296  C  CD   . GLU A 1 20 ? -3.405  -15.485 2.247   1.00 69.24  ? 327 GLU A CD   1 
ATOM   297  O  OE1  . GLU A 1 20 ? -4.400  -15.553 3.009   1.00 69.71  ? 327 GLU A OE1  1 
ATOM   298  O  OE2  . GLU A 1 20 ? -2.567  -14.543 2.262   1.00 65.93  ? 327 GLU A OE2  1 
ATOM   299  H  H    . GLU A 1 20 ? -6.044  -16.597 -1.476  1.00 39.64  ? 327 GLU A H    1 
ATOM   300  H  HA   . GLU A 1 20 ? -4.850  -14.789 -0.020  1.00 42.57  ? 327 GLU A HA   1 
ATOM   301  H  HB2  . GLU A 1 20 ? -5.182  -16.903 0.849   1.00 49.20  ? 327 GLU A HB2  1 
ATOM   302  H  HB3  . GLU A 1 20 ? -4.223  -17.531 -0.248  1.00 49.20  ? 327 GLU A HB3  1 
ATOM   303  H  HG2  . GLU A 1 20 ? -3.102  -17.435 1.752   1.00 68.35  ? 327 GLU A HG2  1 
ATOM   304  H  HG3  . GLU A 1 20 ? -2.414  -16.422 0.737   1.00 68.35  ? 327 GLU A HG3  1 
ATOM   305  N  N    . GLY A 1 21 ? -3.188  -15.824 -2.510  1.00 40.66  ? 328 GLY A N    1 
ATOM   306  C  CA   . GLY A 1 21 ? -2.056  -15.576 -3.375  1.00 40.58  ? 328 GLY A CA   1 
ATOM   307  C  C    . GLY A 1 21 ? -2.111  -14.177 -3.974  1.00 40.58  ? 328 GLY A C    1 
ATOM   308  O  O    . GLY A 1 21 ? -1.093  -13.468 -4.029  1.00 39.12  ? 328 GLY A O    1 
ATOM   309  H  H    . GLY A 1 21 ? -3.736  -16.410 -2.818  1.00 48.79  ? 328 GLY A H    1 
ATOM   310  H  HA2  . GLY A 1 21 ? -1.233  -15.665 -2.870  1.00 48.70  ? 328 GLY A HA2  1 
ATOM   311  H  HA3  . GLY A 1 21 ? -2.049  -16.223 -4.098  1.00 48.70  ? 328 GLY A HA3  1 
ATOM   312  N  N    . GLU A 1 22 ? -3.291  -13.758 -4.424  1.00 36.63  ? 329 GLU A N    1 
ATOM   313  C  CA   . GLU A 1 22 ? -3.431  -12.396 -4.948  1.00 36.80  ? 329 GLU A CA   1 
ATOM   314  C  C    . GLU A 1 22 ? -3.167  -11.364 -3.854  1.00 34.98  ? 329 GLU A C    1 
ATOM   315  O  O    . GLU A 1 22 ? -2.499  -10.346 -4.089  1.00 34.38  ? 329 GLU A O    1 
ATOM   316  C  CB   . GLU A 1 22 ? -4.820  -12.177 -5.560  1.00 33.03  ? 329 GLU A CB   1 
ATOM   317  C  CG   . GLU A 1 22 ? -5.197  -13.166 -6.668  1.00 56.78  ? 329 GLU A CG   1 
ATOM   318  C  CD   . GLU A 1 22 ? -6.650  -13.015 -7.128  1.00 59.09  ? 329 GLU A CD   1 
ATOM   319  O  OE1  . GLU A 1 22 ? -7.278  -11.979 -6.810  1.00 64.28  ? 329 GLU A OE1  1 
ATOM   320  O  OE2  . GLU A 1 22 ? -7.157  -13.924 -7.815  1.00 56.97  ? 329 GLU A OE2  1 
ATOM   321  H  H    . GLU A 1 22 ? -4.011  -14.227 -4.439  1.00 43.96  ? 329 GLU A H    1 
ATOM   322  H  HA   . GLU A 1 22 ? -2.773  -12.261 -5.648  1.00 44.16  ? 329 GLU A HA   1 
ATOM   323  H  HB2  . GLU A 1 22 ? -5.484  -12.256 -4.858  1.00 39.63  ? 329 GLU A HB2  1 
ATOM   324  H  HB3  . GLU A 1 22 ? -4.854  -11.285 -5.940  1.00 39.63  ? 329 GLU A HB3  1 
ATOM   325  H  HG2  . GLU A 1 22 ? -4.623  -13.017 -7.435  1.00 68.14  ? 329 GLU A HG2  1 
ATOM   326  H  HG3  . GLU A 1 22 ? -5.080  -14.071 -6.338  1.00 68.14  ? 329 GLU A HG3  1 
ATOM   327  N  N    . ILE A 1 23 ? -3.704  -11.623 -2.664  1.00 33.81  ? 330 ILE A N    1 
ATOM   328  C  CA   . ILE A 1 23 ? -3.562  -10.702 -1.543  1.00 34.25  ? 330 ILE A CA   1 
ATOM   329  C  C    . ILE A 1 23 ? -2.096  -10.542 -1.203  1.00 38.02  ? 330 ILE A C    1 
ATOM   330  O  O    . ILE A 1 23 ? -1.627  -9.425  -1.011  1.00 32.89  ? 330 ILE A O    1 
ATOM   331  C  CB   . ILE A 1 23 ? -4.318  -11.184 -0.280  1.00 40.88  ? 330 ILE A CB   1 
ATOM   332  C  CG1  . ILE A 1 23 ? -5.811  -10.992 -0.450  1.00 34.28  ? 330 ILE A CG1  1 
ATOM   333  C  CG2  . ILE A 1 23 ? -3.879  -10.410 0.970   1.00 54.73  ? 330 ILE A CG2  1 
ATOM   334  C  CD1  . ILE A 1 23 ? -6.620  -11.832 0.522   1.00 44.82  ? 330 ILE A CD1  1 
ATOM   335  H  H    . ILE A 1 23 ? -4.158  -12.330 -2.480  1.00 40.57  ? 330 ILE A H    1 
ATOM   336  H  HA   . ILE A 1 23 ? -3.913  -9.833  -1.796  1.00 41.10  ? 330 ILE A HA   1 
ATOM   337  H  HB   . ILE A 1 23 ? -4.135  -12.128 -0.145  1.00 49.06  ? 330 ILE A HB   1 
ATOM   338  H  HG12 . ILE A 1 23 ? -6.030  -10.059 -0.296  1.00 41.13  ? 330 ILE A HG12 1 
ATOM   339  H  HG13 . ILE A 1 23 ? -6.062  -11.247 -1.351  1.00 41.13  ? 330 ILE A HG13 1 
ATOM   340  H  HG21 . ILE A 1 23 ? -4.374  -10.741 1.735   1.00 65.67  ? 330 ILE A HG21 1 
ATOM   341  H  HG22 . ILE A 1 23 ? -2.929  -10.545 1.106   1.00 65.67  ? 330 ILE A HG22 1 
ATOM   342  H  HG23 . ILE A 1 23 ? -4.066  -9.467  0.837   1.00 65.67  ? 330 ILE A HG23 1 
ATOM   343  H  HD11 . ILE A 1 23 ? -7.564  -11.670 0.369   1.00 53.79  ? 330 ILE A HD11 1 
ATOM   344  H  HD12 . ILE A 1 23 ? -6.418  -12.769 0.374   1.00 53.79  ? 330 ILE A HD12 1 
ATOM   345  H  HD13 . ILE A 1 23 ? -6.384  -11.582 1.429   1.00 53.79  ? 330 ILE A HD13 1 
ATOM   346  N  N    . GLU A 1 24 ? -1.377  -11.660 -1.127  1.00 34.20  ? 331 GLU A N    1 
ATOM   347  C  CA   . GLU A 1 24 ? 0.035   -11.630 -0.769  1.00 37.50  ? 331 GLU A CA   1 
ATOM   348  C  C    . GLU A 1 24 ? 0.841   -10.861 -1.798  1.00 37.39  ? 331 GLU A C    1 
ATOM   349  O  O    . GLU A 1 24 ? 1.753   -10.097 -1.451  1.00 40.16  ? 331 GLU A O    1 
ATOM   350  C  CB   . GLU A 1 24 ? 0.590   -13.040 -0.621  1.00 36.87  ? 331 GLU A CB   1 
ATOM   351  H  H    . GLU A 1 24 ? -1.686  -12.448 -1.278  1.00 41.04  ? 331 GLU A H    1 
ATOM   352  H  HA   . GLU A 1 24 ? 0.134   -11.179 0.085   1.00 45.01  ? 331 GLU A HA   1 
ATOM   353  H  HB2  . GLU A 1 24 ? 1.499   -12.988 -0.286  1.00 44.25  ? 331 GLU A HB2  1 
ATOM   354  H  HB3  . GLU A 1 24 ? 0.580   -13.475 -1.488  1.00 44.25  ? 331 GLU A HB3  1 
ATOM   355  N  N    . ALA A 1 25 ? 0.481   -11.012 -3.066  1.00 38.40  ? 332 ALA A N    1 
ATOM   356  C  CA   . ALA A 1 25 ? 1.111   -10.224 -4.119  1.00 31.37  ? 332 ALA A CA   1 
ATOM   357  C  C    . ALA A 1 25 ? 0.831   -8.719  -3.956  1.00 37.46  ? 332 ALA A C    1 
ATOM   358  O  O    . ALA A 1 25 ? 1.721   -7.854  -4.141  1.00 34.89  ? 332 ALA A O    1 
ATOM   359  C  CB   . ALA A 1 25 ? 0.622   -10.697 -5.496  1.00 38.90  ? 332 ALA A CB   1 
ATOM   360  H  H    . ALA A 1 25 ? -0.121  -11.560 -3.344  1.00 46.08  ? 332 ALA A H    1 
ATOM   361  H  HA   . ALA A 1 25 ? 2.072   -10.355 -4.079  1.00 37.65  ? 332 ALA A HA   1 
ATOM   362  H  HB1  . ALA A 1 25 ? 1.049   -10.163 -6.184  1.00 46.68  ? 332 ALA A HB1  1 
ATOM   363  H  HB2  . ALA A 1 25 ? 0.855   -11.631 -5.610  1.00 46.68  ? 332 ALA A HB2  1 
ATOM   364  H  HB3  . ALA A 1 25 ? -0.341  -10.587 -5.545  1.00 46.68  ? 332 ALA A HB3  1 
ATOM   365  N  N    . VAL A 1 26 ? -0.416  -8.380  -3.653  1.00 35.23  ? 333 VAL A N    1 
ATOM   366  C  CA   . VAL A 1 26 ? -0.753  -6.967  -3.466  1.00 34.40  ? 333 VAL A CA   1 
ATOM   367  C  C    . VAL A 1 26 ? -0.103  -6.436  -2.200  1.00 34.44  ? 333 VAL A C    1 
ATOM   368  O  O    . VAL A 1 26 ? 0.364   -5.288  -2.164  1.00 33.28  ? 333 VAL A O    1 
ATOM   369  C  CB   . VAL A 1 26 ? -2.268  -6.729  -3.437  1.00 33.79  ? 333 VAL A CB   1 
ATOM   370  C  CG1  . VAL A 1 26 ? -2.583  -5.282  -3.125  1.00 39.86  ? 333 VAL A CG1  1 
ATOM   371  C  CG2  . VAL A 1 26 ? -2.851  -7.116  -4.781  1.00 49.22  ? 333 VAL A CG2  1 
ATOM   372  H  H    . VAL A 1 26 ? -1.071  -8.929  -3.550  1.00 42.27  ? 333 VAL A H    1 
ATOM   373  H  HA   . VAL A 1 26 ? -0.393  -6.463  -4.213  1.00 41.28  ? 333 VAL A HA   1 
ATOM   374  H  HB   . VAL A 1 26 ? -2.670  -7.288  -2.753  1.00 40.54  ? 333 VAL A HB   1 
ATOM   375  H  HG11 . VAL A 1 26 ? -3.545  -5.164  -3.114  1.00 47.83  ? 333 VAL A HG11 1 
ATOM   376  H  HG12 . VAL A 1 26 ? -2.210  -5.058  -2.258  1.00 47.83  ? 333 VAL A HG12 1 
ATOM   377  H  HG13 . VAL A 1 26 ? -2.188  -4.719  -3.810  1.00 47.83  ? 333 VAL A HG13 1 
ATOM   378  H  HG21 . VAL A 1 26 ? -3.809  -6.967  -4.763  1.00 59.06  ? 333 VAL A HG21 1 
ATOM   379  H  HG22 . VAL A 1 26 ? -2.443  -6.569  -5.471  1.00 59.06  ? 333 VAL A HG22 1 
ATOM   380  H  HG23 . VAL A 1 26 ? -2.664  -8.053  -4.948  1.00 59.06  ? 333 VAL A HG23 1 
ATOM   381  N  N    . ARG A 1 27 ? -0.019  -7.265  -1.170  1.00 31.20  ? 334 ARG A N    1 
ATOM   382  C  CA   . ARG A 1 27 ? 0.676   -6.848  0.051   1.00 29.63  ? 334 ARG A CA   1 
ATOM   383  C  C    . ARG A 1 27 ? 2.147   -6.482  -0.205  1.00 35.17  ? 334 ARG A C    1 
ATOM   384  O  O    . ARG A 1 27 ? 2.646   -5.502  0.335   1.00 38.32  ? 334 ARG A O    1 
ATOM   385  C  CB   . ARG A 1 27 ? 0.631   -7.930  1.124   1.00 32.89  ? 334 ARG A CB   1 
ATOM   386  C  CG   . ARG A 1 27 ? 1.377   -7.570  2.437   1.00 48.79  ? 334 ARG A CG   1 
ATOM   387  C  CD   . ARG A 1 27 ? 1.426   -8.727  3.445   1.00 54.26  ? 334 ARG A CD   1 
ATOM   388  N  NE   . ARG A 1 27 ? 0.114   -9.321  3.659   1.00 75.93  ? 334 ARG A NE   1 
ATOM   389  C  CZ   . ARG A 1 27 ? -0.737  -8.963  4.621   1.00 95.32  ? 334 ARG A CZ   1 
ATOM   390  N  NH1  . ARG A 1 27 ? -0.416  -7.997  5.489   1.00 82.06  ? 334 ARG A NH1  1 
ATOM   391  N  NH2  . ARG A 1 27 ? -1.917  -9.582  4.716   1.00 74.06  ? 334 ARG A NH2  1 
ATOM   392  H  H    . ARG A 1 27 ? -0.347  -8.060  -1.146  1.00 37.45  ? 334 ARG A H    1 
ATOM   393  H  HA   . ARG A 1 27 ? 0.234   -6.061  0.405   1.00 35.56  ? 334 ARG A HA   1 
ATOM   394  H  HB2  . ARG A 1 27 ? -0.296  -8.103  1.351   1.00 39.47  ? 334 ARG A HB2  1 
ATOM   395  H  HB3  . ARG A 1 27 ? 1.035   -8.736  0.768   1.00 39.47  ? 334 ARG A HB3  1 
ATOM   396  H  HG2  . ARG A 1 27 ? 2.290   -7.324  2.222   1.00 58.55  ? 334 ARG A HG2  1 
ATOM   397  H  HG3  . ARG A 1 27 ? 0.925   -6.824  2.861   1.00 58.55  ? 334 ARG A HG3  1 
ATOM   398  H  HD2  . ARG A 1 27 ? 2.019   -9.418  3.108   1.00 65.11  ? 334 ARG A HD2  1 
ATOM   399  H  HD3  . ARG A 1 27 ? 1.750   -8.394  4.297   1.00 65.11  ? 334 ARG A HD3  1 
ATOM   400  H  HE   . ARG A 1 27 ? -0.132  -9.948  3.124   1.00 91.12  ? 334 ARG A HE   1 
ATOM   401  H  HH11 . ARG A 1 27 ? 0.345   -7.599  5.428   1.00 98.47  ? 334 ARG A HH11 1 
ATOM   402  H  HH12 . ARG A 1 27 ? -0.969  -7.773  6.108   1.00 98.47  ? 334 ARG A HH12 1 
ATOM   403  H  HH21 . ARG A 1 27 ? -2.123  -10.203 4.158   1.00 88.87  ? 334 ARG A HH21 1 
ATOM   404  H  HH22 . ARG A 1 27 ? -2.471  -9.358  5.336   1.00 88.87  ? 334 ARG A HH22 1 
ATOM   405  N  N    . ARG A 1 28 ? 2.836   -7.303  -0.982  1.00 32.10  ? 335 ARG A N    1 
ATOM   406  C  CA   . ARG A 1 28 ? 4.245   -7.099  -1.250  1.00 35.59  ? 335 ARG A CA   1 
ATOM   407  C  C    . ARG A 1 28 ? 4.443   -5.720  -1.894  1.00 30.01  ? 335 ARG A C    1 
ATOM   408  O  O    . ARG A 1 28 ? 5.382   -4.983  -1.571  1.00 37.06  ? 335 ARG A O    1 
ATOM   409  C  CB   . ARG A 1 28 ? 4.792   -8.220  -2.152  1.00 39.53  ? 335 ARG A CB   1 
ATOM   410  H  H    . ARG A 1 28 ? 2.504   -7.994  -1.371  1.00 38.52  ? 335 ARG A H    1 
ATOM   411  H  HA   . ARG A 1 28 ? 4.735   -7.116  -0.414  1.00 42.71  ? 335 ARG A HA   1 
ATOM   412  H  HB2  . ARG A 1 28 ? 5.728   -8.047  -2.338  1.00 47.44  ? 335 ARG A HB2  1 
ATOM   413  H  HB3  . ARG A 1 28 ? 4.286   -8.233  -2.981  1.00 47.44  ? 335 ARG A HB3  1 
ATOM   414  N  N    . ILE A 1 29 ? 3.539   -5.365  -2.804  1.00 29.99  ? 336 ILE A N    1 
ATOM   415  C  CA   . ILE A 1 29 ? 3.627   -4.091  -3.499  1.00 41.81  ? 336 ILE A CA   1 
ATOM   416  C  C    . ILE A 1 29 ? 3.399   -2.951  -2.520  1.00 31.40  ? 336 ILE A C    1 
ATOM   417  O  O    . ILE A 1 29 ? 4.092   -1.935  -2.573  1.00 32.42  ? 336 ILE A O    1 
ATOM   418  C  CB   . ILE A 1 29 ? 2.589   -3.981  -4.664  1.00 32.55  ? 336 ILE A CB   1 
ATOM   419  C  CG1  . ILE A 1 29 ? 2.838   -5.077  -5.713  1.00 45.69  ? 336 ILE A CG1  1 
ATOM   420  C  CG2  . ILE A 1 29 ? 2.660   -2.607  -5.332  1.00 39.52  ? 336 ILE A CG2  1 
ATOM   421  C  CD1  . ILE A 1 29 ? 1.736   -5.186  -6.788  1.00 47.57  ? 336 ILE A CD1  1 
ATOM   422  H  H    . ILE A 1 29 ? 2.865   -5.847  -3.035  1.00 35.99  ? 336 ILE A H    1 
ATOM   423  H  HA   . ILE A 1 29 ? 4.517   -3.994  -3.875  1.00 50.18  ? 336 ILE A HA   1 
ATOM   424  H  HB   . ILE A 1 29 ? 1.699   -4.100  -4.297  1.00 39.06  ? 336 ILE A HB   1 
ATOM   425  H  HG12 . ILE A 1 29 ? 3.676   -4.889  -6.167  1.00 54.83  ? 336 ILE A HG12 1 
ATOM   426  H  HG13 . ILE A 1 29 ? 2.896   -5.933  -5.260  1.00 54.83  ? 336 ILE A HG13 1 
ATOM   427  H  HG21 . ILE A 1 29 ? 2.006   -2.571  -6.048  1.00 47.42  ? 336 ILE A HG21 1 
ATOM   428  H  HG22 . ILE A 1 29 ? 2.465   -1.925  -4.671  1.00 47.42  ? 336 ILE A HG22 1 
ATOM   429  H  HG23 . ILE A 1 29 ? 3.551   -2.477  -5.690  1.00 47.42  ? 336 ILE A HG23 1 
ATOM   430  H  HD11 . ILE A 1 29 ? 1.968   -5.896  -7.406  1.00 57.09  ? 336 ILE A HD11 1 
ATOM   431  H  HD12 . ILE A 1 29 ? 0.891   -5.387  -6.354  1.00 57.09  ? 336 ILE A HD12 1 
ATOM   432  H  HD13 . ILE A 1 29 ? 1.672   -4.342  -7.261  1.00 57.09  ? 336 ILE A HD13 1 
ATOM   433  N  N    . ALA A 1 30 ? 2.396   -3.108  -1.662  1.00 28.23  ? 337 ALA A N    1 
ATOM   434  C  CA   . ALA A 1 30 ? 2.003   -2.034  -0.751  1.00 35.33  ? 337 ALA A CA   1 
ATOM   435  C  C    . ALA A 1 30 ? 3.112   -1.777  0.262   1.00 42.72  ? 337 ALA A C    1 
ATOM   436  O  O    . ALA A 1 30 ? 3.390   -0.628  0.614   1.00 33.39  ? 337 ALA A O    1 
ATOM   437  C  CB   . ALA A 1 30 ? 0.718   -2.363  -0.069  1.00 35.25  ? 337 ALA A CB   1 
ATOM   438  H  H    . ALA A 1 30 ? 1.926   -3.825  -1.586  1.00 33.87  ? 337 ALA A H    1 
ATOM   439  H  HA   . ALA A 1 30 ? 1.870   -1.220  -1.263  1.00 42.40  ? 337 ALA A HA   1 
ATOM   440  H  HB1  . ALA A 1 30 ? 0.483   -1.636  0.527   1.00 42.30  ? 337 ALA A HB1  1 
ATOM   441  H  HB2  . ALA A 1 30 ? 0.027   -2.481  -0.739  1.00 42.30  ? 337 ALA A HB2  1 
ATOM   442  H  HB3  . ALA A 1 30 ? 0.832   -3.184  0.437   1.00 42.30  ? 337 ALA A HB3  1 
ATOM   443  N  N    . TYR A 1 31 ? 3.801   -2.834  0.678   1.00 38.34  ? 338 TYR A N    1 
ATOM   444  C  CA   . TYR A 1 31 ? 4.934   -2.660  1.586   1.00 32.36  ? 338 TYR A CA   1 
ATOM   445  C  C    . TYR A 1 31 ? 6.113   -1.996  0.894   1.00 32.89  ? 338 TYR A C    1 
ATOM   446  O  O    . TYR A 1 31 ? 6.793   -1.183  1.511   1.00 30.84  ? 338 TYR A O    1 
ATOM   447  C  CB   . TYR A 1 31 ? 5.361   -3.984  2.210   1.00 40.26  ? 338 TYR A CB   1 
ATOM   448  C  CG   . TYR A 1 31 ? 4.534   -4.280  3.448   1.00 36.95  ? 338 TYR A CG   1 
ATOM   449  C  CD1  . TYR A 1 31 ? 4.487   -3.371  4.504   1.00 66.61  ? 338 TYR A CD1  1 
ATOM   450  C  CD2  . TYR A 1 31 ? 3.803   -5.450  3.563   1.00 60.42  ? 338 TYR A CD2  1 
ATOM   451  C  CE1  . TYR A 1 31 ? 3.736   -3.624  5.634   1.00 62.87  ? 338 TYR A CE1  1 
ATOM   452  C  CE2  . TYR A 1 31 ? 3.047   -5.714  4.696   1.00 64.42  ? 338 TYR A CE2  1 
ATOM   453  C  CZ   . TYR A 1 31 ? 3.017   -4.795  5.721   1.00 57.65  ? 338 TYR A CZ   1 
ATOM   454  O  OH   . TYR A 1 31 ? 2.271   -5.060  6.843   1.00 79.41  ? 338 TYR A OH   1 
ATOM   455  H  H    . TYR A 1 31 ? 3.640   -3.650  0.455   1.00 46.01  ? 338 TYR A H    1 
ATOM   456  H  HA   . TYR A 1 31 ? 4.658   -2.075  2.310   1.00 38.83  ? 338 TYR A HA   1 
ATOM   457  H  HB2  . TYR A 1 31 ? 5.225   -4.701  1.571   1.00 48.31  ? 338 TYR A HB2  1 
ATOM   458  H  HB3  . TYR A 1 31 ? 6.294   -3.934  2.468   1.00 48.31  ? 338 TYR A HB3  1 
ATOM   459  H  HD1  . TYR A 1 31 ? 4.969   -2.578  4.445   1.00 79.93  ? 338 TYR A HD1  1 
ATOM   460  H  HD2  . TYR A 1 31 ? 3.820   -6.070  2.871   1.00 72.51  ? 338 TYR A HD2  1 
ATOM   461  H  HE1  . TYR A 1 31 ? 3.714   -3.008  6.331   1.00 75.44  ? 338 TYR A HE1  1 
ATOM   462  H  HE2  . TYR A 1 31 ? 2.561   -6.503  4.761   1.00 77.31  ? 338 TYR A HE2  1 
ATOM   463  H  HH   . TYR A 1 31 ? 1.887   -5.803  6.763   1.00 95.29  ? 338 TYR A HH   1 
ATOM   464  N  N    . MET A 1 32 ? 6.334   -2.323  -0.375  1.00 32.85  ? 339 MET A N    1 
ATOM   465  C  CA   . MET A 1 32 ? 7.325   -1.639  -1.181  1.00 35.92  ? 339 MET A CA   1 
ATOM   466  C  C    . MET A 1 32 ? 6.987   -0.153  -1.349  1.00 34.96  ? 339 MET A C    1 
ATOM   467  O  O    . MET A 1 32 ? 7.843   0.691   -1.213  1.00 37.40  ? 339 MET A O    1 
ATOM   468  C  CB   . MET A 1 32 ? 7.435   -2.287  -2.558  1.00 36.03  ? 339 MET A CB   1 
ATOM   469  C  CG   . MET A 1 32 ? 8.412   -3.488  -2.640  1.00 55.79  ? 339 MET A CG   1 
ATOM   470  S  SD   . MET A 1 32 ? 8.251   -4.412  -4.189  1.00 64.33  ? 339 MET A SD   1 
ATOM   471  C  CE   . MET A 1 32 ? 8.579   -3.147  -5.401  1.00 56.94  ? 339 MET A CE   1 
ATOM   472  H  H    . MET A 1 32 ? 5.914   -2.946  -0.794  1.00 39.42  ? 339 MET A H    1 
ATOM   473  H  HA   . MET A 1 32 ? 8.188   -1.716  -0.747  1.00 43.10  ? 339 MET A HA   1 
ATOM   474  H  HB2  . MET A 1 32 ? 6.557   -2.604  -2.819  1.00 43.24  ? 339 MET A HB2  1 
ATOM   475  H  HB3  . MET A 1 32 ? 7.741   -1.617  -3.190  1.00 43.24  ? 339 MET A HB3  1 
ATOM   476  H  HG2  . MET A 1 32 ? 9.322   -3.160  -2.578  1.00 66.94  ? 339 MET A HG2  1 
ATOM   477  H  HG3  . MET A 1 32 ? 8.228   -4.096  -1.907  1.00 66.94  ? 339 MET A HG3  1 
ATOM   478  H  HE1  . MET A 1 32 ? 8.520   -3.537  -6.288  1.00 68.33  ? 339 MET A HE1  1 
ATOM   479  H  HE2  . MET A 1 32 ? 7.922   -2.440  -5.304  1.00 68.33  ? 339 MET A HE2  1 
ATOM   480  H  HE3  . MET A 1 32 ? 9.471   -2.793  -5.255  1.00 68.33  ? 339 MET A HE3  1 
ATOM   481  N  N    . ASN A 1 33 ? 5.738   0.153   -1.648  1.00 30.89  ? 340 ASN A N    1 
ATOM   482  C  CA   . ASN A 1 33 ? 5.307   1.522   -1.800  1.00 24.80  ? 340 ASN A CA   1 
ATOM   483  C  C    . ASN A 1 33 ? 5.469   2.324   -0.514  1.00 34.75  ? 340 ASN A C    1 
ATOM   484  O  O    . ASN A 1 33 ? 5.859   3.494   -0.542  1.00 31.02  ? 340 ASN A O    1 
ATOM   485  C  CB   . ASN A 1 33 ? 3.839   1.551   -2.287  1.00 32.09  ? 340 ASN A CB   1 
ATOM   486  C  CG   . ASN A 1 33 ? 3.711   1.123   -3.733  1.00 38.87  ? 340 ASN A CG   1 
ATOM   487  O  OD1  . ASN A 1 33 ? 4.705   1.058   -4.445  1.00 38.00  ? 340 ASN A OD1  1 
ATOM   488  N  ND2  . ASN A 1 33 ? 2.497   0.818   -4.175  1.00 35.83  ? 340 ASN A ND2  1 
ATOM   489  H  H    . ASN A 1 33 ? 5.113   -0.425  -1.769  1.00 37.06  ? 340 ASN A H    1 
ATOM   490  H  HA   . ASN A 1 33 ? 5.853   1.945   -2.481  1.00 29.76  ? 340 ASN A HA   1 
ATOM   491  H  HB2  . ASN A 1 33 ? 3.311   0.944   -1.745  1.00 38.50  ? 340 ASN A HB2  1 
ATOM   492  H  HB3  . ASN A 1 33 ? 3.495   2.455   -2.209  1.00 38.50  ? 340 ASN A HB3  1 
ATOM   493  H  HD21 . ASN A 1 33 ? 2.386   0.571   -4.991  1.00 42.99  ? 340 ASN A HD21 1 
ATOM   494  H  HD22 . ASN A 1 33 ? 1.822   0.868   -3.645  1.00 42.99  ? 340 ASN A HD22 1 
ATOM   495  N  N    . GLN A 1 34 ? 5.224   1.686   0.621   1.00 31.53  ? 341 GLN A N    1 
ATOM   496  C  CA   . GLN A 1 34 ? 5.340   2.374   1.899   1.00 34.62  ? 341 GLN A CA   1 
ATOM   497  C  C    . GLN A 1 34 ? 6.792   2.784   2.109   1.00 35.17  ? 341 GLN A C    1 
ATOM   498  O  O    . GLN A 1 34 ? 7.079   3.926   2.480   1.00 27.11  ? 341 GLN A O    1 
ATOM   499  C  CB   . GLN A 1 34 ? 4.854   1.486   3.030   1.00 35.75  ? 341 GLN A CB   1 
ATOM   500  C  CG   . GLN A 1 34 ? 4.499   2.204   4.269   1.00 50.24  ? 341 GLN A CG   1 
ATOM   501  C  CD   . GLN A 1 34 ? 4.009   1.232   5.298   1.00 59.20  ? 341 GLN A CD   1 
ATOM   502  O  OE1  . GLN A 1 34 ? 4.545   0.127   5.428   1.00 67.79  ? 341 GLN A OE1  1 
ATOM   503  N  NE2  . GLN A 1 34 ? 2.963   1.610   6.008   1.00 58.91  ? 341 GLN A NE2  1 
ATOM   504  H  H    . GLN A 1 34 ? 4.991   0.860   0.680   1.00 37.84  ? 341 GLN A H    1 
ATOM   505  H  HA   . GLN A 1 34 ? 4.794   3.177   1.884   1.00 41.54  ? 341 GLN A HA   1 
ATOM   506  H  HB2  . GLN A 1 34 ? 4.065   1.009   2.731   1.00 42.90  ? 341 GLN A HB2  1 
ATOM   507  H  HB3  . GLN A 1 34 ? 5.556   0.853   3.249   1.00 42.90  ? 341 GLN A HB3  1 
ATOM   508  H  HG2  . GLN A 1 34 ? 5.283   2.656   4.619   1.00 60.29  ? 341 GLN A HG2  1 
ATOM   509  H  HG3  . GLN A 1 34 ? 3.792   2.841   4.084   1.00 60.29  ? 341 GLN A HG3  1 
ATOM   510  H  HE21 . GLN A 1 34 ? 2.602   2.378   5.866   1.00 70.69  ? 341 GLN A HE21 1 
ATOM   511  H  HE22 . GLN A 1 34 ? 2.643   1.089   6.611   1.00 70.69  ? 341 GLN A HE22 1 
ATOM   512  N  N    . ALA A 1 35 ? 7.713   1.876   1.808   1.00 30.88  ? 342 ALA A N    1 
ATOM   513  C  CA   . ALA A 1 35 ? 9.136   2.172   1.970   1.00 31.85  ? 342 ALA A CA   1 
ATOM   514  C  C    . ALA A 1 35 ? 9.609   3.260   0.991   1.00 34.29  ? 342 ALA A C    1 
ATOM   515  O  O    . ALA A 1 35 ? 10.432  4.119   1.343   1.00 25.58  ? 342 ALA A O    1 
ATOM   516  C  CB   . ALA A 1 35 ? 9.967   0.904   1.782   1.00 28.73  ? 342 ALA A CB   1 
ATOM   517  H  H    . ALA A 1 35 ? 7.544   1.087   1.510   1.00 37.06  ? 342 ALA A H    1 
ATOM   518  H  HA   . ALA A 1 35 ? 9.287   2.496   2.871   1.00 38.22  ? 342 ALA A HA   1 
ATOM   519  H  HB1  . ALA A 1 35 ? 10.905  1.122   1.893   1.00 34.48  ? 342 ALA A HB1  1 
ATOM   520  H  HB2  . ALA A 1 35 ? 9.698   0.249   2.446   1.00 34.48  ? 342 ALA A HB2  1 
ATOM   521  H  HB3  . ALA A 1 35 ? 9.812   0.554   0.891   1.00 34.48  ? 342 ALA A HB3  1 
ATOM   522  N  N    . SER A 1 36 ? 9.120   3.222   -0.249  1.00 34.11  ? 343 SER A N    1 
ATOM   523  C  CA   . SER A 1 36 ? 9.482   4.252   -1.235  1.00 30.18  ? 343 SER A CA   1 
ATOM   524  C  C    . SER A 1 36 ? 8.944   5.626   -0.877  1.00 29.55  ? 343 SER A C    1 
ATOM   525  O  O    . SER A 1 36 ? 9.629   6.661   -1.050  1.00 28.27  ? 343 SER A O    1 
ATOM   526  C  CB   . SER A 1 36 ? 8.968   3.894   -2.624  1.00 33.24  ? 343 SER A CB   1 
ATOM   527  O  OG   . SER A 1 36 ? 9.628   2.747   -3.101  1.00 46.52  ? 343 SER A OG   1 
ATOM   528  H  H    . SER A 1 36 ? 8.583   2.619   -0.546  1.00 40.93  ? 343 SER A H    1 
ATOM   529  H  HA   . SER A 1 36 ? 10.449  4.314   -1.282  1.00 36.22  ? 343 SER A HA   1 
ATOM   530  H  HB2  . SER A 1 36 ? 8.015   3.716   -2.574  1.00 39.89  ? 343 SER A HB2  1 
ATOM   531  H  HB3  . SER A 1 36 ? 9.137   4.634   -3.227  1.00 39.89  ? 343 SER A HB3  1 
ATOM   532  H  HG   . SER A 1 36 ? 9.490   2.099   -2.584  1.00 55.83  ? 343 SER A HG   1 
ATOM   533  N  N    . SER A 1 37 ? 7.709   5.662   -0.400  1.00 28.86  ? 344 SER A N    1 
ATOM   534  C  CA   . SER A 1 37 ? 7.134   6.955   -0.037  1.00 35.34  ? 344 SER A CA   1 
ATOM   535  C  C    . SER A 1 37 ? 7.823   7.504   1.225   1.00 32.03  ? 344 SER A C    1 
ATOM   536  O  O    . SER A 1 37 ? 8.011   8.709   1.343   1.00 30.27  ? 344 SER A O    1 
ATOM   537  C  CB   . SER A 1 37 ? 5.611   6.842   0.130   1.00 33.14  ? 344 SER A CB   1 
ATOM   538  O  OG   . SER A 1 37 ? 5.300   6.075   1.277   1.00 62.58  ? 344 SER A OG   1 
ATOM   539  H  H    . SER A 1 37 ? 7.197   4.982   -0.278  1.00 34.63  ? 344 SER A H    1 
ATOM   540  H  HA   . SER A 1 37 ? 7.303   7.581   -0.758  1.00 42.41  ? 344 SER A HA   1 
ATOM   541  H  HB2  . SER A 1 37 ? 5.237   7.731   0.232   1.00 39.77  ? 344 SER A HB2  1 
ATOM   542  H  HB3  . SER A 1 37 ? 5.236   6.410   -0.653  1.00 39.77  ? 344 SER A HB3  1 
ATOM   543  H  HG   . SER A 1 37 ? 5.621   5.302   1.201   1.00 75.10  ? 344 SER A HG   1 
ATOM   544  N  N    . LEU A 1 38 ? 8.238   6.664   2.165   1.00 29.66  ? 345 LEU A N    1 
ATOM   545  C  CA   . LEU A 1 38 ? 9.048   7.176   3.275   1.00 28.63  ? 345 LEU A CA   1 
ATOM   546  C  C    . LEU A 1 38 ? 10.388  7.742   2.779   1.00 33.90  ? 345 LEU A C    1 
ATOM   547  O  O    . LEU A 1 38 ? 10.786  8.850   3.144   1.00 29.23  ? 345 LEU A O    1 
ATOM   548  C  CB   . LEU A 1 38 ? 9.297   6.079   4.306   1.00 33.50  ? 345 LEU A CB   1 
ATOM   549  C  CG   . LEU A 1 38 ? 10.323  6.455   5.369   1.00 30.86  ? 345 LEU A CG   1 
ATOM   550  C  CD1  . LEU A 1 38 ? 9.771   7.598   6.188   1.00 50.03  ? 345 LEU A CD1  1 
ATOM   551  C  CD2  . LEU A 1 38 ? 10.687  5.270   6.230   1.00 37.89  ? 345 LEU A CD2  1 
ATOM   552  H  H    . LEU A 1 38 ? 8.074   5.820   2.190   1.00 35.59  ? 345 LEU A H    1 
ATOM   553  H  HA   . LEU A 1 38 ? 8.563   7.894   3.712   1.00 34.35  ? 345 LEU A HA   1 
ATOM   554  H  HB2  . LEU A 1 38 ? 8.462   5.879   4.758   1.00 40.21  ? 345 LEU A HB2  1 
ATOM   555  H  HB3  . LEU A 1 38 ? 9.620   5.287   3.848   1.00 40.21  ? 345 LEU A HB3  1 
ATOM   556  H  HG   . LEU A 1 38 ? 11.132  6.765   4.930   1.00 37.04  ? 345 LEU A HG   1 
ATOM   557  H  HD11 . LEU A 1 38 ? 10.419  7.843   6.866   1.00 60.04  ? 345 LEU A HD11 1 
ATOM   558  H  HD12 . LEU A 1 38 ? 9.602   8.354   5.603   1.00 60.04  ? 345 LEU A HD12 1 
ATOM   559  H  HD13 . LEU A 1 38 ? 8.944   7.314   6.609   1.00 60.04  ? 345 LEU A HD13 1 
ATOM   560  H  HD21 . LEU A 1 38 ? 11.340  5.549   6.891   1.00 45.47  ? 345 LEU A HD21 1 
ATOM   561  H  HD22 . LEU A 1 38 ? 9.887   4.943   6.671   1.00 45.47  ? 345 LEU A HD22 1 
ATOM   562  H  HD23 . LEU A 1 38 ? 11.062  4.574   5.666   1.00 45.47  ? 345 LEU A HD23 1 
ATOM   563  N  N    . GLN A 1 39 ? 11.104  6.970   1.968   1.00 30.89  ? 346 GLN A N    1 
ATOM   564  C  CA   . GLN A 1 39 ? 12.334  7.448   1.367   1.00 33.23  ? 346 GLN A CA   1 
ATOM   565  C  C    . GLN A 1 39 ? 12.196  8.770   0.645   1.00 31.87  ? 346 GLN A C    1 
ATOM   566  O  O    . GLN A 1 39 ? 13.047  9.660   0.800   1.00 27.85  ? 346 GLN A O    1 
ATOM   567  C  CB   . GLN A 1 39 ? 12.890  6.454   0.360   1.00 26.97  ? 346 GLN A CB   1 
ATOM   568  C  CG   . GLN A 1 39 ? 14.241  6.842   -0.117  1.00 33.31  ? 346 GLN A CG   1 
ATOM   569  C  CD   . GLN A 1 39 ? 14.819  5.812   -1.035  1.00 54.55  ? 346 GLN A CD   1 
ATOM   570  O  OE1  . GLN A 1 39 ? 15.332  4.791   -0.583  1.00 56.97  ? 346 GLN A OE1  1 
ATOM   571  N  NE2  . GLN A 1 39 ? 14.736  6.064   -2.335  1.00 55.61  ? 346 GLN A NE2  1 
ATOM   572  H  H    . GLN A 1 39 ? 10.896  6.164   1.753   1.00 37.07  ? 346 GLN A H    1 
ATOM   573  H  HA   . GLN A 1 39 ? 12.996  7.563   2.065   1.00 39.87  ? 346 GLN A HA   1 
ATOM   574  H  HB2  . GLN A 1 39 ? 12.956  5.582   0.778   1.00 32.36  ? 346 GLN A HB2  1 
ATOM   575  H  HB3  . GLN A 1 39 ? 12.298  6.414   -0.407  1.00 32.36  ? 346 GLN A HB3  1 
ATOM   576  H  HG2  . GLN A 1 39 ? 14.181  7.681   -0.601  1.00 39.97  ? 346 GLN A HG2  1 
ATOM   577  H  HG3  . GLN A 1 39 ? 14.834  6.937   0.645   1.00 39.97  ? 346 GLN A HG3  1 
ATOM   578  H  HE21 . GLN A 1 39 ? 14.363  6.790   -2.609  1.00 66.73  ? 346 GLN A HE21 1 
ATOM   579  H  HE22 . GLN A 1 39 ? 15.053  5.502   -2.904  1.00 66.73  ? 346 GLN A HE22 1 
ATOM   580  N  N    . ASN A 1 40 ? 11.181  8.874   -0.209  1.00 25.76  ? 347 ASN A N    1 
ATOM   581  C  CA   . ASN A 1 40 ? 10.921  10.137  -0.907  1.00 24.77  ? 347 ASN A CA   1 
ATOM   582  C  C    . ASN A 1 40 ? 10.630  11.285  0.049   1.00 25.80  ? 347 ASN A C    1 
ATOM   583  O  O    . ASN A 1 40 ? 11.132  12.410  -0.139  1.00 23.55  ? 347 ASN A O    1 
ATOM   584  C  CB   . ASN A 1 40 ? 9.770   9.973   -1.908  1.00 28.42  ? 347 ASN A CB   1 
ATOM   585  C  CG   . ASN A 1 40 ? 10.140  9.047   -3.069  1.00 35.30  ? 347 ASN A CG   1 
ATOM   586  O  OD1  . ASN A 1 40 ? 11.307  8.831   -3.323  1.00 27.71  ? 347 ASN A OD1  1 
ATOM   587  N  ND2  . ASN A 1 40 ? 9.145   8.508   -3.762  1.00 32.20  ? 347 ASN A ND2  1 
ATOM   588  H  H    . ASN A 1 40 ? 10.633  8.240   -0.402  1.00 30.91  ? 347 ASN A H    1 
ATOM   589  H  HA   . ASN A 1 40 ? 11.714  10.376  -1.413  1.00 29.72  ? 347 ASN A HA   1 
ATOM   590  H  HB2  . ASN A 1 40 ? 9.003   9.592   -1.450  1.00 34.11  ? 347 ASN A HB2  1 
ATOM   591  H  HB3  . ASN A 1 40 ? 9.542   10.841  -2.274  1.00 34.11  ? 347 ASN A HB3  1 
ATOM   592  H  HD21 . ASN A 1 40 ? 9.315   7.983   -4.421  1.00 38.63  ? 347 ASN A HD21 1 
ATOM   593  H  HD22 . ASN A 1 40 ? 8.330   8.684   -3.551  1.00 38.63  ? 347 ASN A HD22 1 
ATOM   594  N  N    . GLN A 1 41 ? 9.877   11.013  1.109   1.00 27.86  ? 348 GLN A N    1 
ATOM   595  C  CA   . GLN A 1 41 ? 9.563   12.079  2.074   1.00 25.81  ? 348 GLN A CA   1 
ATOM   596  C  C    . GLN A 1 41 ? 10.841  12.556  2.754   1.00 28.23  ? 348 GLN A C    1 
ATOM   597  O  O    . GLN A 1 41 ? 11.058  13.745  2.958   1.00 27.41  ? 348 GLN A O    1 
ATOM   598  C  CB   . GLN A 1 41 ? 8.545   11.595  3.101   1.00 34.80  ? 348 GLN A CB   1 
ATOM   599  C  CG   . GLN A 1 41 ? 8.183   12.640  4.158   1.00 43.57  ? 348 GLN A CG   1 
ATOM   600  C  CD   . GLN A 1 41 ? 6.935   12.245  4.977   1.00 54.48  ? 348 GLN A CD   1 
ATOM   601  O  OE1  . GLN A 1 41 ? 6.379   11.159  4.807   1.00 66.64  ? 348 GLN A OE1  1 
ATOM   602  N  NE2  . GLN A 1 41 ? 6.481   13.149  5.845   1.00 71.68  ? 348 GLN A NE2  1 
ATOM   603  H  H    . GLN A 1 41 ? 9.540   10.244  1.295   1.00 33.43  ? 348 GLN A H    1 
ATOM   604  H  HA   . GLN A 1 41 ? 9.177   12.832  1.600   1.00 30.97  ? 348 GLN A HA   1 
ATOM   605  H  HB2  . GLN A 1 41 ? 7.729   11.346  2.639   1.00 41.76  ? 348 GLN A HB2  1 
ATOM   606  H  HB3  . GLN A 1 41 ? 8.910   10.822  3.561   1.00 41.76  ? 348 GLN A HB3  1 
ATOM   607  H  HG2  . GLN A 1 41 ? 8.927   12.740  4.772   1.00 52.28  ? 348 GLN A HG2  1 
ATOM   608  H  HG3  . GLN A 1 41 ? 7.999   13.485  3.718   1.00 52.28  ? 348 GLN A HG3  1 
ATOM   609  H  HE21 . GLN A 1 41 ? 6.881   13.906  5.925   1.00 86.02  ? 348 GLN A HE21 1 
ATOM   610  H  HE22 . GLN A 1 41 ? 5.789   12.976  6.324   1.00 86.02  ? 348 GLN A HE22 1 
ATOM   611  N  N    . VAL A 1 42 ? 11.723  11.624  3.071   1.00 30.08  ? 349 VAL A N    1 
ATOM   612  C  CA   . VAL A 1 42 ? 12.984  11.963  3.710   1.00 26.50  ? 349 VAL A CA   1 
ATOM   613  C  C    . VAL A 1 42 ? 13.811  12.853  2.800   1.00 26.84  ? 349 VAL A C    1 
ATOM   614  O  O    . VAL A 1 42 ? 14.331  13.915  3.194   1.00 26.58  ? 349 VAL A O    1 
ATOM   615  C  CB   . VAL A 1 42 ? 13.756  10.678  4.045   1.00 28.22  ? 349 VAL A CB   1 
ATOM   616  C  CG1  . VAL A 1 42 ? 15.213  10.943  4.302   1.00 32.66  ? 349 VAL A CG1  1 
ATOM   617  C  CG2  . VAL A 1 42 ? 13.139  10.019  5.227   1.00 31.59  ? 349 VAL A CG2  1 
ATOM   618  H  H    . VAL A 1 42 ? 11.616  10.784  2.927   1.00 36.09  ? 349 VAL A H    1 
ATOM   619  H  HA   . VAL A 1 42 ? 12.811  12.443  4.536   1.00 31.80  ? 349 VAL A HA   1 
ATOM   620  H  HB   . VAL A 1 42 ? 13.691  10.067  3.294   1.00 33.87  ? 349 VAL A HB   1 
ATOM   621  H  HG11 . VAL A 1 42 ? 15.654  10.105  4.507   1.00 39.19  ? 349 VAL A HG11 1 
ATOM   622  H  HG12 . VAL A 1 42 ? 15.606  11.338  3.507   1.00 39.19  ? 349 VAL A HG12 1 
ATOM   623  H  HG13 . VAL A 1 42 ? 15.295  11.554  5.051   1.00 39.19  ? 349 VAL A HG13 1 
ATOM   624  H  HG21 . VAL A 1 42 ? 13.633  9.209   5.430   1.00 37.90  ? 349 VAL A HG21 1 
ATOM   625  H  HG22 . VAL A 1 42 ? 13.175  10.627  5.982   1.00 37.90  ? 349 VAL A HG22 1 
ATOM   626  H  HG23 . VAL A 1 42 ? 12.217  9.801   5.021   1.00 37.90  ? 349 VAL A HG23 1 
ATOM   627  N  N    . GLU A 1 43 ? 13.935  12.414  1.559   1.00 28.09  ? 350 GLU A N    1 
ATOM   628  C  CA   . GLU A 1 43 ? 14.778  13.128  0.603   1.00 28.58  ? 350 GLU A CA   1 
ATOM   629  C  C    . GLU A 1 43 ? 14.267  14.526  0.269   1.00 28.74  ? 350 GLU A C    1 
ATOM   630  O  O    . GLU A 1 43 ? 15.019  15.510  0.221   1.00 26.74  ? 350 GLU A O    1 
ATOM   631  C  CB   . GLU A 1 43 ? 14.904  12.308  -0.657  1.00 26.92  ? 350 GLU A CB   1 
ATOM   632  C  CG   . GLU A 1 43 ? 16.046  12.733  -1.537  1.00 34.36  ? 350 GLU A CG   1 
ATOM   633  C  CD   . GLU A 1 43 ? 16.238  11.761  -2.708  1.00 58.59  ? 350 GLU A CD   1 
ATOM   634  O  OE1  . GLU A 1 43 ? 15.611  10.670  -2.704  1.00 48.66  ? 350 GLU A OE1  1 
ATOM   635  O  OE2  . GLU A 1 43 ? 17.001  12.098  -3.642  1.00 61.88  ? 350 GLU A OE2  1 
ATOM   636  H  H    . GLU A 1 43 ? 13.549  11.713  1.242   1.00 33.71  ? 350 GLU A H    1 
ATOM   637  H  HA   . GLU A 1 43 ? 15.665  13.223  0.983   1.00 34.30  ? 350 GLU A HA   1 
ATOM   638  H  HB2  . GLU A 1 43 ? 15.045  11.380  -0.413  1.00 32.31  ? 350 GLU A HB2  1 
ATOM   639  H  HB3  . GLU A 1 43 ? 14.086  12.394  -1.170  1.00 32.31  ? 350 GLU A HB3  1 
ATOM   640  H  HG2  . GLU A 1 43 ? 15.862  13.614  -1.899  1.00 41.23  ? 350 GLU A HG2  1 
ATOM   641  H  HG3  . GLU A 1 43 ? 16.865  12.748  -1.016  1.00 41.23  ? 350 GLU A HG3  1 
ATOM   642  N  N    . ILE A 1 44 ? 12.977  14.620  0.036   1.00 32.87  ? 351 ILE A N    1 
ATOM   643  C  CA   . ILE A 1 44 ? 12.329  15.919  -0.109  1.00 28.62  ? 351 ILE A CA   1 
ATOM   644  C  C    . ILE A 1 44 ? 12.594  16.792  1.120   1.00 28.91  ? 351 ILE A C    1 
ATOM   645  O  O    . ILE A 1 44 ? 12.937  17.982  1.010   1.00 25.86  ? 351 ILE A O    1 
ATOM   646  C  CB   . ILE A 1 44 ? 10.820  15.738  -0.301  1.00 30.57  ? 351 ILE A CB   1 
ATOM   647  C  CG1  . ILE A 1 44 ? 10.555  15.050  -1.628  1.00 36.76  ? 351 ILE A CG1  1 
ATOM   648  C  CG2  . ILE A 1 44 ? 10.112  17.068  -0.230  1.00 42.51  ? 351 ILE A CG2  1 
ATOM   649  C  CD1  . ILE A 1 44 ? 9.134   14.503  -1.676  1.00 47.43  ? 351 ILE A CD1  1 
ATOM   650  H  H    . ILE A 1 44 ? 12.446  13.950  -0.045  1.00 39.45  ? 351 ILE A H    1 
ATOM   651  H  HA   . ILE A 1 44 ? 12.685  16.373  -0.888  1.00 34.34  ? 351 ILE A HA   1 
ATOM   652  H  HB   . ILE A 1 44 ? 10.484  15.173  0.413   1.00 36.68  ? 351 ILE A HB   1 
ATOM   653  H  HG12 . ILE A 1 44 ? 10.662  15.690  -2.349  1.00 44.11  ? 351 ILE A HG12 1 
ATOM   654  H  HG13 . ILE A 1 44 ? 11.172  14.310  -1.736  1.00 44.11  ? 351 ILE A HG13 1 
ATOM   655  H  HG21 . ILE A 1 44 ? 9.162   16.926  -0.355  1.00 51.01  ? 351 ILE A HG21 1 
ATOM   656  H  HG22 . ILE A 1 44 ? 10.277  17.467  0.637   1.00 51.01  ? 351 ILE A HG22 1 
ATOM   657  H  HG23 . ILE A 1 44 ? 10.456  17.645  -0.931  1.00 51.01  ? 351 ILE A HG23 1 
ATOM   658  H  HD11 . ILE A 1 44 ? 8.991   14.070  -2.532  1.00 56.92  ? 351 ILE A HD11 1 
ATOM   659  H  HD12 . ILE A 1 44 ? 9.018   13.862  -0.956  1.00 56.92  ? 351 ILE A HD12 1 
ATOM   660  H  HD13 . ILE A 1 44 ? 8.510   15.239  -1.568  1.00 56.92  ? 351 ILE A HD13 1 
ATOM   661  N  N    . GLY A 1 45 ? 12.445  16.195  2.293   1.00 30.44  ? 352 GLY A N    1 
ATOM   662  C  CA   . GLY A 1 45 ? 12.718  16.900  3.538   1.00 34.51  ? 352 GLY A CA   1 
ATOM   663  C  C    . GLY A 1 45 ? 14.138  17.432  3.644   1.00 32.41  ? 352 GLY A C    1 
ATOM   664  O  O    . GLY A 1 45 ? 14.377  18.531  4.166   1.00 29.43  ? 352 GLY A O    1 
ATOM   665  H  H    . GLY A 1 45 ? 12.187  15.381  2.396   1.00 36.53  ? 352 GLY A H    1 
ATOM   666  H  HA2  . GLY A 1 45 ? 12.107  17.649  3.621   1.00 41.41  ? 352 GLY A HA2  1 
ATOM   667  H  HA3  . GLY A 1 45 ? 12.563  16.299  4.284   1.00 41.41  ? 352 GLY A HA3  1 
ATOM   668  N  N    . LEU A 1 46 ? 15.094  16.648  3.160   1.00 35.73  ? 353 LEU A N    1 
ATOM   669  C  CA   . LEU A 1 46 ? 16.491  17.059  3.188   1.00 27.13  ? 353 LEU A CA   1 
ATOM   670  C  C    . LEU A 1 46 ? 16.722  18.204  2.207   1.00 27.31  ? 353 LEU A C    1 
ATOM   671  O  O    . LEU A 1 46 ? 17.465  19.176  2.464   1.00 31.04  ? 353 LEU A O    1 
ATOM   672  C  CB   . LEU A 1 46 ? 17.414  15.873  2.827   1.00 27.77  ? 353 LEU A CB   1 
ATOM   673  C  CG   . LEU A 1 46 ? 17.428  14.732  3.847   1.00 32.37  ? 353 LEU A CG   1 
ATOM   674  C  CD1  . LEU A 1 46 ? 18.243  13.567  3.367   1.00 31.80  ? 353 LEU A CD1  1 
ATOM   675  C  CD2  . LEU A 1 46 ? 17.950  15.206  5.181   1.00 37.84  ? 353 LEU A CD2  1 
ATOM   676  H  H    . LEU A 1 46 ? 14.960  15.873  2.811   1.00 42.88  ? 353 LEU A H    1 
ATOM   677  H  HA   . LEU A 1 46 ? 16.720  17.367  4.079   1.00 32.56  ? 353 LEU A HA   1 
ATOM   678  H  HB2  . LEU A 1 46 ? 17.124  15.504  1.979   1.00 33.33  ? 353 LEU A HB2  1 
ATOM   679  H  HB3  . LEU A 1 46 ? 18.322  16.204  2.745   1.00 33.33  ? 353 LEU A HB3  1 
ATOM   680  H  HG   . LEU A 1 46 ? 16.518  14.422  3.980   1.00 38.84  ? 353 LEU A HG   1 
ATOM   681  H  HD11 . LEU A 1 46 ? 18.224  12.869  4.042   1.00 38.16  ? 353 LEU A HD11 1 
ATOM   682  H  HD12 . LEU A 1 46 ? 17.863  13.235  2.538   1.00 38.16  ? 353 LEU A HD12 1 
ATOM   683  H  HD13 . LEU A 1 46 ? 19.156  13.860  3.219   1.00 38.16  ? 353 LEU A HD13 1 
ATOM   684  H  HD21 . LEU A 1 46 ? 17.947  14.463  5.804   1.00 45.41  ? 353 LEU A HD21 1 
ATOM   685  H  HD22 . LEU A 1 46 ? 18.854  15.538  5.066   1.00 45.41  ? 353 LEU A HD22 1 
ATOM   686  H  HD23 . LEU A 1 46 ? 17.376  15.917  5.509   1.00 45.41  ? 353 LEU A HD23 1 
ATOM   687  N  N    . ILE A 1 47 ? 16.116  18.099  1.038   1.00 27.06  ? 354 ILE A N    1 
ATOM   688  C  CA   . ILE A 1 47 ? 16.305  19.172  0.089   1.00 24.45  ? 354 ILE A CA   1 
ATOM   689  C  C    . ILE A 1 47 ? 15.748  20.466  0.678   1.00 28.18  ? 354 ILE A C    1 
ATOM   690  O  O    . ILE A 1 47 ? 16.351  21.559  0.578   1.00 27.49  ? 354 ILE A O    1 
ATOM   691  C  CB   . ILE A 1 47 ? 15.640  18.860  -1.255  1.00 28.27  ? 354 ILE A CB   1 
ATOM   692  C  CG1  . ILE A 1 47 ? 16.446  17.765  -1.959  1.00 30.42  ? 354 ILE A CG1  1 
ATOM   693  C  CG2  . ILE A 1 47 ? 15.558  20.116  -2.085  1.00 27.89  ? 354 ILE A CG2  1 
ATOM   694  C  CD1  . ILE A 1 47 ? 15.827  17.190  -3.197  1.00 33.23  ? 354 ILE A CD1  1 
ATOM   695  H  H    . ILE A 1 47 ? 15.614  17.450  0.781   1.00 32.47  ? 354 ILE A H    1 
ATOM   696  H  HA   . ILE A 1 47 ? 17.256  19.295  -0.067  1.00 29.34  ? 354 ILE A HA   1 
ATOM   697  H  HB   . ILE A 1 47 ? 14.741  18.532  -1.091  1.00 33.93  ? 354 ILE A HB   1 
ATOM   698  H  HG12 . ILE A 1 47 ? 17.307  18.133  -2.208  1.00 36.51  ? 354 ILE A HG12 1 
ATOM   699  H  HG13 . ILE A 1 47 ? 16.577  17.033  -1.335  1.00 36.51  ? 354 ILE A HG13 1 
ATOM   700  H  HG21 . ILE A 1 47 ? 15.135  19.907  -2.932  1.00 33.47  ? 354 ILE A HG21 1 
ATOM   701  H  HG22 . ILE A 1 47 ? 15.034  20.777  -1.606  1.00 33.47  ? 354 ILE A HG22 1 
ATOM   702  H  HG23 . ILE A 1 47 ? 16.456  20.452  -2.236  1.00 33.47  ? 354 ILE A HG23 1 
ATOM   703  H  HD11 . ILE A 1 47 ? 16.417  16.512  -3.559  1.00 39.88  ? 354 ILE A HD11 1 
ATOM   704  H  HD12 . ILE A 1 47 ? 14.970  16.798  -2.969  1.00 39.88  ? 354 ILE A HD12 1 
ATOM   705  H  HD13 . ILE A 1 47 ? 15.703  17.902  -3.846  1.00 39.88  ? 354 ILE A HD13 1 
ATOM   706  N  N    . GLY A 1 48 ? 14.586  20.363  1.281   1.00 28.61  ? 355 GLY A N    1 
ATOM   707  C  CA   . GLY A 1 48 ? 13.995  21.525  1.940   1.00 34.06  ? 355 GLY A CA   1 
ATOM   708  C  C    . GLY A 1 48 ? 14.942  22.163  2.936   1.00 36.18  ? 355 GLY A C    1 
ATOM   709  O  O    . GLY A 1 48 ? 15.094  23.387  2.970   1.00 33.39  ? 355 GLY A O    1 
ATOM   710  H  H    . GLY A 1 48 ? 14.116  19.645  1.326   1.00 34.33  ? 355 GLY A H    1 
ATOM   711  H  HA2  . GLY A 1 48 ? 13.757  22.189  1.274   1.00 40.87  ? 355 GLY A HA2  1 
ATOM   712  H  HA3  . GLY A 1 48 ? 13.190  21.257  2.410   1.00 40.87  ? 355 GLY A HA3  1 
ATOM   713  N  N    . GLU A 1 49 ? 15.603  21.338  3.740   1.00 27.96  ? 356 GLU A N    1 
ATOM   714  C  CA   . GLU A 1 49 ? 16.535  21.862  4.733   1.00 32.87  ? 356 GLU A CA   1 
ATOM   715  C  C    . GLU A 1 49 ? 17.753  22.475  4.089   1.00 35.42  ? 356 GLU A C    1 
ATOM   716  O  O    . GLU A 1 49 ? 18.307  23.452  4.580   1.00 31.98  ? 356 GLU A O    1 
ATOM   717  C  CB   . GLU A 1 49 ? 17.003  20.757  5.662   1.00 34.30  ? 356 GLU A CB   1 
ATOM   718  C  CG   . GLU A 1 49 ? 15.892  20.068  6.414   1.00 52.68  ? 356 GLU A CG   1 
ATOM   719  C  CD   . GLU A 1 49 ? 16.306  18.691  6.901   1.00 71.87  ? 356 GLU A CD   1 
ATOM   720  O  OE1  . GLU A 1 49 ? 17.461  18.576  7.378   1.00 68.29  ? 356 GLU A OE1  1 
ATOM   721  O  OE2  . GLU A 1 49 ? 15.493  17.731  6.797   1.00 77.79  ? 356 GLU A OE2  1 
ATOM   722  H  H    . GLU A 1 49 ? 15.533  20.481  3.732   1.00 33.55  ? 356 GLU A H    1 
ATOM   723  H  HA   . GLU A 1 49 ? 16.092  22.541  5.263   1.00 39.45  ? 356 GLU A HA   1 
ATOM   724  H  HB2  . GLU A 1 49 ? 17.466  20.084  5.137   1.00 41.16  ? 356 GLU A HB2  1 
ATOM   725  H  HB3  . GLU A 1 49 ? 17.611  21.137  6.316   1.00 41.16  ? 356 GLU A HB3  1 
ATOM   726  H  HG2  . GLU A 1 49 ? 15.651  20.602  7.188   1.00 63.22  ? 356 GLU A HG2  1 
ATOM   727  H  HG3  . GLU A 1 49 ? 15.126  19.964  5.828   1.00 63.22  ? 356 GLU A HG3  1 
ATOM   728  N  N    . TYR A 1 50 ? 18.208  21.856  3.004   1.00 28.83  ? 357 TYR A N    1 
ATOM   729  C  CA   . TYR A 1 50 ? 19.369  22.360  2.301   1.00 33.81  ? 357 TYR A CA   1 
ATOM   730  C  C    . TYR A 1 50 ? 19.107  23.764  1.786   1.00 33.26  ? 357 TYR A C    1 
ATOM   731  O  O    . TYR A 1 50 ? 19.950  24.649  1.893   1.00 33.27  ? 357 TYR A O    1 
ATOM   732  C  CB   . TYR A 1 50 ? 19.725  21.447  1.154   1.00 34.20  ? 357 TYR A CB   1 
ATOM   733  C  CG   . TYR A 1 50 ? 20.893  21.944  0.329   1.00 37.34  ? 357 TYR A CG   1 
ATOM   734  C  CD1  . TYR A 1 50 ? 22.199  21.874  0.807   1.00 35.76  ? 357 TYR A CD1  1 
ATOM   735  C  CD2  . TYR A 1 50 ? 20.680  22.472  -0.918  1.00 35.08  ? 357 TYR A CD2  1 
ATOM   736  C  CE1  . TYR A 1 50 ? 23.250  22.326  0.055   1.00 39.80  ? 357 TYR A CE1  1 
ATOM   737  C  CE2  . TYR A 1 50 ? 21.721  22.932  -1.682  1.00 35.15  ? 357 TYR A CE2  1 
ATOM   738  C  CZ   . TYR A 1 50 ? 23.003  22.862  -1.188  1.00 45.35  ? 357 TYR A CZ   1 
ATOM   739  O  OH   . TYR A 1 50 ? 24.027  23.329  -1.957  1.00 43.23  ? 357 TYR A OH   1 
ATOM   740  H  H    . TYR A 1 50 ? 17.862  21.148  2.660   1.00 34.60  ? 357 TYR A H    1 
ATOM   741  H  HA   . TYR A 1 50 ? 20.124  22.393  2.910   1.00 40.57  ? 357 TYR A HA   1 
ATOM   742  H  HB2  . TYR A 1 50 ? 19.961  20.576  1.509   1.00 41.04  ? 357 TYR A HB2  1 
ATOM   743  H  HB3  . TYR A 1 50 ? 18.958  21.368  0.566   1.00 41.04  ? 357 TYR A HB3  1 
ATOM   744  H  HD1  . TYR A 1 50 ? 22.360  21.517  1.651   1.00 42.91  ? 357 TYR A HD1  1 
ATOM   745  H  HD2  . TYR A 1 50 ? 19.813  22.526  -1.248  1.00 42.10  ? 357 TYR A HD2  1 
ATOM   746  H  HE1  . TYR A 1 50 ? 24.118  22.282  0.385   1.00 47.75  ? 357 TYR A HE1  1 
ATOM   747  H  HE2  . TYR A 1 50 ? 21.561  23.294  -2.523  1.00 42.18  ? 357 TYR A HE2  1 
ATOM   748  H  HH   . TYR A 1 50 ? 23.728  23.625  -2.684  1.00 51.87  ? 357 TYR A HH   1 
ATOM   749  N  N    . LEU A 1 51 ? 17.899  23.962  1.259   1.00 29.07  ? 358 LEU A N    1 
ATOM   750  C  CA   . LEU A 1 51 ? 17.486  25.243  0.711   1.00 33.04  ? 358 LEU A CA   1 
ATOM   751  C  C    . LEU A 1 51 ? 17.042  26.210  1.802   1.00 24.59  ? 358 LEU A C    1 
ATOM   752  O  O    . LEU A 1 51 ? 16.723  27.338  1.513   1.00 32.46  ? 358 LEU A O    1 
ATOM   753  C  CB   . LEU A 1 51 ? 16.343  25.064  -0.280  1.00 27.88  ? 358 LEU A CB   1 
ATOM   754  C  CG   . LEU A 1 51 ? 16.594  24.249  -1.554  1.00 31.68  ? 358 LEU A CG   1 
ATOM   755  C  CD1  . LEU A 1 51 ? 15.309  24.057  -2.330  1.00 29.06  ? 358 LEU A CD1  1 
ATOM   756  C  CD2  . LEU A 1 51 ? 17.613  25.002  -2.428  1.00 28.29  ? 358 LEU A CD2  1 
ATOM   757  H  H    . LEU A 1 51 ? 17.293  23.354  1.209   1.00 34.88  ? 358 LEU A H    1 
ATOM   758  H  HA   . LEU A 1 51 ? 18.234  25.642  0.240   1.00 39.65  ? 358 LEU A HA   1 
ATOM   759  H  HB2  . LEU A 1 51 ? 15.612  24.633  0.189   1.00 33.46  ? 358 LEU A HB2  1 
ATOM   760  H  HB3  . LEU A 1 51 ? 16.058  25.946  -0.564  1.00 33.46  ? 358 LEU A HB3  1 
ATOM   761  H  HG   . LEU A 1 51 ? 16.957  23.379  -1.326  1.00 38.02  ? 358 LEU A HG   1 
ATOM   762  H  HD11 . LEU A 1 51 ? 15.497  23.540  -3.129  1.00 34.87  ? 358 LEU A HD11 1 
ATOM   763  H  HD12 . LEU A 1 51 ? 14.671  23.586  -1.772  1.00 34.87  ? 358 LEU A HD12 1 
ATOM   764  H  HD13 . LEU A 1 51 ? 14.956  24.928  -2.575  1.00 34.87  ? 358 LEU A HD13 1 
ATOM   765  H  HD21 . LEU A 1 51 ? 17.774  24.489  -3.236  1.00 33.94  ? 358 LEU A HD21 1 
ATOM   766  H  HD22 . LEU A 1 51 ? 17.251  25.872  -2.654  1.00 33.94  ? 358 LEU A HD22 1 
ATOM   767  H  HD23 . LEU A 1 51 ? 18.439  25.105  -1.930  1.00 33.94  ? 358 LEU A HD23 1 
ATOM   768  N  N    . ASN A 1 52 ? 16.961  25.720  3.028   1.00 35.82  ? 359 ASN A N    1 
ATOM   769  C  CA   . ASN A 1 52 ? 16.547  26.524  4.152   1.00 31.42  ? 359 ASN A CA   1 
ATOM   770  C  C    . ASN A 1 52 ? 15.162  27.121  3.975   1.00 38.22  ? 359 ASN A C    1 
ATOM   771  O  O    . ASN A 1 52 ? 14.927  28.303  4.253   1.00 36.46  ? 359 ASN A O    1 
ATOM   772  C  CB   . ASN A 1 52 ? 17.598  27.606  4.389   1.00 47.80  ? 359 ASN A CB   1 
ATOM   773  C  CG   . ASN A 1 52 ? 18.279  27.433  5.715   1.00 79.20  ? 359 ASN A CG   1 
ATOM   774  O  OD1  . ASN A 1 52 ? 19.318  26.763  5.818   1.00 82.26  ? 359 ASN A OD1  1 
ATOM   775  N  ND2  . ASN A 1 52 ? 17.677  27.997  6.757   1.00 79.26  ? 359 ASN A ND2  1 
ATOM   776  H  H    . ASN A 1 52 ? 17.145  24.905  3.234   1.00 42.98  ? 359 ASN A H    1 
ATOM   777  H  HA   . ASN A 1 52 ? 16.524  25.961  4.942   1.00 37.70  ? 359 ASN A HA   1 
ATOM   778  H  HB2  . ASN A 1 52 ? 18.272  27.555  3.693   1.00 57.36  ? 359 ASN A HB2  1 
ATOM   779  H  HB3  . ASN A 1 52 ? 17.169  28.476  4.379   1.00 57.36  ? 359 ASN A HB3  1 
ATOM   780  H  HD21 . ASN A 1 52 ? 18.023  27.930  7.542   1.00 95.11  ? 359 ASN A HD21 1 
ATOM   781  H  HD22 . ASN A 1 52 ? 16.941  28.430  6.647   1.00 95.11  ? 359 ASN A HD22 1 
ATOM   782  N  N    . ILE A 1 53 ? 14.218  26.289  3.541   1.00 34.39  ? 360 ILE A N    1 
ATOM   783  C  CA   . ILE A 1 53 ? 12.842  26.753  3.346   1.00 27.50  ? 360 ILE A CA   1 
ATOM   784  C  C    . ILE A 1 53 ? 11.896  25.828  4.034   1.00 34.30  ? 360 ILE A C    1 
ATOM   785  O  O    . ILE A 1 53 ? 10.712  25.879  3.779   1.00 31.08  ? 360 ILE A O    1 
ATOM   786  C  CB   . ILE A 1 53 ? 12.485  26.850  1.812   1.00 40.38  ? 360 ILE A CB   1 
ATOM   787  C  CG1  . ILE A 1 53 ? 12.786  25.530  1.097   1.00 36.58  ? 360 ILE A CG1  1 
ATOM   788  C  CG2  . ILE A 1 53 ? 13.286  27.933  1.149   1.00 48.33  ? 360 ILE A CG2  1 
ATOM   789  C  CD1  . ILE A 1 53 ? 12.219  25.384  -0.310  1.00 33.88  ? 360 ILE A CD1  1 
ATOM   790  H  H    . ILE A 1 53 ? 14.344  25.460  3.353   1.00 41.27  ? 360 ILE A H    1 
ATOM   791  H  HA   . ILE A 1 53 ? 12.744  27.634  3.738   1.00 33.00  ? 360 ILE A HA   1 
ATOM   792  H  HB   . ILE A 1 53 ? 11.542  27.052  1.718   1.00 48.46  ? 360 ILE A HB   1 
ATOM   793  H  HG12 . ILE A 1 53 ? 13.748  25.432  1.031   1.00 43.89  ? 360 ILE A HG12 1 
ATOM   794  H  HG13 . ILE A 1 53 ? 12.424  24.806  1.630   1.00 43.89  ? 360 ILE A HG13 1 
ATOM   795  H  HG21 . ILE A 1 53 ? 13.048  27.972  0.210   1.00 58.00  ? 360 ILE A HG21 1 
ATOM   796  H  HG22 . ILE A 1 53 ? 13.084  28.780  1.578   1.00 58.00  ? 360 ILE A HG22 1 
ATOM   797  H  HG23 . ILE A 1 53 ? 14.229  27.731  1.244   1.00 58.00  ? 360 ILE A HG23 1 
ATOM   798  H  HD11 . ILE A 1 53 ? 12.471  24.515  -0.662  1.00 40.66  ? 360 ILE A HD11 1 
ATOM   799  H  HD12 . ILE A 1 53 ? 11.253  25.458  -0.270  1.00 40.66  ? 360 ILE A HD12 1 
ATOM   800  H  HD13 . ILE A 1 53 ? 12.583  26.087  -0.871  1.00 40.66  ? 360 ILE A HD13 1 
ATOM   801  N  N    . SER A 1 54 ? 12.424  24.976  4.920   1.00 32.62  ? 361 SER A N    1 
ATOM   802  C  CA   . SER A 1 54 ? 11.656  23.871  5.478   1.00 35.07  ? 361 SER A CA   1 
ATOM   803  C  C    . SER A 1 54 ? 10.286  24.289  6.023   1.00 39.32  ? 361 SER A C    1 
ATOM   804  O  O    . SER A 1 54 ? 9.279   23.690  5.683   1.00 37.17  ? 361 SER A O    1 
ATOM   805  C  CB   . SER A 1 54 ? 12.448  23.180  6.618   1.00 38.01  ? 361 SER A CB   1 
ATOM   806  O  OG   . SER A 1 54 ? 13.768  22.874  6.240   1.00 50.75  ? 361 SER A OG   1 
ATOM   807  H  H    . SER A 1 54 ? 13.231  25.022  5.213   1.00 39.14  ? 361 SER A H    1 
ATOM   808  H  HA   . SER A 1 54 ? 11.507  23.213  4.780   1.00 42.08  ? 361 SER A HA   1 
ATOM   809  H  HB2  . SER A 1 54 ? 12.474  23.775  7.383   1.00 45.61  ? 361 SER A HB2  1 
ATOM   810  H  HB3  . SER A 1 54 ? 11.993  22.357  6.858   1.00 45.61  ? 361 SER A HB3  1 
ATOM   811  H  HG   . SER A 1 54 ? 14.171  22.501  6.877   1.00 60.90  ? 361 SER A HG   1 
ATOM   812  N  N    . SER A 1 55 ? 10.237  25.303  6.880   1.00 38.76  ? 362 SER A N    1 
ATOM   813  C  CA   . SER A 1 55 ? 8.983   25.602  7.584   1.00 47.51  ? 362 SER A CA   1 
ATOM   814  C  C    . SER A 1 55 ? 7.877   26.089  6.637   1.00 32.80  ? 362 SER A C    1 
ATOM   815  O  O    . SER A 1 55 ? 6.740   25.651  6.714   1.00 29.53  ? 362 SER A O    1 
ATOM   816  C  CB   . SER A 1 55 ? 9.216   26.642  8.673   1.00 44.26  ? 362 SER A CB   1 
ATOM   817  O  OG   . SER A 1 55 ? 10.115  26.137  9.640   1.00 65.59  ? 362 SER A OG   1 
ATOM   818  H  H    . SER A 1 55 ? 10.894  25.824  7.072   1.00 46.52  ? 362 SER A H    1 
ATOM   819  H  HA   . SER A 1 55 ? 8.667   24.791  8.014   1.00 57.01  ? 362 SER A HA   1 
ATOM   820  H  HB2  . SER A 1 55 ? 9.594   27.442  8.273   1.00 53.11  ? 362 SER A HB2  1 
ATOM   821  H  HB3  . SER A 1 55 ? 8.371   26.850  9.102   1.00 53.11  ? 362 SER A HB3  1 
ATOM   822  H  HG   . SER A 1 55 ? 9.799   25.442  9.990   1.00 78.71  ? 362 SER A HG   1 
ATOM   823  N  N    . TRP A 1 56 ? 8.217   26.985  5.722   1.00 34.21  ? 363 TRP A N    1 
ATOM   824  C  CA   . TRP A 1 56 ? 7.195   27.518  4.833   1.00 39.64  ? 363 TRP A CA   1 
ATOM   825  C  C    . TRP A 1 56 ? 6.786   26.489  3.781   1.00 41.31  ? 363 TRP A C    1 
ATOM   826  O  O    . TRP A 1 56 ? 5.618   26.407  3.404   1.00 39.50  ? 363 TRP A O    1 
ATOM   827  C  CB   . TRP A 1 56 ? 7.668   28.800  4.158   1.00 52.66  ? 363 TRP A CB   1 
ATOM   828  C  CG   . TRP A 1 56 ? 6.565   29.434  3.421   1.00 67.05  ? 363 TRP A CG   1 
ATOM   829  C  CD1  . TRP A 1 56 ? 6.426   29.555  2.063   1.00 65.64  ? 363 TRP A CD1  1 
ATOM   830  C  CD2  . TRP A 1 56 ? 5.392   30.012  4.001   1.00 55.68  ? 363 TRP A CD2  1 
ATOM   831  N  NE1  . TRP A 1 56 ? 5.237   30.183  1.770   1.00 50.99  ? 363 TRP A NE1  1 
ATOM   832  C  CE2  . TRP A 1 56 ? 4.590   30.475  2.944   1.00 52.42  ? 363 TRP A CE2  1 
ATOM   833  C  CE3  . TRP A 1 56 ? 4.951   30.186  5.312   1.00 57.87  ? 363 TRP A CE3  1 
ATOM   834  C  CZ2  . TRP A 1 56 ? 3.377   31.111  3.166   1.00 61.61  ? 363 TRP A CZ2  1 
ATOM   835  C  CZ3  . TRP A 1 56 ? 3.748   30.817  5.525   1.00 60.59  ? 363 TRP A CZ3  1 
ATOM   836  C  CH2  . TRP A 1 56 ? 2.978   31.272  4.462   1.00 55.15  ? 363 TRP A CH2  1 
ATOM   837  H  H    . TRP A 1 56 ? 9.010   27.293  5.596   1.00 41.05  ? 363 TRP A H    1 
ATOM   838  H  HA   . TRP A 1 56 ? 6.408   27.732  5.358   1.00 47.57  ? 363 TRP A HA   1 
ATOM   839  H  HB2  . TRP A 1 56 ? 7.983   29.423  4.832   1.00 63.19  ? 363 TRP A HB2  1 
ATOM   840  H  HB3  . TRP A 1 56 ? 8.376   28.592  3.529   1.00 63.19  ? 363 TRP A HB3  1 
ATOM   841  H  HD1  . TRP A 1 56 ? 7.040   29.251  1.433   1.00 78.76  ? 363 TRP A HD1  1 
ATOM   842  H  HE1  . TRP A 1 56 ? 4.950   30.372  0.982   1.00 61.18  ? 363 TRP A HE1  1 
ATOM   843  H  HE3  . TRP A 1 56 ? 5.464   29.890  6.029   1.00 69.44  ? 363 TRP A HE3  1 
ATOM   844  H  HZ2  . TRP A 1 56 ? 2.855   31.415  2.459   1.00 73.94  ? 363 TRP A HZ2  1 
ATOM   845  H  HZ3  . TRP A 1 56 ? 3.445   30.939  6.395   1.00 72.70  ? 363 TRP A HZ3  1 
ATOM   846  H  HH2  . TRP A 1 56 ? 2.166   31.689  4.638   1.00 66.18  ? 363 TRP A HH2  1 
ATOM   847  N  N    . LEU A 1 57 ? 7.748   25.692  3.324   1.00 32.57  ? 364 LEU A N    1 
ATOM   848  C  CA   . LEU A 1 57 ? 7.468   24.638  2.353   1.00 31.32  ? 364 LEU A CA   1 
ATOM   849  C  C    . LEU A 1 57 ? 6.477   23.628  2.930   1.00 33.39  ? 364 LEU A C    1 
ATOM   850  O  O    . LEU A 1 57 ? 5.540   23.207  2.264   1.00 33.52  ? 364 LEU A O    1 
ATOM   851  C  CB   . LEU A 1 57 ? 8.781   23.963  1.981   1.00 36.01  ? 364 LEU A CB   1 
ATOM   852  C  CG   . LEU A 1 57 ? 8.717   22.711  1.133   1.00 27.90  ? 364 LEU A CG   1 
ATOM   853  C  CD1  . LEU A 1 57 ? 8.082   22.956  -0.202  1.00 32.14  ? 364 LEU A CD1  1 
ATOM   854  C  CD2  . LEU A 1 57 ? 10.156  22.175  1.016   1.00 31.39  ? 364 LEU A CD2  1 
ATOM   855  H  H    . LEU A 1 57 ? 8.573   25.741  3.560   1.00 39.08  ? 364 LEU A H    1 
ATOM   856  H  HA   . LEU A 1 57 ? 7.083   25.027  1.553   1.00 37.58  ? 364 LEU A HA   1 
ATOM   857  H  HB2  . LEU A 1 57 ? 9.319   24.607  1.493   1.00 43.21  ? 364 LEU A HB2  1 
ATOM   858  H  HB3  . LEU A 1 57 ? 9.238   23.725  2.802   1.00 43.21  ? 364 LEU A HB3  1 
ATOM   859  H  HG   . LEU A 1 57 ? 8.187   22.043  1.597   1.00 33.48  ? 364 LEU A HG   1 
ATOM   860  H  HD11 . LEU A 1 57 ? 8.066   22.126  -0.702  1.00 38.57  ? 364 LEU A HD11 1 
ATOM   861  H  HD12 . LEU A 1 57 ? 7.177   23.280  -0.066  1.00 38.57  ? 364 LEU A HD12 1 
ATOM   862  H  HD13 . LEU A 1 57 ? 8.602   23.621  -0.680  1.00 38.57  ? 364 LEU A HD13 1 
ATOM   863  H  HD21 . LEU A 1 57 ? 10.150  21.369  0.476   1.00 37.67  ? 364 LEU A HD21 1 
ATOM   864  H  HD22 . LEU A 1 57 ? 10.711  22.851  0.595   1.00 37.67  ? 364 LEU A HD22 1 
ATOM   865  H  HD23 . LEU A 1 57 ? 10.493  21.977  1.904   1.00 37.67  ? 364 LEU A HD23 1 
ATOM   866  N  N    . GLU A 1 58 ? 6.683   23.290  4.201   1.00 28.28  ? 365 GLU A N    1 
ATOM   867  C  CA   . GLU A 1 58 ? 5.832   22.378  4.947   1.00 28.31  ? 365 GLU A CA   1 
ATOM   868  C  C    . GLU A 1 58 ? 4.391   22.889  5.081   1.00 34.84  ? 365 GLU A C    1 
ATOM   869  O  O    . GLU A 1 58 ? 3.446   22.132  4.945   1.00 29.40  ? 365 GLU A O    1 
ATOM   870  C  CB   . GLU A 1 58 ? 6.414   22.191  6.349   1.00 38.20  ? 365 GLU A CB   1 
ATOM   871  C  CG   . GLU A 1 58 ? 6.682   20.799  6.837   1.00 63.75  ? 365 GLU A CG   1 
ATOM   872  C  CD   . GLU A 1 58 ? 7.291   20.836  8.244   1.00 69.88  ? 365 GLU A CD   1 
ATOM   873  O  OE1  . GLU A 1 58 ? 8.528   21.005  8.375   1.00 65.06  ? 365 GLU A OE1  1 
ATOM   874  O  OE2  . GLU A 1 58 ? 6.518   20.745  9.220   1.00 70.25  ? 365 GLU A OE2  1 
ATOM   875  H  H    . GLU A 1 58 ? 7.339   23.593  4.667   1.00 33.94  ? 365 GLU A H    1 
ATOM   876  H  HA   . GLU A 1 58 ? 5.813   21.516  4.504   1.00 33.98  ? 365 GLU A HA   1 
ATOM   877  H  HB2  . GLU A 1 58 ? 7.258   22.667  6.384   1.00 45.84  ? 365 GLU A HB2  1 
ATOM   878  H  HB3  . GLU A 1 58 ? 5.799   22.595  6.981   1.00 45.84  ? 365 GLU A HB3  1 
ATOM   879  H  HG2  . GLU A 1 58 ? 5.849   20.303  6.875   1.00 76.50  ? 365 GLU A HG2  1 
ATOM   880  H  HG3  . GLU A 1 58 ? 7.310   20.362  6.241   1.00 76.50  ? 365 GLU A HG3  1 
ATOM   881  N  N    . THR A 1 59 ? 4.217   24.167  5.406   1.00 32.30  ? 366 THR A N    1 
ATOM   882  C  CA   . THR A 1 59 ? 2.854   24.638  5.628   1.00 40.13  ? 366 THR A CA   1 
ATOM   883  C  C    . THR A 1 59 ? 2.157   24.667  4.268   1.00 29.48  ? 366 THR A C    1 
ATOM   884  O  O    . THR A 1 59 ? 1.058   24.150  4.100   1.00 28.77  ? 366 THR A O    1 
ATOM   885  C  CB   . THR A 1 59 ? 2.814   26.007  6.331   1.00 31.03  ? 366 THR A CB   1 
ATOM   886  O  OG1  . THR A 1 59 ? 1.441   26.407  6.509   1.00 46.59  ? 366 THR A OG1  1 
ATOM   887  C  CG2  . THR A 1 59 ? 3.555   27.030  5.582   1.00 35.47  ? 366 THR A CG2  1 
ATOM   888  H  H    . THR A 1 59 ? 4.837   24.755  5.501   1.00 38.76  ? 366 THR A H    1 
ATOM   889  H  HA   . THR A 1 59 ? 2.387   24.002  6.190   1.00 48.15  ? 366 THR A HA   1 
ATOM   890  H  HB   . THR A 1 59 ? 3.229   25.921  7.204   1.00 37.23  ? 366 THR A HB   1 
ATOM   891  H  HG1  . THR A 1 59 ? 1.036   25.841  6.978   1.00 55.91  ? 366 THR A HG1  1 
ATOM   892  H  HG21 . THR A 1 59 ? 3.512   27.879  6.049   1.00 42.57  ? 366 THR A HG21 1 
ATOM   893  H  HG22 . THR A 1 59 ? 4.484   26.766  5.493   1.00 42.57  ? 366 THR A HG22 1 
ATOM   894  H  HG23 . THR A 1 59 ? 3.171   27.136  4.697   1.00 42.57  ? 366 THR A HG23 1 
ATOM   895  N  N    . LYS A 1 60 ? 2.843   25.166  3.269   1.00 30.36  ? 367 LYS A N    1 
ATOM   896  C  CA   . LYS A 1 60 ? 2.267   25.160  1.944   1.00 29.42  ? 367 LYS A CA   1 
ATOM   897  C  C    . LYS A 1 60 ? 1.952   23.739  1.548   1.00 30.00  ? 367 LYS A C    1 
ATOM   898  O  O    . LYS A 1 60 ? 0.882   23.488  0.993   1.00 28.49  ? 367 LYS A O    1 
ATOM   899  C  CB   . LYS A 1 60 ? 3.201   25.829  0.951   1.00 34.66  ? 367 LYS A CB   1 
ATOM   900  C  CG   . LYS A 1 60 ? 3.063   27.357  0.877   1.00 40.75  ? 367 LYS A CG   1 
ATOM   901  C  CD   . LYS A 1 60 ? 1.638   27.773  0.435   1.00 67.10  ? 367 LYS A CD   1 
ATOM   902  C  CE   . LYS A 1 60 ? 1.635   28.863  -0.649  1.00 58.74  ? 367 LYS A CE   1 
ATOM   903  N  NZ   . LYS A 1 60 ? 0.308   28.944  -1.344  1.00 65.15  ? 367 LYS A NZ   1 
ATOM   904  H  H    . LYS A 1 60 ? 3.629   25.511  3.326   1.00 36.43  ? 367 LYS A H    1 
ATOM   905  H  HA   . LYS A 1 60 ? 1.436   25.660  1.958   1.00 35.31  ? 367 LYS A HA   1 
ATOM   906  H  HB2  . LYS A 1 60 ? 4.116   25.629  1.202   1.00 41.60  ? 367 LYS A HB2  1 
ATOM   907  H  HB3  . LYS A 1 60 ? 3.019   25.475  0.067   1.00 41.60  ? 367 LYS A HB3  1 
ATOM   908  H  HG2  . LYS A 1 60 ? 3.232   27.737  1.754   1.00 48.90  ? 367 LYS A HG2  1 
ATOM   909  H  HG3  . LYS A 1 60 ? 3.696   27.706  0.231   1.00 48.90  ? 367 LYS A HG3  1 
ATOM   910  H  HD2  . LYS A 1 60 ? 1.180   26.996  0.078   1.00 80.51  ? 367 LYS A HD2  1 
ATOM   911  H  HD3  . LYS A 1 60 ? 1.157   28.116  1.204   1.00 80.51  ? 367 LYS A HD3  1 
ATOM   912  H  HE2  . LYS A 1 60 ? 1.817   29.723  -0.239  1.00 70.49  ? 367 LYS A HE2  1 
ATOM   913  H  HE3  . LYS A 1 60 ? 2.313   28.657  -1.312  1.00 70.49  ? 367 LYS A HE3  1 
ATOM   914  H  HZ1  . LYS A 1 60 ? 0.329   29.581  -1.966  1.00 78.18  ? 367 LYS A HZ1  1 
ATOM   915  H  HZ2  . LYS A 1 60 ? 0.120   28.166  -1.731  1.00 78.18  ? 367 LYS A HZ2  1 
ATOM   916  H  HZ3  . LYS A 1 60 ? -0.332  29.137  -0.755  1.00 78.18  ? 367 LYS A HZ3  1 
ATOM   917  N  N    . THR A 1 61 ? 2.826   22.789  1.921   1.00 30.69  ? 368 THR A N    1 
ATOM   918  C  CA   . THR A 1 61 ? 2.639   21.399  1.509   1.00 26.83  ? 368 THR A CA   1 
ATOM   919  C  C    . THR A 1 61 ? 1.428   20.742  2.151   1.00 33.58  ? 368 THR A C    1 
ATOM   920  O  O    . THR A 1 61 ? 0.667   20.015  1.503   1.00 29.72  ? 368 THR A O    1 
ATOM   921  C  CB   . THR A 1 61 ? 3.854   20.529  1.856   1.00 31.64  ? 368 THR A CB   1 
ATOM   922  O  OG1  . THR A 1 61 ? 4.950   20.827  0.978   1.00 34.71  ? 368 THR A OG1  1 
ATOM   923  C  CG2  . THR A 1 61 ? 3.513   19.063  1.669   1.00 32.10  ? 368 THR A CG2  1 
ATOM   924  H  H    . THR A 1 61 ? 3.521   22.926  2.406   1.00 36.82  ? 368 THR A H    1 
ATOM   925  H  HA   . THR A 1 61 ? 2.518   21.371  0.546   1.00 32.20  ? 368 THR A HA   1 
ATOM   926  H  HB   . THR A 1 61 ? 4.117   20.678  2.778   1.00 37.97  ? 368 THR A HB   1 
ATOM   927  H  HG1  . THR A 1 61 ? 5.166   21.635  1.054   1.00 41.65  ? 368 THR A HG1  1 
ATOM   928  H  HG21 . THR A 1 61 ? 4.283   18.513  1.889   1.00 38.52  ? 368 THR A HG21 1 
ATOM   929  H  HG22 . THR A 1 61 ? 2.776   18.818  2.248   1.00 38.52  ? 368 THR A HG22 1 
ATOM   930  H  HG23 . THR A 1 61 ? 3.260   18.896  0.747   1.00 38.52  ? 368 THR A HG23 1 
ATOM   931  N  N    . LEU A 1 62 ? 1.297   20.928  3.457   1.00 32.33  ? 369 LEU A N    1 
ATOM   932  C  CA   . LEU A 1 62 ? 0.218   20.303  4.204   1.00 36.06  ? 369 LEU A CA   1 
ATOM   933  C  C    . LEU A 1 62 ? -1.150  20.830  3.763   1.00 29.24  ? 369 LEU A C    1 
ATOM   934  O  O    . LEU A 1 62 ? -2.105  20.064  3.644   1.00 27.84  ? 369 LEU A O    1 
ATOM   935  C  CB   . LEU A 1 62 ? 0.399   20.541  5.702   1.00 37.39  ? 369 LEU A CB   1 
ATOM   936  C  CG   . LEU A 1 62 ? 1.683   19.933  6.243   1.00 36.68  ? 369 LEU A CG   1 
ATOM   937  C  CD1  . LEU A 1 62 ? 2.014   20.464  7.650   1.00 38.32  ? 369 LEU A CD1  1 
ATOM   938  C  CD2  . LEU A 1 62 ? 1.537   18.422  6.197   1.00 37.71  ? 369 LEU A CD2  1 
ATOM   939  H  H    . LEU A 1 62 ? 1.822   21.414  3.934   1.00 38.79  ? 369 LEU A H    1 
ATOM   940  H  HA   . LEU A 1 62 ? 0.238   19.347  4.047   1.00 43.27  ? 369 LEU A HA   1 
ATOM   941  H  HB2  . LEU A 1 62 ? 0.424   21.496  5.871   1.00 44.86  ? 369 LEU A HB2  1 
ATOM   942  H  HB3  . LEU A 1 62 ? -0.346  20.140  6.177   1.00 44.86  ? 369 LEU A HB3  1 
ATOM   943  H  HG   . LEU A 1 62 ? 2.416   20.177  5.656   1.00 44.02  ? 369 LEU A HG   1 
ATOM   944  H  HD11 . LEU A 1 62 ? 2.837   20.054  7.957   1.00 45.99  ? 369 LEU A HD11 1 
ATOM   945  H  HD12 . LEU A 1 62 ? 2.119   21.427  7.606   1.00 45.99  ? 369 LEU A HD12 1 
ATOM   946  H  HD13 . LEU A 1 62 ? 1.286   20.238  8.251   1.00 45.99  ? 369 LEU A HD13 1 
ATOM   947  H  HD21 . LEU A 1 62 ? 2.348   18.015  6.540   1.00 45.25  ? 369 LEU A HD21 1 
ATOM   948  H  HD22 . LEU A 1 62 ? 0.780   18.161  6.746   1.00 45.25  ? 369 LEU A HD22 1 
ATOM   949  H  HD23 . LEU A 1 62 ? 1.391   18.147  5.279   1.00 45.25  ? 369 LEU A HD23 1 
ATOM   950  N  N    . THR A 1 63 ? -1.239  22.131  3.491   1.00 32.28  ? 370 THR A N    1 
ATOM   951  C  CA   . THR A 1 63 ? -2.545  22.691  3.134   1.00 31.61  ? 370 THR A CA   1 
ATOM   952  C  C    . THR A 1 63 ? -2.944  22.326  1.714   1.00 34.25  ? 370 THR A C    1 
ATOM   953  O  O    . THR A 1 63 ? -4.105  21.990  1.459   1.00 32.99  ? 370 THR A O    1 
ATOM   954  C  CB   . THR A 1 63 ? -2.591  24.207  3.318   1.00 27.67  ? 370 THR A CB   1 
ATOM   955  O  OG1  . THR A 1 63 ? -1.512  24.837  2.639   1.00 31.65  ? 370 THR A OG1  1 
ATOM   956  C  CG2  . THR A 1 63 ? -2.481  24.541  4.787   1.00 34.70  ? 370 THR A CG2  1 
ATOM   957  H  H    . THR A 1 63 ? -0.588  22.692  3.503   1.00 38.74  ? 370 THR A H    1 
ATOM   958  H  HA   . THR A 1 63 ? -3.212  22.310  3.727   1.00 37.93  ? 370 THR A HA   1 
ATOM   959  H  HB   . THR A 1 63 ? -3.433  24.552  2.983   1.00 33.21  ? 370 THR A HB   1 
ATOM   960  H  HG1  . THR A 1 63 ? -0.780  24.556  2.938   1.00 37.98  ? 370 THR A HG1  1 
ATOM   961  H  HG21 . THR A 1 63 ? -2.508  25.503  4.911   1.00 41.64  ? 370 THR A HG21 1 
ATOM   962  H  HG22 . THR A 1 63 ? -3.217  24.139  5.273   1.00 41.64  ? 370 THR A HG22 1 
ATOM   963  H  HG23 . THR A 1 63 ? -1.645  24.201  5.142   1.00 41.64  ? 370 THR A HG23 1 
ATOM   964  N  N    . LYS A 1 64 ? -2.002  22.361  0.782   1.00 39.84  ? 371 LYS A N    1 
ATOM   965  C  CA   . LYS A 1 64 ? -2.322  21.940  -0.585  1.00 29.98  ? 371 LYS A CA   1 
ATOM   966  C  C    . LYS A 1 64 ? -2.662  20.469  -0.631  1.00 35.11  ? 371 LYS A C    1 
ATOM   967  O  O    . LYS A 1 64 ? -3.562  20.077  -1.375  1.00 32.04  ? 371 LYS A O    1 
ATOM   968  C  CB   . LYS A 1 64 ? -1.168  22.242  -1.532  1.00 32.31  ? 371 LYS A CB   1 
ATOM   969  C  CG   . LYS A 1 64 ? -1.078  23.688  -1.875  1.00 41.81  ? 371 LYS A CG   1 
ATOM   970  C  CD   . LYS A 1 64 ? 0.075   23.964  -2.837  1.00 63.03  ? 371 LYS A CD   1 
ATOM   971  C  CE   . LYS A 1 64 ? 0.379   25.460  -2.968  1.00 59.21  ? 371 LYS A CE   1 
ATOM   972  N  NZ   . LYS A 1 64 ? -0.711  26.265  -3.597  1.00 79.98  ? 371 LYS A NZ   1 
ATOM   973  H  H    . LYS A 1 64 ? -1.189  22.616  0.904   1.00 47.81  ? 371 LYS A H    1 
ATOM   974  H  HA   . LYS A 1 64 ? -3.098  22.434  -0.892  1.00 35.97  ? 371 LYS A HA   1 
ATOM   975  H  HB2  . LYS A 1 64 ? -0.336  21.979  -1.110  1.00 38.77  ? 371 LYS A HB2  1 
ATOM   976  H  HB3  . LYS A 1 64 ? -1.294  21.744  -2.355  1.00 38.77  ? 371 LYS A HB3  1 
ATOM   977  H  HG2  . LYS A 1 64 ? -1.904  23.968  -2.300  1.00 50.17  ? 371 LYS A HG2  1 
ATOM   978  H  HG3  . LYS A 1 64 ? -0.926  24.200  -1.066  1.00 50.17  ? 371 LYS A HG3  1 
ATOM   979  H  HD2  . LYS A 1 64 ? 0.874   23.521  -2.511  1.00 75.64  ? 371 LYS A HD2  1 
ATOM   980  H  HD3  . LYS A 1 64 ? -0.158  23.625  -3.717  1.00 75.64  ? 371 LYS A HD3  1 
ATOM   981  H  HE2  . LYS A 1 64 ? 0.537   25.823  -2.083  1.00 71.05  ? 371 LYS A HE2  1 
ATOM   982  H  HE3  . LYS A 1 64 ? 1.174   25.569  -3.512  1.00 71.05  ? 371 LYS A HE3  1 
ATOM   983  H  HZ1  . LYS A 1 64 ? -0.471  27.121  -3.642  1.00 95.98  ? 371 LYS A HZ1  1 
ATOM   984  H  HZ2  . LYS A 1 64 ? -0.874  25.967  -4.420  1.00 95.98  ? 371 LYS A HZ2  1 
ATOM   985  H  HZ3  . LYS A 1 64 ? -1.457  26.199  -3.114  1.00 95.98  ? 371 LYS A HZ3  1 
ATOM   986  N  N    . THR A 1 65 ? -1.958  19.657  0.166   1.00 32.80  ? 372 THR A N    1 
ATOM   987  C  CA   . THR A 1 65 ? -2.235  18.227  0.202   1.00 32.70  ? 372 THR A CA   1 
ATOM   988  C  C    . THR A 1 65 ? -3.611  18.006  0.814   1.00 38.17  ? 372 THR A C    1 
ATOM   989  O  O    . THR A 1 65 ? -4.426  17.241  0.286   1.00 35.87  ? 372 THR A O    1 
ATOM   990  C  CB   . THR A 1 65 ? -1.153  17.429  0.998   1.00 34.58  ? 372 THR A CB   1 
ATOM   991  O  OG1  . THR A 1 65 ? 0.155   17.728  0.472   1.00 32.80  ? 372 THR A OG1  1 
ATOM   992  C  CG2  . THR A 1 65 ? -1.413  15.924  0.893   1.00 44.00  ? 372 THR A CG2  1 
ATOM   993  H  H    . THR A 1 65 ? -1.323  19.911  0.688   1.00 39.36  ? 372 THR A H    1 
ATOM   994  H  HA   . THR A 1 65 ? -2.251  17.885  -0.706  1.00 39.24  ? 372 THR A HA   1 
ATOM   995  H  HB   . THR A 1 65 ? -1.190  17.682  1.934   1.00 41.49  ? 372 THR A HB   1 
ATOM   996  H  HG1  . THR A 1 65 ? 0.313   18.550  0.543   1.00 39.36  ? 372 THR A HG1  1 
ATOM   997  H  HG21 . THR A 1 65 ? -0.738  15.436  1.390   1.00 52.80  ? 372 THR A HG21 1 
ATOM   998  H  HG22 . THR A 1 65 ? -2.287  15.712  1.257   1.00 52.80  ? 372 THR A HG22 1 
ATOM   999  H  HG23 . THR A 1 65 ? -1.382  15.647  -0.036  1.00 52.80  ? 372 THR A HG23 1 
ATOM   1000 N  N    . GLU A 1 66 ? -3.899  18.671  1.925   1.00 32.89  ? 373 GLU A N    1 
ATOM   1001 C  CA   . GLU A 1 66 ? -5.231  18.489  2.519   1.00 32.38  ? 373 GLU A CA   1 
ATOM   1002 C  C    . GLU A 1 66 ? -6.310  18.945  1.518   1.00 36.92  ? 373 GLU A C    1 
ATOM   1003 O  O    . GLU A 1 66 ? -7.355  18.309  1.388   1.00 40.27  ? 373 GLU A O    1 
ATOM   1004 C  CB   . GLU A 1 66 ? -5.343  19.219  3.857   1.00 37.65  ? 373 GLU A CB   1 
ATOM   1005 C  CG   . GLU A 1 66 ? -4.581  18.495  4.990   1.00 45.23  ? 373 GLU A CG   1 
ATOM   1006 C  CD   . GLU A 1 66 ? -4.159  19.397  6.157   1.00 49.00  ? 373 GLU A CD   1 
ATOM   1007 O  OE1  . GLU A 1 66 ? -4.023  20.632  5.994   1.00 50.95  ? 373 GLU A OE1  1 
ATOM   1008 O  OE2  . GLU A 1 66 ? -3.948  18.849  7.254   1.00 51.69  ? 373 GLU A OE2  1 
ATOM   1009 H  H    . GLU A 1 66 ? -3.375  19.210  2.342   1.00 39.47  ? 373 GLU A H    1 
ATOM   1010 H  HA   . GLU A 1 66 ? -5.367  17.544  2.689   1.00 38.85  ? 373 GLU A HA   1 
ATOM   1011 H  HB2  . GLU A 1 66 ? -4.969  20.110  3.764   1.00 45.18  ? 373 GLU A HB2  1 
ATOM   1012 H  HB3  . GLU A 1 66 ? -6.278  19.275  4.110   1.00 45.18  ? 373 GLU A HB3  1 
ATOM   1013 H  HG2  . GLU A 1 66 ? -5.151  17.797  5.350   1.00 54.27  ? 373 GLU A HG2  1 
ATOM   1014 H  HG3  . GLU A 1 66 ? -3.776  18.100  4.619   1.00 54.27  ? 373 GLU A HG3  1 
ATOM   1015 N  N    . GLU A 1 67 ? -6.033  19.997  0.759   1.00 37.26  ? 374 GLU A N    1 
ATOM   1016 C  CA   . GLU A 1 67 ? -6.968  20.446  -0.261  1.00 43.21  ? 374 GLU A CA   1 
ATOM   1017 C  C    . GLU A 1 67 ? -7.146  19.397  -1.349  1.00 45.23  ? 374 GLU A C    1 
ATOM   1018 O  O    . GLU A 1 67 ? -8.265  19.110  -1.749  1.00 50.58  ? 374 GLU A O    1 
ATOM   1019 C  CB   . GLU A 1 67 ? -6.501  21.757  -0.879  1.00 45.64  ? 374 GLU A CB   1 
ATOM   1020 C  CG   . GLU A 1 67 ? -7.008  22.988  -0.147  1.00 62.73  ? 374 GLU A CG   1 
ATOM   1021 C  CD   . GLU A 1 67 ? -6.294  24.243  -0.587  1.00 67.39  ? 374 GLU A CD   1 
ATOM   1022 O  OE1  . GLU A 1 67 ? -5.392  24.114  -1.435  1.00 73.30  ? 374 GLU A OE1  1 
ATOM   1023 O  OE2  . GLU A 1 67 ? -6.619  25.347  -0.092  1.00 72.52  ? 374 GLU A OE2  1 
ATOM   1024 H  H    . GLU A 1 67 ? -5.314  20.466  0.815   1.00 44.71  ? 374 GLU A H    1 
ATOM   1025 H  HA   . GLU A 1 67 ? -7.833  20.600  0.151   1.00 51.86  ? 374 GLU A HA   1 
ATOM   1026 H  HB2  . GLU A 1 67 ? -5.532  21.781  -0.866  1.00 54.77  ? 374 GLU A HB2  1 
ATOM   1027 H  HB3  . GLU A 1 67 ? -6.820  21.803  -1.794  1.00 54.77  ? 374 GLU A HB3  1 
ATOM   1028 H  HG2  . GLU A 1 67 ? -7.954  23.100  -0.330  1.00 75.28  ? 374 GLU A HG2  1 
ATOM   1029 H  HG3  . GLU A 1 67 ? -6.862  22.876  0.805   1.00 75.28  ? 374 GLU A HG3  1 
ATOM   1030 N  N    . GLY A 1 68 ? -6.045  18.815  -1.814  1.00 35.87  ? 375 GLY A N    1 
ATOM   1031 C  CA   . GLY A 1 68 ? -6.094  17.767  -2.821  1.00 45.76  ? 375 GLY A CA   1 
ATOM   1032 C  C    . GLY A 1 68 ? -6.881  16.552  -2.364  1.00 54.00  ? 375 GLY A C    1 
ATOM   1033 O  O    . GLY A 1 68 ? -7.549  15.897  -3.164  1.00 46.99  ? 375 GLY A O    1 
ATOM   1034 H  H    . GLY A 1 68 ? -5.248  19.013  -1.558  1.00 43.04  ? 375 GLY A H    1 
ATOM   1035 H  HA2  . GLY A 1 68 ? -6.506  18.114  -3.627  1.00 54.92  ? 375 GLY A HA2  1 
ATOM   1036 H  HA3  . GLY A 1 68 ? -5.191  17.483  -3.036  1.00 54.92  ? 375 GLY A HA3  1 
ATOM   1037 N  N    . LEU A 1 69 ? -6.793  16.249  -1.070  1.00 48.14  ? 376 LEU A N    1 
ATOM   1038 C  CA   . LEU A 1 69 ? -7.524  15.133  -0.483  1.00 50.14  ? 376 LEU A CA   1 
ATOM   1039 C  C    . LEU A 1 69 ? -8.983  15.532  -0.161  1.00 56.81  ? 376 LEU A C    1 
ATOM   1040 O  O    . LEU A 1 69 ? -9.800  14.680  0.178   1.00 55.25  ? 376 LEU A O    1 
ATOM   1041 C  CB   . LEU A 1 69 ? -6.806  14.644  0.786   1.00 55.42  ? 376 LEU A CB   1 
ATOM   1042 C  CG   . LEU A 1 69 ? -5.362  14.135  0.611   1.00 46.12  ? 376 LEU A CG   1 
ATOM   1043 C  CD1  . LEU A 1 69 ? -4.650  13.883  1.950   1.00 41.18  ? 376 LEU A CD1  1 
ATOM   1044 C  CD2  . LEU A 1 69 ? -5.352  12.878  -0.231  1.00 46.02  ? 376 LEU A CD2  1 
ATOM   1045 H  H    . LEU A 1 69 ? -6.311  16.682  -0.505  1.00 57.77  ? 376 LEU A H    1 
ATOM   1046 H  HA   . LEU A 1 69 ? -7.546  14.400  -1.117  1.00 60.17  ? 376 LEU A HA   1 
ATOM   1047 H  HB2  . LEU A 1 69 ? -6.776  15.379  1.420   1.00 66.50  ? 376 LEU A HB2  1 
ATOM   1048 H  HB3  . LEU A 1 69 ? -7.323  13.915  1.165   1.00 66.50  ? 376 LEU A HB3  1 
ATOM   1049 H  HG   . LEU A 1 69 ? -4.855  14.810  0.134   1.00 55.34  ? 376 LEU A HG   1 
ATOM   1050 H  HD11 . LEU A 1 69 ? -3.750  13.566  1.774   1.00 49.42  ? 376 LEU A HD11 1 
ATOM   1051 H  HD12 . LEU A 1 69 ? -4.617  14.714  2.450   1.00 49.42  ? 376 LEU A HD12 1 
ATOM   1052 H  HD13 . LEU A 1 69 ? -5.146  13.215  2.449   1.00 49.42  ? 376 LEU A HD13 1 
ATOM   1053 H  HD21 . LEU A 1 69 ? -4.437  12.572  -0.332  1.00 55.22  ? 376 LEU A HD21 1 
ATOM   1054 H  HD22 . LEU A 1 69 ? -5.881  12.196  0.211   1.00 55.22  ? 376 LEU A HD22 1 
ATOM   1055 H  HD23 . LEU A 1 69 ? -5.731  13.078  -1.102  1.00 55.22  ? 376 LEU A HD23 1 
ATOM   1056 N  N    . MET A 1 70 ? -9.285  16.823  -0.328  1.00 61.77  ? 377 MET A N    1 
ATOM   1057 C  CA   . MET A 1 70 ? -10.549 17.484  0.088   1.00 69.93  ? 377 MET A CA   1 
ATOM   1058 C  C    . MET A 1 70 ? -10.662 17.566  1.620   1.00 62.44  ? 377 MET A C    1 
ATOM   1059 O  O    . MET A 1 70 ? -10.861 18.651  2.187   1.00 63.60  ? 377 MET A O    1 
ATOM   1060 C  CB   . MET A 1 70 ? -11.808 16.790  -0.471  1.00 69.77  ? 377 MET A CB   1 
ATOM   1061 C  CG   . MET A 1 70 ? -11.696 16.005  -1.791  1.00 84.90  ? 377 MET A CG   1 
ATOM   1062 S  SD   . MET A 1 70 ? -11.086 16.891  -3.224  1.00 85.86  ? 377 MET A SD   1 
ATOM   1063 C  CE   . MET A 1 70 ? -11.225 15.586  -4.441  1.00 68.45  ? 377 MET A CE   1 
ATOM   1064 H  H    . MET A 1 70 ? -8.743  17.376  -0.704  1.00 74.12  ? 377 MET A H    1 
ATOM   1065 H  HA   . MET A 1 70 ? -10.543 18.389  -0.262  1.00 83.91  ? 377 MET A HA   1 
ATOM   1066 H  HB2  . MET A 1 70 ? -12.123 16.165  0.200   1.00 83.72  ? 377 MET A HB2  1 
ATOM   1067 H  HB3  . MET A 1 70 ? -12.485 17.472  -0.608  1.00 83.72  ? 377 MET A HB3  1 
ATOM   1068 H  HG2  . MET A 1 70 ? -11.098 15.255  -1.645  1.00 101.88 ? 377 MET A HG2  1 
ATOM   1069 H  HG3  . MET A 1 70 ? -12.578 15.671  -2.018  1.00 101.88 ? 377 MET A HG3  1 
ATOM   1070 H  HE1  . MET A 1 70 ? -10.922 15.921  -5.299  1.00 82.14  ? 377 MET A HE1  1 
ATOM   1071 H  HE2  . MET A 1 70 ? -10.673 14.837  -4.165  1.00 82.14  ? 377 MET A HE2  1 
ATOM   1072 H  HE3  . MET A 1 70 ? -12.152 15.310  -4.502  1.00 82.14  ? 377 MET A HE3  1 
HETATM 1073 C  C1   . MBT B 2 .  ? 20.402  26.687  -6.478  0.38 33.50  ? 401 MBT A C1   1 
HETATM 1074 C  C2   . MBT B 2 .  ? 21.658  26.025  -6.405  0.38 38.13  ? 401 MBT A C2   1 
HETATM 1075 S  S3   . MBT B 2 .  ? 22.373  25.852  -4.807  0.38 46.17  ? 401 MBT A S3   1 
HETATM 1076 C  C4   . MBT B 2 .  ? 21.370  26.631  -3.562  0.38 33.06  ? 401 MBT A C4   1 
HETATM 1077 C  C5   . MBT B 2 .  ? 20.149  27.223  -3.999  0.38 34.67  ? 401 MBT A C5   1 
HETATM 1078 N  N6   . MBT B 2 .  ? 19.670  27.256  -5.370  0.38 35.68  ? 401 MBT A N6   1 
HETATM 1079 C  C7   . MBT B 2 .  ? 21.765  26.650  -2.203  0.38 37.30  ? 401 MBT A C7   1 
HETATM 1080 C  C8   . MBT B 2 .  ? 20.950  27.241  -1.285  0.38 38.53  ? 401 MBT A C8   1 
HETATM 1081 C  C9   . MBT B 2 .  ? 19.776  27.813  -1.688  0.38 39.52  ? 401 MBT A C9   1 
HETATM 1082 C  C10  . MBT B 2 .  ? 19.353  27.815  -3.016  0.38 34.55  ? 401 MBT A C10  1 
HETATM 1083 C  C11  . MBT B 2 .  ? 22.302  25.497  -7.581  0.38 38.64  ? 401 MBT A C11  1 
HETATM 1084 C  C12  . MBT B 2 .  ? 21.683  25.629  -8.783  0.38 36.76  ? 401 MBT A C12  1 
HETATM 1085 C  C13  . MBT B 2 .  ? 20.461  26.279  -8.864  0.38 38.53  ? 401 MBT A C13  1 
HETATM 1086 C  C14  . MBT B 2 .  ? 19.812  26.803  -7.755  0.38 33.22  ? 401 MBT A C14  1 
HETATM 1087 N  N15  . MBT B 2 .  ? 21.374  27.271  0.122   0.38 35.61  ? 401 MBT A N15  1 
HETATM 1088 C  C16  . MBT B 2 .  ? 20.620  28.004  1.078   0.38 35.34  ? 401 MBT A C16  1 
HETATM 1089 C  C17  . MBT B 2 .  ? 22.576  26.619  0.520   0.38 38.12  ? 401 MBT A C17  1 
HETATM 1090 N  N18  . MBT B 2 .  ? 22.313  25.115  -9.952  0.38 39.73  ? 401 MBT A N18  1 
HETATM 1091 C  C19  . MBT B 2 .  ? 23.655  24.570  -9.866  0.38 35.02  ? 401 MBT A C19  1 
HETATM 1092 C  C20  . MBT B 2 .  ? 21.679  25.151  -11.182 0.38 37.49  ? 401 MBT A C20  1 
HETATM 1093 CL CL   . CL  C 3 .  ? 0.163   0.885   -2.104  0.37 38.53  ? 402 CL  A CL   1 
HETATM 1094 CL CL   . CL  D 3 .  ? 6.109   8.995   -2.990  0.29 30.38  ? 403 CL  A CL   1 
HETATM 1095 O  O    . HOH E 4 .  ? 13.882  8.675   -3.065  1.00 46.00  ? 501 HOH A O    1 
HETATM 1096 O  O    . HOH E 4 .  ? 12.410  20.400  4.651   1.00 44.37  ? 502 HOH A O    1 
HETATM 1097 O  O    . HOH E 4 .  ? 0.119   24.299  7.967   1.00 44.96  ? 503 HOH A O    1 
HETATM 1098 O  O    . HOH E 4 .  ? -8.313  -29.667 -2.253  1.00 55.30  ? 504 HOH A O    1 
HETATM 1099 O  O    . HOH E 4 .  ? 12.924  27.009  7.452   1.00 48.66  ? 505 HOH A O    1 
HETATM 1100 O  O    . HOH E 4 .  ? 14.994  25.160  6.925   1.00 48.41  ? 506 HOH A O    1 
# 
